data_1K12
# 
_entry.id   1K12 
# 
_audit_conform.dict_name       mmcif_pdbx.dic 
_audit_conform.dict_version    5.398 
_audit_conform.dict_location   http://mmcif.pdb.org/dictionaries/ascii/mmcif_pdbx.dic 
# 
loop_
_database_2.database_id 
_database_2.database_code 
_database_2.pdbx_database_accession 
_database_2.pdbx_DOI 
PDB   1K12         pdb_00001k12 10.2210/pdb1k12/pdb 
RCSB  RCSB014426   ?            ?                   
WWPDB D_1000014426 ?            ?                   
# 
loop_
_pdbx_audit_revision_history.ordinal 
_pdbx_audit_revision_history.data_content_type 
_pdbx_audit_revision_history.major_revision 
_pdbx_audit_revision_history.minor_revision 
_pdbx_audit_revision_history.revision_date 
1 'Structure model' 1 0 2002-07-31 
2 'Structure model' 1 1 2008-04-27 
3 'Structure model' 1 2 2011-07-13 
4 'Structure model' 1 3 2020-07-29 
5 'Structure model' 1 4 2024-11-13 
# 
loop_
_pdbx_audit_revision_details.ordinal 
_pdbx_audit_revision_details.revision_ordinal 
_pdbx_audit_revision_details.data_content_type 
_pdbx_audit_revision_details.provider 
_pdbx_audit_revision_details.type 
_pdbx_audit_revision_details.description 
_pdbx_audit_revision_details.details 
1 1 'Structure model' repository 'Initial release' ?                          ? 
2 4 'Structure model' repository Remediation       'Carbohydrate remediation' ? 
# 
loop_
_pdbx_audit_revision_group.ordinal 
_pdbx_audit_revision_group.revision_ordinal 
_pdbx_audit_revision_group.data_content_type 
_pdbx_audit_revision_group.group 
1 2 'Structure model' 'Version format compliance' 
2 3 'Structure model' 'Version format compliance' 
3 4 'Structure model' 'Data collection'           
4 4 'Structure model' 'Derived calculations'      
5 4 'Structure model' 'Refinement description'    
6 4 'Structure model' 'Structure summary'         
7 5 'Structure model' 'Data collection'           
8 5 'Structure model' 'Database references'       
9 5 'Structure model' 'Structure summary'         
# 
loop_
_pdbx_audit_revision_category.ordinal 
_pdbx_audit_revision_category.revision_ordinal 
_pdbx_audit_revision_category.data_content_type 
_pdbx_audit_revision_category.category 
1  4 'Structure model' chem_comp                 
2  4 'Structure model' entity                    
3  4 'Structure model' pdbx_chem_comp_identifier 
4  4 'Structure model' pdbx_entity_nonpoly       
5  4 'Structure model' pdbx_struct_conn_angle    
6  4 'Structure model' software                  
7  4 'Structure model' struct_conn               
8  4 'Structure model' struct_site               
9  4 'Structure model' struct_site_gen           
10 5 'Structure model' chem_comp                 
11 5 'Structure model' chem_comp_atom            
12 5 'Structure model' chem_comp_bond            
13 5 'Structure model' database_2                
14 5 'Structure model' pdbx_entry_details        
15 5 'Structure model' pdbx_modification_feature 
# 
loop_
_pdbx_audit_revision_item.ordinal 
_pdbx_audit_revision_item.revision_ordinal 
_pdbx_audit_revision_item.data_content_type 
_pdbx_audit_revision_item.item 
1  4 'Structure model' '_chem_comp.name'                             
2  4 'Structure model' '_chem_comp.type'                             
3  4 'Structure model' '_entity.pdbx_description'                    
4  4 'Structure model' '_pdbx_entity_nonpoly.name'                   
5  4 'Structure model' '_pdbx_struct_conn_angle.ptnr1_auth_comp_id'  
6  4 'Structure model' '_pdbx_struct_conn_angle.ptnr1_auth_seq_id'   
7  4 'Structure model' '_pdbx_struct_conn_angle.ptnr1_label_atom_id' 
8  4 'Structure model' '_pdbx_struct_conn_angle.ptnr1_label_comp_id' 
9  4 'Structure model' '_pdbx_struct_conn_angle.ptnr1_label_seq_id'  
10 4 'Structure model' '_pdbx_struct_conn_angle.ptnr3_auth_comp_id'  
11 4 'Structure model' '_pdbx_struct_conn_angle.ptnr3_auth_seq_id'   
12 4 'Structure model' '_pdbx_struct_conn_angle.ptnr3_label_atom_id' 
13 4 'Structure model' '_pdbx_struct_conn_angle.ptnr3_label_comp_id' 
14 4 'Structure model' '_pdbx_struct_conn_angle.ptnr3_label_seq_id'  
15 4 'Structure model' '_pdbx_struct_conn_angle.value'               
16 4 'Structure model' '_struct_conn.pdbx_dist_value'                
17 4 'Structure model' '_struct_conn.ptnr1_auth_comp_id'             
18 4 'Structure model' '_struct_conn.ptnr1_auth_seq_id'              
19 4 'Structure model' '_struct_conn.ptnr1_label_asym_id'            
20 4 'Structure model' '_struct_conn.ptnr1_label_atom_id'            
21 4 'Structure model' '_struct_conn.ptnr1_label_comp_id'            
22 4 'Structure model' '_struct_conn.ptnr1_label_seq_id'             
23 4 'Structure model' '_struct_conn.ptnr2_auth_comp_id'             
24 4 'Structure model' '_struct_conn.ptnr2_auth_seq_id'              
25 4 'Structure model' '_struct_conn.ptnr2_label_asym_id'            
26 4 'Structure model' '_struct_conn.ptnr2_label_atom_id'            
27 4 'Structure model' '_struct_conn.ptnr2_label_comp_id'            
28 4 'Structure model' '_struct_conn.ptnr2_label_seq_id'             
29 5 'Structure model' '_chem_comp.pdbx_synonyms'                    
30 5 'Structure model' '_database_2.pdbx_DOI'                        
31 5 'Structure model' '_database_2.pdbx_database_accession'         
# 
_pdbx_database_status.status_code                     REL 
_pdbx_database_status.entry_id                        1K12 
_pdbx_database_status.recvd_initial_deposition_date   2001-09-23 
_pdbx_database_status.deposit_site                    RCSB 
_pdbx_database_status.process_site                    RCSB 
_pdbx_database_status.status_code_sf                  REL 
_pdbx_database_status.SG_entry                        . 
_pdbx_database_status.pdb_format_compatible           Y 
_pdbx_database_status.status_code_mr                  ? 
_pdbx_database_status.status_code_cs                  ? 
_pdbx_database_status.status_code_nmr_data            ? 
_pdbx_database_status.methods_development_category    ? 
# 
loop_
_audit_author.name 
_audit_author.pdbx_ordinal 
'Bianchet, M.A.' 1 
'Odom, E.W.'     2 
'Vasta, G.R.'    3 
'Amzel, L.M.'    4 
# 
_citation.id                        primary 
_citation.title                     'A novel fucose recognition fold involved in innate immunity.' 
_citation.journal_abbrev            Nat.Struct.Biol. 
_citation.journal_volume            9 
_citation.page_first                628 
_citation.page_last                 634 
_citation.year                      2002 
_citation.journal_id_ASTM           NSBIEW 
_citation.country                   US 
_citation.journal_id_ISSN           1072-8368 
_citation.journal_id_CSD            2024 
_citation.book_publisher            ? 
_citation.pdbx_database_id_PubMed   12091873 
_citation.pdbx_database_id_DOI      ? 
# 
loop_
_citation_author.citation_id 
_citation_author.name 
_citation_author.ordinal 
_citation_author.identifier_ORCID 
primary 'Bianchet, M.A.' 1 ? 
primary 'Odom, E.W.'     2 ? 
primary 'Vasta, G.R.'    3 ? 
primary 'Amzel, L.M.'    4 ? 
# 
loop_
_entity.id 
_entity.type 
_entity.src_method 
_entity.pdbx_description 
_entity.formula_weight 
_entity.pdbx_number_of_molecules 
_entity.pdbx_ec 
_entity.pdbx_mutation 
_entity.pdbx_fragment 
_entity.details 
1 polymer     nat LECTIN               16908.643 1   ? ? ? ? 
2 non-polymer man alpha-L-fucopyranose 164.156   1   ? ? ? ? 
3 non-polymer syn 'CALCIUM ION'        40.078    1   ? ? ? ? 
4 non-polymer syn 'CHLORIDE ION'       35.453    1   ? ? ? ? 
5 water       nat water                18.015    130 ? ? ? ? 
# 
_entity_poly.entity_id                      1 
_entity_poly.type                           'polypeptide(L)' 
_entity_poly.nstd_linkage                   no 
_entity_poly.nstd_monomer                   no 
_entity_poly.pdbx_seq_one_letter_code       
;VIPEGYTQENVAVRGKATQSAQLRGEHAANSEASNAIDGNRDSNFYHGSCTHSSGQANPWWRVDLLQVYTITSVTITNRG
DCCGERISGAEINIGQHLASNGVNNPECSVIGSMATGETKTFHCPAPMIGRYVVTYLPTSESLHLCEVEVNVDKPAAA
;
_entity_poly.pdbx_seq_one_letter_code_can   
;VIPEGYTQENVAVRGKATQSAQLRGEHAANSEASNAIDGNRDSNFYHGSCTHSSGQANPWWRVDLLQVYTITSVTITNRG
DCCGERISGAEINIGQHLASNGVNNPECSVIGSMATGETKTFHCPAPMIGRYVVTYLPTSESLHLCEVEVNVDKPAAA
;
_entity_poly.pdbx_strand_id                 A 
_entity_poly.pdbx_target_identifier         ? 
# 
loop_
_pdbx_entity_nonpoly.entity_id 
_pdbx_entity_nonpoly.name 
_pdbx_entity_nonpoly.comp_id 
2 alpha-L-fucopyranose FUC 
3 'CALCIUM ION'        CA  
4 'CHLORIDE ION'       CL  
5 water                HOH 
# 
loop_
_entity_poly_seq.entity_id 
_entity_poly_seq.num 
_entity_poly_seq.mon_id 
_entity_poly_seq.hetero 
1 1   VAL n 
1 2   ILE n 
1 3   PRO n 
1 4   GLU n 
1 5   GLY n 
1 6   TYR n 
1 7   THR n 
1 8   GLN n 
1 9   GLU n 
1 10  ASN n 
1 11  VAL n 
1 12  ALA n 
1 13  VAL n 
1 14  ARG n 
1 15  GLY n 
1 16  LYS n 
1 17  ALA n 
1 18  THR n 
1 19  GLN n 
1 20  SER n 
1 21  ALA n 
1 22  GLN n 
1 23  LEU n 
1 24  ARG n 
1 25  GLY n 
1 26  GLU n 
1 27  HIS n 
1 28  ALA n 
1 29  ALA n 
1 30  ASN n 
1 31  SER n 
1 32  GLU n 
1 33  ALA n 
1 34  SER n 
1 35  ASN n 
1 36  ALA n 
1 37  ILE n 
1 38  ASP n 
1 39  GLY n 
1 40  ASN n 
1 41  ARG n 
1 42  ASP n 
1 43  SER n 
1 44  ASN n 
1 45  PHE n 
1 46  TYR n 
1 47  HIS n 
1 48  GLY n 
1 49  SER n 
1 50  CYS n 
1 51  THR n 
1 52  HIS n 
1 53  SER n 
1 54  SER n 
1 55  GLY n 
1 56  GLN n 
1 57  ALA n 
1 58  ASN n 
1 59  PRO n 
1 60  TRP n 
1 61  TRP n 
1 62  ARG n 
1 63  VAL n 
1 64  ASP n 
1 65  LEU n 
1 66  LEU n 
1 67  GLN n 
1 68  VAL n 
1 69  TYR n 
1 70  THR n 
1 71  ILE n 
1 72  THR n 
1 73  SER n 
1 74  VAL n 
1 75  THR n 
1 76  ILE n 
1 77  THR n 
1 78  ASN n 
1 79  ARG n 
1 80  GLY n 
1 81  ASP n 
1 82  CYS n 
1 83  CYS n 
1 84  GLY n 
1 85  GLU n 
1 86  ARG n 
1 87  ILE n 
1 88  SER n 
1 89  GLY n 
1 90  ALA n 
1 91  GLU n 
1 92  ILE n 
1 93  ASN n 
1 94  ILE n 
1 95  GLY n 
1 96  GLN n 
1 97  HIS n 
1 98  LEU n 
1 99  ALA n 
1 100 SER n 
1 101 ASN n 
1 102 GLY n 
1 103 VAL n 
1 104 ASN n 
1 105 ASN n 
1 106 PRO n 
1 107 GLU n 
1 108 CYS n 
1 109 SER n 
1 110 VAL n 
1 111 ILE n 
1 112 GLY n 
1 113 SER n 
1 114 MET n 
1 115 ALA n 
1 116 THR n 
1 117 GLY n 
1 118 GLU n 
1 119 THR n 
1 120 LYS n 
1 121 THR n 
1 122 PHE n 
1 123 HIS n 
1 124 CYS n 
1 125 PRO n 
1 126 ALA n 
1 127 PRO n 
1 128 MET n 
1 129 ILE n 
1 130 GLY n 
1 131 ARG n 
1 132 TYR n 
1 133 VAL n 
1 134 VAL n 
1 135 THR n 
1 136 TYR n 
1 137 LEU n 
1 138 PRO n 
1 139 THR n 
1 140 SER n 
1 141 GLU n 
1 142 SER n 
1 143 LEU n 
1 144 HIS n 
1 145 LEU n 
1 146 CYS n 
1 147 GLU n 
1 148 VAL n 
1 149 GLU n 
1 150 VAL n 
1 151 ASN n 
1 152 VAL n 
1 153 ASP n 
1 154 LYS n 
1 155 PRO n 
1 156 ALA n 
1 157 ALA n 
1 158 ALA n 
# 
_entity_src_nat.entity_id                  1 
_entity_src_nat.pdbx_src_id                1 
_entity_src_nat.pdbx_alt_source_flag       sample 
_entity_src_nat.pdbx_beg_seq_num           ? 
_entity_src_nat.pdbx_end_seq_num           ? 
_entity_src_nat.common_name                'European eel' 
_entity_src_nat.pdbx_organism_scientific   'Anguilla anguilla' 
_entity_src_nat.pdbx_ncbi_taxonomy_id      7936 
_entity_src_nat.genus                      Anguilla 
_entity_src_nat.species                    ? 
_entity_src_nat.strain                     ? 
_entity_src_nat.tissue                     ? 
_entity_src_nat.tissue_fraction            ? 
_entity_src_nat.pdbx_secretion             ? 
_entity_src_nat.pdbx_fragment              ? 
_entity_src_nat.pdbx_variant               ? 
_entity_src_nat.pdbx_cell_line             ? 
_entity_src_nat.pdbx_atcc                  ? 
_entity_src_nat.pdbx_cellular_location     ? 
_entity_src_nat.pdbx_organ                 ? 
_entity_src_nat.pdbx_organelle             ? 
_entity_src_nat.pdbx_cell                  ? 
_entity_src_nat.pdbx_plasmid_name          ? 
_entity_src_nat.pdbx_plasmid_details       ? 
_entity_src_nat.details                    ? 
# 
loop_
_chem_comp.id 
_chem_comp.type 
_chem_comp.mon_nstd_flag 
_chem_comp.name 
_chem_comp.pdbx_synonyms 
_chem_comp.formula 
_chem_comp.formula_weight 
ALA 'L-peptide linking'           y ALANINE              ?                                                                   
'C3 H7 N O2'     89.093  
ARG 'L-peptide linking'           y ARGININE             ?                                                                   
'C6 H15 N4 O2 1' 175.209 
ASN 'L-peptide linking'           y ASPARAGINE           ?                                                                   
'C4 H8 N2 O3'    132.118 
ASP 'L-peptide linking'           y 'ASPARTIC ACID'      ?                                                                   
'C4 H7 N O4'     133.103 
CA  non-polymer                   . 'CALCIUM ION'        ?                                                                   
'Ca 2'           40.078  
CL  non-polymer                   . 'CHLORIDE ION'       ?                                                                   
'Cl -1'          35.453  
CYS 'L-peptide linking'           y CYSTEINE             ?                                                                   
'C3 H7 N O2 S'   121.158 
FUC 'L-saccharide, alpha linking' . alpha-L-fucopyranose 'alpha-L-fucose; 6-deoxy-alpha-L-galactopyranose; L-fucose; fucose' 
'C6 H12 O5'      164.156 
GLN 'L-peptide linking'           y GLUTAMINE            ?                                                                   
'C5 H10 N2 O3'   146.144 
GLU 'L-peptide linking'           y 'GLUTAMIC ACID'      ?                                                                   
'C5 H9 N O4'     147.129 
GLY 'peptide linking'             y GLYCINE              ?                                                                   
'C2 H5 N O2'     75.067  
HIS 'L-peptide linking'           y HISTIDINE            ?                                                                   
'C6 H10 N3 O2 1' 156.162 
HOH non-polymer                   . WATER                ?                                                                   
'H2 O'           18.015  
ILE 'L-peptide linking'           y ISOLEUCINE           ?                                                                   
'C6 H13 N O2'    131.173 
LEU 'L-peptide linking'           y LEUCINE              ?                                                                   
'C6 H13 N O2'    131.173 
LYS 'L-peptide linking'           y LYSINE               ?                                                                   
'C6 H15 N2 O2 1' 147.195 
MET 'L-peptide linking'           y METHIONINE           ?                                                                   
'C5 H11 N O2 S'  149.211 
PHE 'L-peptide linking'           y PHENYLALANINE        ?                                                                   
'C9 H11 N O2'    165.189 
PRO 'L-peptide linking'           y PROLINE              ?                                                                   
'C5 H9 N O2'     115.130 
SER 'L-peptide linking'           y SERINE               ?                                                                   
'C3 H7 N O3'     105.093 
THR 'L-peptide linking'           y THREONINE            ?                                                                   
'C4 H9 N O3'     119.119 
TRP 'L-peptide linking'           y TRYPTOPHAN           ?                                                                   
'C11 H12 N2 O2'  204.225 
TYR 'L-peptide linking'           y TYROSINE             ?                                                                   
'C9 H11 N O3'    181.189 
VAL 'L-peptide linking'           y VALINE               ?                                                                   
'C5 H11 N O2'    117.146 
# 
loop_
_pdbx_chem_comp_identifier.comp_id 
_pdbx_chem_comp_identifier.type 
_pdbx_chem_comp_identifier.program 
_pdbx_chem_comp_identifier.program_version 
_pdbx_chem_comp_identifier.identifier 
FUC 'CONDENSED IUPAC CARBOHYDRATE SYMBOL' GMML     1.0 LFucpa           
FUC 'COMMON NAME'                         GMML     1.0 a-L-fucopyranose 
FUC 'IUPAC CARBOHYDRATE SYMBOL'           PDB-CARE 1.0 a-L-Fucp         
FUC 'SNFG CARBOHYDRATE SYMBOL'            GMML     1.0 Fuc              
# 
loop_
_pdbx_poly_seq_scheme.asym_id 
_pdbx_poly_seq_scheme.entity_id 
_pdbx_poly_seq_scheme.seq_id 
_pdbx_poly_seq_scheme.mon_id 
_pdbx_poly_seq_scheme.ndb_seq_num 
_pdbx_poly_seq_scheme.pdb_seq_num 
_pdbx_poly_seq_scheme.auth_seq_num 
_pdbx_poly_seq_scheme.pdb_mon_id 
_pdbx_poly_seq_scheme.auth_mon_id 
_pdbx_poly_seq_scheme.pdb_strand_id 
_pdbx_poly_seq_scheme.pdb_ins_code 
_pdbx_poly_seq_scheme.hetero 
A 1 1   VAL 1   1   1   VAL VAL A . n 
A 1 2   ILE 2   2   2   ILE ILE A . n 
A 1 3   PRO 3   3   3   PRO PRO A . n 
A 1 4   GLU 4   4   4   GLU GLU A . n 
A 1 5   GLY 5   5   5   GLY GLY A . n 
A 1 6   TYR 6   6   6   TYR TYR A . n 
A 1 7   THR 7   7   7   THR THR A . n 
A 1 8   GLN 8   8   8   GLN GLN A . n 
A 1 9   GLU 9   9   9   GLU GLU A . n 
A 1 10  ASN 10  10  10  ASN ASN A . n 
A 1 11  VAL 11  11  11  VAL VAL A . n 
A 1 12  ALA 12  12  12  ALA ALA A . n 
A 1 13  VAL 13  13  13  VAL VAL A . n 
A 1 14  ARG 14  14  14  ARG ARG A . n 
A 1 15  GLY 15  15  15  GLY GLY A . n 
A 1 16  LYS 16  16  16  LYS LYS A . n 
A 1 17  ALA 17  17  17  ALA ALA A . n 
A 1 18  THR 18  18  18  THR THR A . n 
A 1 19  GLN 19  19  19  GLN GLN A . n 
A 1 20  SER 20  20  20  SER SER A . n 
A 1 21  ALA 21  21  21  ALA ALA A . n 
A 1 22  GLN 22  22  22  GLN GLN A . n 
A 1 23  LEU 23  23  23  LEU LEU A . n 
A 1 24  ARG 24  24  24  ARG ARG A . n 
A 1 25  GLY 25  25  25  GLY GLY A . n 
A 1 26  GLU 26  26  26  GLU GLU A . n 
A 1 27  HIS 27  27  27  HIS HIS A . n 
A 1 28  ALA 28  28  28  ALA ALA A . n 
A 1 29  ALA 29  29  29  ALA ALA A . n 
A 1 30  ASN 30  30  30  ASN ASN A . n 
A 1 31  SER 31  31  31  SER SER A . n 
A 1 32  GLU 32  32  32  GLU GLU A . n 
A 1 33  ALA 33  33  33  ALA ALA A . n 
A 1 34  SER 34  34  34  SER SER A . n 
A 1 35  ASN 35  35  35  ASN ASN A . n 
A 1 36  ALA 36  36  36  ALA ALA A . n 
A 1 37  ILE 37  37  37  ILE ILE A . n 
A 1 38  ASP 38  38  38  ASP ASP A . n 
A 1 39  GLY 39  39  39  GLY GLY A . n 
A 1 40  ASN 40  40  40  ASN ASN A . n 
A 1 41  ARG 41  41  41  ARG ARG A . n 
A 1 42  ASP 42  42  42  ASP ASP A . n 
A 1 43  SER 43  43  43  SER SER A . n 
A 1 44  ASN 44  44  44  ASN ASN A . n 
A 1 45  PHE 45  45  45  PHE PHE A . n 
A 1 46  TYR 46  46  46  TYR TYR A . n 
A 1 47  HIS 47  47  47  HIS HIS A . n 
A 1 48  GLY 48  48  48  GLY GLY A . n 
A 1 49  SER 49  49  49  SER SER A . n 
A 1 50  CYS 50  50  50  CYS CYS A . n 
A 1 51  THR 51  51  51  THR THR A . n 
A 1 52  HIS 52  52  52  HIS HIS A . n 
A 1 53  SER 53  53  53  SER SER A . n 
A 1 54  SER 54  54  54  SER SER A . n 
A 1 55  GLY 55  55  55  GLY GLY A . n 
A 1 56  GLN 56  56  56  GLN GLN A . n 
A 1 57  ALA 57  57  57  ALA ALA A . n 
A 1 58  ASN 58  58  58  ASN ASN A . n 
A 1 59  PRO 59  59  59  PRO PRO A . n 
A 1 60  TRP 60  60  60  TRP TRP A . n 
A 1 61  TRP 61  61  61  TRP TRP A . n 
A 1 62  ARG 62  62  62  ARG ARG A . n 
A 1 63  VAL 63  63  63  VAL VAL A . n 
A 1 64  ASP 64  64  64  ASP ASP A . n 
A 1 65  LEU 65  65  65  LEU LEU A . n 
A 1 66  LEU 66  66  66  LEU LEU A . n 
A 1 67  GLN 67  67  67  GLN GLN A . n 
A 1 68  VAL 68  68  68  VAL VAL A . n 
A 1 69  TYR 69  69  69  TYR TYR A . n 
A 1 70  THR 70  70  70  THR THR A . n 
A 1 71  ILE 71  71  71  ILE ILE A . n 
A 1 72  THR 72  72  72  THR THR A . n 
A 1 73  SER 73  73  73  SER SER A . n 
A 1 74  VAL 74  74  74  VAL VAL A . n 
A 1 75  THR 75  75  75  THR THR A . n 
A 1 76  ILE 76  76  76  ILE ILE A . n 
A 1 77  THR 77  77  77  THR THR A . n 
A 1 78  ASN 78  78  78  ASN ASN A . n 
A 1 79  ARG 79  79  79  ARG ARG A . n 
A 1 80  GLY 80  80  80  GLY GLY A . n 
A 1 81  ASP 81  81  81  ASP ASP A . n 
A 1 82  CYS 82  82  82  CYS CYS A . n 
A 1 83  CYS 83  83  83  CYS CYS A . n 
A 1 84  GLY 84  84  84  GLY GLY A . n 
A 1 85  GLU 85  85  85  GLU GLU A . n 
A 1 86  ARG 86  86  86  ARG ARG A . n 
A 1 87  ILE 87  87  87  ILE ILE A . n 
A 1 88  SER 88  88  88  SER SER A . n 
A 1 89  GLY 89  89  89  GLY GLY A . n 
A 1 90  ALA 90  90  90  ALA ALA A . n 
A 1 91  GLU 91  91  91  GLU GLU A . n 
A 1 92  ILE 92  92  92  ILE ILE A . n 
A 1 93  ASN 93  93  93  ASN ASN A . n 
A 1 94  ILE 94  94  94  ILE ILE A . n 
A 1 95  GLY 95  95  95  GLY GLY A . n 
A 1 96  GLN 96  96  96  GLN GLN A . n 
A 1 97  HIS 97  97  97  HIS HIS A . n 
A 1 98  LEU 98  98  98  LEU LEU A . n 
A 1 99  ALA 99  99  99  ALA ALA A . n 
A 1 100 SER 100 100 100 SER SER A . n 
A 1 101 ASN 101 101 101 ASN ASN A . n 
A 1 102 GLY 102 102 102 GLY GLY A . n 
A 1 103 VAL 103 103 103 VAL VAL A . n 
A 1 104 ASN 104 104 104 ASN ASN A . n 
A 1 105 ASN 105 105 105 ASN ASN A . n 
A 1 106 PRO 106 106 106 PRO PRO A . n 
A 1 107 GLU 107 107 107 GLU GLU A . n 
A 1 108 CYS 108 108 108 CYS CYS A . n 
A 1 109 SER 109 109 109 SER SER A . n 
A 1 110 VAL 110 110 110 VAL VAL A . n 
A 1 111 ILE 111 111 111 ILE ILE A . n 
A 1 112 GLY 112 112 112 GLY GLY A . n 
A 1 113 SER 113 113 113 SER SER A . n 
A 1 114 MET 114 114 114 MET MET A . n 
A 1 115 ALA 115 115 115 ALA ALA A . n 
A 1 116 THR 116 116 116 THR THR A . n 
A 1 117 GLY 117 117 117 GLY GLY A . n 
A 1 118 GLU 118 118 118 GLU GLU A . n 
A 1 119 THR 119 119 119 THR THR A . n 
A 1 120 LYS 120 120 120 LYS LYS A . n 
A 1 121 THR 121 121 121 THR THR A . n 
A 1 122 PHE 122 122 122 PHE PHE A . n 
A 1 123 HIS 123 123 123 HIS HIS A . n 
A 1 124 CYS 124 124 124 CYS CYS A . n 
A 1 125 PRO 125 125 125 PRO PRO A . n 
A 1 126 ALA 126 126 126 ALA ALA A . n 
A 1 127 PRO 127 127 127 PRO PRO A . n 
A 1 128 MET 128 128 128 MET MET A . n 
A 1 129 ILE 129 129 129 ILE ILE A . n 
A 1 130 GLY 130 130 130 GLY GLY A . n 
A 1 131 ARG 131 131 131 ARG ARG A . n 
A 1 132 TYR 132 132 132 TYR TYR A . n 
A 1 133 VAL 133 133 133 VAL VAL A . n 
A 1 134 VAL 134 134 134 VAL VAL A . n 
A 1 135 THR 135 135 135 THR THR A . n 
A 1 136 TYR 136 136 136 TYR TYR A . n 
A 1 137 LEU 137 137 137 LEU LEU A . n 
A 1 138 PRO 138 138 138 PRO PRO A . n 
A 1 139 THR 139 139 139 THR THR A . n 
A 1 140 SER 140 140 140 SER SER A . n 
A 1 141 GLU 141 141 141 GLU GLU A . n 
A 1 142 SER 142 142 142 SER SER A . n 
A 1 143 LEU 143 143 143 LEU LEU A . n 
A 1 144 HIS 144 144 144 HIS HIS A . n 
A 1 145 LEU 145 145 145 LEU LEU A . n 
A 1 146 CYS 146 146 146 CYS CYS A . n 
A 1 147 GLU 147 147 147 GLU GLU A . n 
A 1 148 VAL 148 148 148 VAL VAL A . n 
A 1 149 GLU 149 149 149 GLU GLU A . n 
A 1 150 VAL 150 150 150 VAL VAL A . n 
A 1 151 ASN 151 151 151 ASN ASN A . n 
A 1 152 VAL 152 152 152 VAL VAL A . n 
A 1 153 ASP 153 153 153 ASP ASP A . n 
A 1 154 LYS 154 154 154 LYS LYS A . n 
A 1 155 PRO 155 155 155 PRO PRO A . n 
A 1 156 ALA 156 156 156 ALA ALA A . n 
A 1 157 ALA 157 157 157 ALA ALA A . n 
A 1 158 ALA 158 158 158 ALA ALA A . n 
# 
loop_
_pdbx_nonpoly_scheme.asym_id 
_pdbx_nonpoly_scheme.entity_id 
_pdbx_nonpoly_scheme.mon_id 
_pdbx_nonpoly_scheme.ndb_seq_num 
_pdbx_nonpoly_scheme.pdb_seq_num 
_pdbx_nonpoly_scheme.auth_seq_num 
_pdbx_nonpoly_scheme.pdb_mon_id 
_pdbx_nonpoly_scheme.auth_mon_id 
_pdbx_nonpoly_scheme.pdb_strand_id 
_pdbx_nonpoly_scheme.pdb_ins_code 
B 2 FUC 1   159 159 FUC FUC A . 
C 3 CA  1   160 160 CA  CA2 A . 
D 4 CL  1   301 1   CL  CL1 A . 
E 5 HOH 1   161 161 HOH HOH A . 
E 5 HOH 2   162 162 HOH HOH A . 
E 5 HOH 3   163 163 HOH HOH A . 
E 5 HOH 4   164 164 HOH HOH A . 
E 5 HOH 5   165 165 HOH HOH A . 
E 5 HOH 6   166 166 HOH HOH A . 
E 5 HOH 7   167 167 HOH HOH A . 
E 5 HOH 8   168 168 HOH HOH A . 
E 5 HOH 9   169 169 HOH HOH A . 
E 5 HOH 10  170 170 HOH HOH A . 
E 5 HOH 11  171 171 HOH HOH A . 
E 5 HOH 12  172 172 HOH HOH A . 
E 5 HOH 13  173 173 HOH HOH A . 
E 5 HOH 14  174 174 HOH HOH A . 
E 5 HOH 15  175 175 HOH HOH A . 
E 5 HOH 16  176 176 HOH HOH A . 
E 5 HOH 17  177 177 HOH HOH A . 
E 5 HOH 18  178 178 HOH HOH A . 
E 5 HOH 19  179 179 HOH HOH A . 
E 5 HOH 20  180 180 HOH HOH A . 
E 5 HOH 21  181 181 HOH HOH A . 
E 5 HOH 22  182 182 HOH HOH A . 
E 5 HOH 23  183 183 HOH HOH A . 
E 5 HOH 24  184 184 HOH HOH A . 
E 5 HOH 25  185 185 HOH HOH A . 
E 5 HOH 26  186 186 HOH HOH A . 
E 5 HOH 27  187 187 HOH HOH A . 
E 5 HOH 28  188 188 HOH HOH A . 
E 5 HOH 29  189 189 HOH HOH A . 
E 5 HOH 30  190 190 HOH HOH A . 
E 5 HOH 31  191 191 HOH HOH A . 
E 5 HOH 32  192 192 HOH HOH A . 
E 5 HOH 33  193 193 HOH HOH A . 
E 5 HOH 34  194 194 HOH HOH A . 
E 5 HOH 35  195 195 HOH HOH A . 
E 5 HOH 36  196 196 HOH HOH A . 
E 5 HOH 37  197 197 HOH HOH A . 
E 5 HOH 38  198 198 HOH HOH A . 
E 5 HOH 39  199 199 HOH HOH A . 
E 5 HOH 40  200 200 HOH HOH A . 
E 5 HOH 41  201 201 HOH HOH A . 
E 5 HOH 42  202 202 HOH HOH A . 
E 5 HOH 43  203 203 HOH HOH A . 
E 5 HOH 44  204 204 HOH HOH A . 
E 5 HOH 45  205 205 HOH HOH A . 
E 5 HOH 46  206 206 HOH HOH A . 
E 5 HOH 47  207 207 HOH HOH A . 
E 5 HOH 48  208 208 HOH HOH A . 
E 5 HOH 49  209 209 HOH HOH A . 
E 5 HOH 50  210 210 HOH HOH A . 
E 5 HOH 51  211 211 HOH HOH A . 
E 5 HOH 52  212 212 HOH HOH A . 
E 5 HOH 53  213 213 HOH HOH A . 
E 5 HOH 54  214 214 HOH HOH A . 
E 5 HOH 55  215 215 HOH HOH A . 
E 5 HOH 56  216 216 HOH HOH A . 
E 5 HOH 57  217 217 HOH HOH A . 
E 5 HOH 58  218 218 HOH HOH A . 
E 5 HOH 59  219 219 HOH HOH A . 
E 5 HOH 60  220 220 HOH HOH A . 
E 5 HOH 61  221 221 HOH HOH A . 
E 5 HOH 62  222 222 HOH HOH A . 
E 5 HOH 63  223 223 HOH HOH A . 
E 5 HOH 64  224 224 HOH HOH A . 
E 5 HOH 65  225 225 HOH HOH A . 
E 5 HOH 66  226 226 HOH HOH A . 
E 5 HOH 67  227 227 HOH HOH A . 
E 5 HOH 68  228 228 HOH HOH A . 
E 5 HOH 69  229 229 HOH HOH A . 
E 5 HOH 70  230 230 HOH HOH A . 
E 5 HOH 71  231 231 HOH HOH A . 
E 5 HOH 72  232 232 HOH HOH A . 
E 5 HOH 73  233 233 HOH HOH A . 
E 5 HOH 74  234 234 HOH HOH A . 
E 5 HOH 75  235 235 HOH HOH A . 
E 5 HOH 76  236 236 HOH HOH A . 
E 5 HOH 77  237 237 HOH HOH A . 
E 5 HOH 78  238 238 HOH HOH A . 
E 5 HOH 79  239 239 HOH HOH A . 
E 5 HOH 80  240 240 HOH HOH A . 
E 5 HOH 81  241 241 HOH HOH A . 
E 5 HOH 82  242 242 HOH HOH A . 
E 5 HOH 83  243 243 HOH HOH A . 
E 5 HOH 84  244 244 HOH HOH A . 
E 5 HOH 85  245 245 HOH HOH A . 
E 5 HOH 86  246 246 HOH HOH A . 
E 5 HOH 87  247 247 HOH HOH A . 
E 5 HOH 88  248 248 HOH HOH A . 
E 5 HOH 89  249 249 HOH HOH A . 
E 5 HOH 90  250 250 HOH HOH A . 
E 5 HOH 91  251 251 HOH HOH A . 
E 5 HOH 92  252 252 HOH HOH A . 
E 5 HOH 93  253 253 HOH HOH A . 
E 5 HOH 94  254 254 HOH HOH A . 
E 5 HOH 95  255 255 HOH HOH A . 
E 5 HOH 96  256 256 HOH HOH A . 
E 5 HOH 97  257 257 HOH HOH A . 
E 5 HOH 98  258 258 HOH HOH A . 
E 5 HOH 99  260 260 HOH HOH A . 
E 5 HOH 100 261 261 HOH HOH A . 
E 5 HOH 101 262 262 HOH HOH A . 
E 5 HOH 102 264 264 HOH HOH A . 
E 5 HOH 103 265 265 HOH HOH A . 
E 5 HOH 104 266 266 HOH HOH A . 
E 5 HOH 105 267 267 HOH HOH A . 
E 5 HOH 106 268 268 HOH HOH A . 
E 5 HOH 107 269 269 HOH HOH A . 
E 5 HOH 108 270 270 HOH HOH A . 
E 5 HOH 109 271 271 HOH HOH A . 
E 5 HOH 110 272 272 HOH HOH A . 
E 5 HOH 111 273 273 HOH HOH A . 
E 5 HOH 112 274 274 HOH HOH A . 
E 5 HOH 113 275 275 HOH HOH A . 
E 5 HOH 114 276 276 HOH HOH A . 
E 5 HOH 115 277 277 HOH HOH A . 
E 5 HOH 116 278 278 HOH HOH A . 
E 5 HOH 117 279 279 HOH HOH A . 
E 5 HOH 118 280 280 HOH HOH A . 
E 5 HOH 119 281 281 HOH HOH A . 
E 5 HOH 120 282 282 HOH HOH A . 
E 5 HOH 121 283 283 HOH HOH A . 
E 5 HOH 122 285 285 HOH HOH A . 
E 5 HOH 123 286 286 HOH HOH A . 
E 5 HOH 124 287 287 HOH HOH A . 
E 5 HOH 125 288 288 HOH HOH A . 
E 5 HOH 126 289 289 HOH HOH A . 
E 5 HOH 127 290 290 HOH HOH A . 
E 5 HOH 128 292 292 HOH HOH A . 
E 5 HOH 129 293 293 HOH HOH A . 
E 5 HOH 130 294 294 HOH HOH A . 
# 
loop_
_software.name 
_software.classification 
_software.version 
_software.citation_id 
_software.pdbx_ordinal 
CrystalClear 'data collection' .              ? 1 
CrystalClear 'data reduction'  .              ? 2 
MLPHARE      phasing           .              ? 3 
DM           'model building'  .              ? 4 
CNS          refinement        1.1            ? 5 
CrystalClear 'data scaling'    '(MSC/RIGAKU)' ? 6 
DM           phasing           .              ? 7 
# 
_cell.entry_id           1K12 
_cell.length_a           65.540 
_cell.length_b           65.540 
_cell.length_c           245.136 
_cell.angle_alpha        90.00 
_cell.angle_beta         90.00 
_cell.angle_gamma        120.00 
_cell.Z_PDB              18 
_cell.pdbx_unique_axis   ? 
# 
_symmetry.entry_id                         1K12 
_symmetry.space_group_name_H-M             'H 3 2' 
_symmetry.pdbx_full_space_group_name_H-M   ? 
_symmetry.cell_setting                     ? 
_symmetry.Int_Tables_number                155 
# 
_exptl.entry_id          1K12 
_exptl.method            'X-RAY DIFFRACTION' 
_exptl.crystals_number   1 
# 
_exptl_crystal.id                    1 
_exptl_crystal.density_meas          ? 
_exptl_crystal.density_Matthews      2.99 
_exptl_crystal.density_percent_sol   58.93 
_exptl_crystal.description           ? 
# 
_exptl_crystal_grow.crystal_id      1 
_exptl_crystal_grow.method          'VAPOR DIFFUSION, HANGING DROP' 
_exptl_crystal_grow.temp            293.15 
_exptl_crystal_grow.temp_details    ? 
_exptl_crystal_grow.pH              7.5 
_exptl_crystal_grow.pdbx_details    
'MPD 40-50%, 5mM Fucose 19 mM Na Cl and 10 mM Tris HCl pH 7.5, VAPOR DIFFUSION, HANGING DROP, temperature 293.15K' 
_exptl_crystal_grow.pdbx_pH_range   ? 
# 
_diffrn.id                     1 
_diffrn.ambient_temp           100 
_diffrn.ambient_temp_details   ? 
_diffrn.crystal_id             1 
# 
_diffrn_detector.diffrn_id              1 
_diffrn_detector.detector               'IMAGE PLATE' 
_diffrn_detector.type                   'RIGAKU RAXIS IV' 
_diffrn_detector.pdbx_collection_date   2001-06-01 
_diffrn_detector.details                'Osmic mirrors' 
# 
_diffrn_radiation.diffrn_id                        1 
_diffrn_radiation.wavelength_id                    1 
_diffrn_radiation.pdbx_monochromatic_or_laue_m_l   M 
_diffrn_radiation.monochromator                    mirrors 
_diffrn_radiation.pdbx_diffrn_protocol             'SINGLE WAVELENGTH' 
_diffrn_radiation.pdbx_scattering_type             x-ray 
# 
_diffrn_radiation_wavelength.id           1 
_diffrn_radiation_wavelength.wavelength   1.5418 
_diffrn_radiation_wavelength.wt           1.0 
# 
_diffrn_source.diffrn_id                   1 
_diffrn_source.source                      'ROTATING ANODE' 
_diffrn_source.type                        'RIGAKU RU300' 
_diffrn_source.pdbx_synchrotron_site       ? 
_diffrn_source.pdbx_synchrotron_beamline   ? 
_diffrn_source.pdbx_wavelength             ? 
_diffrn_source.pdbx_wavelength_list        1.5418 
# 
_reflns.entry_id                     1K12 
_reflns.observed_criterion_sigma_I   -3.0 
_reflns.observed_criterion_sigma_F   0.0 
_reflns.d_resolution_low             30.41 
_reflns.d_resolution_high            1.9 
_reflns.number_obs                   16454 
_reflns.number_all                   16454 
_reflns.percent_possible_obs         99.8 
_reflns.pdbx_Rmerge_I_obs            0.056 
_reflns.pdbx_Rsym_value              0.056 
_reflns.pdbx_netI_over_sigmaI        8.4 
_reflns.B_iso_Wilson_estimate        23.5 
_reflns.pdbx_redundancy              9.71 
_reflns.R_free_details               ? 
_reflns.limit_h_max                  ? 
_reflns.limit_h_min                  ? 
_reflns.limit_k_max                  ? 
_reflns.limit_k_min                  ? 
_reflns.limit_l_max                  ? 
_reflns.limit_l_min                  ? 
_reflns.observed_criterion_F_max     ? 
_reflns.observed_criterion_F_min     ? 
_reflns.pdbx_diffrn_id               1 
_reflns.pdbx_ordinal                 1 
# 
_reflns_shell.d_res_high             1.9 
_reflns_shell.d_res_low              1.97 
_reflns_shell.percent_possible_all   99.8 
_reflns_shell.Rmerge_I_obs           0.237 
_reflns_shell.pdbx_Rsym_value        0.237 
_reflns_shell.meanI_over_sigI_obs    2.4 
_reflns_shell.pdbx_redundancy        5.73 
_reflns_shell.percent_possible_obs   ? 
_reflns_shell.number_unique_all      16493 
_reflns_shell.pdbx_diffrn_id         ? 
_reflns_shell.pdbx_ordinal           1 
# 
_refine.entry_id                                 1K12 
_refine.ls_number_reflns_obs                     16454 
_refine.ls_number_reflns_all                     16454 
_refine.pdbx_ls_sigma_I                          ? 
_refine.pdbx_ls_sigma_F                          0.0 
_refine.pdbx_data_cutoff_high_absF               2178865.51 
_refine.pdbx_data_cutoff_low_absF                0.000000 
_refine.ls_d_res_low                             30.42 
_refine.ls_d_res_high                            1.90 
_refine.ls_percent_reflns_obs                    99.6 
_refine.ls_R_factor_obs                          0.19 
_refine.ls_R_factor_all                          0.1931 
_refine.ls_R_factor_R_work                       0.19 
_refine.ls_R_factor_R_free                       0.239 
_refine.ls_R_factor_R_free_error                 0.006 
_refine.ls_R_factor_R_free_error_details         ? 
_refine.ls_percent_reflns_R_free                 10.0 
_refine.ls_number_reflns_R_free                  1647 
_refine.ls_number_parameters                     ? 
_refine.ls_number_restraints                     ? 
_refine.occupancy_min                            ? 
_refine.occupancy_max                            ? 
_refine.B_iso_mean                               29.9 
_refine.aniso_B[1][1]                            5.47 
_refine.aniso_B[2][2]                            5.47 
_refine.aniso_B[3][3]                            -10.95 
_refine.aniso_B[1][2]                            3.77 
_refine.aniso_B[1][3]                            0.00 
_refine.aniso_B[2][3]                            0.00 
_refine.solvent_model_details                    'FLAT MODEL' 
_refine.solvent_model_param_ksol                 0.329298 
_refine.solvent_model_param_bsol                 53.34 
_refine.pdbx_ls_cross_valid_method               THROUGHOUT 
_refine.details                                  ? 
_refine.pdbx_starting_model                      ? 
_refine.pdbx_method_to_determine_struct          SIRAS 
_refine.pdbx_isotropic_thermal_model             RESTRAINED 
_refine.pdbx_stereochemistry_target_values       'Engh & Huber' 
_refine.pdbx_stereochem_target_val_spec_case     ? 
_refine.pdbx_R_Free_selection_details            RANDOM 
_refine.pdbx_overall_ESU_R_Free                  ? 
_refine.overall_SU_B                             ? 
_refine.ls_redundancy_reflns_obs                 ? 
_refine.B_iso_min                                ? 
_refine.B_iso_max                                ? 
_refine.correlation_coeff_Fo_to_Fc               ? 
_refine.overall_SU_R_Cruickshank_DPI             ? 
_refine.overall_SU_R_free                        ? 
_refine.overall_SU_ML                            ? 
_refine.pdbx_overall_ESU_R                       ? 
_refine.pdbx_data_cutoff_high_rms_absF           ? 
_refine.correlation_coeff_Fo_to_Fc_free          ? 
_refine.pdbx_solvent_vdw_probe_radii             ? 
_refine.pdbx_solvent_ion_probe_radii             ? 
_refine.pdbx_solvent_shrinkage_radii             ? 
_refine.pdbx_refine_id                           'X-RAY DIFFRACTION' 
_refine.pdbx_diffrn_id                           1 
_refine.pdbx_TLS_residual_ADP_flag               ? 
_refine.pdbx_overall_phase_error                 ? 
_refine.pdbx_overall_SU_R_free_Cruickshank_DPI   ? 
_refine.pdbx_overall_SU_R_Blow_DPI               ? 
_refine.pdbx_overall_SU_R_free_Blow_DPI          ? 
# 
_refine_analyze.entry_id                        1K12 
_refine_analyze.Luzzati_coordinate_error_obs    0.23 
_refine_analyze.Luzzati_sigma_a_obs             0.25 
_refine_analyze.Luzzati_d_res_low_obs           5.00 
_refine_analyze.Luzzati_coordinate_error_free   0.28 
_refine_analyze.Luzzati_sigma_a_free            0.23 
_refine_analyze.Luzzati_d_res_low_free          ? 
_refine_analyze.number_disordered_residues      ? 
_refine_analyze.occupancy_sum_hydrogen          ? 
_refine_analyze.occupancy_sum_non_hydrogen      ? 
_refine_analyze.pdbx_Luzzati_d_res_high_obs     ? 
_refine_analyze.pdbx_refine_id                  'X-RAY DIFFRACTION' 
# 
_refine_hist.pdbx_refine_id                   'X-RAY DIFFRACTION' 
_refine_hist.cycle_id                         LAST 
_refine_hist.pdbx_number_atoms_protein        1182 
_refine_hist.pdbx_number_atoms_nucleic_acid   0 
_refine_hist.pdbx_number_atoms_ligand         13 
_refine_hist.number_atoms_solvent             130 
_refine_hist.number_atoms_total               1325 
_refine_hist.d_res_high                       1.90 
_refine_hist.d_res_low                        30.42 
# 
loop_
_refine_ls_restr.type 
_refine_ls_restr.dev_ideal 
_refine_ls_restr.dev_ideal_target 
_refine_ls_restr.weight 
_refine_ls_restr.number 
_refine_ls_restr.pdbx_refine_id 
_refine_ls_restr.pdbx_restraint_function 
c_bond_d                0.009 ?    ? ? 'X-RAY DIFFRACTION' ? 
c_bond_d_na             ?     ?    ? ? 'X-RAY DIFFRACTION' ? 
c_bond_d_prot           ?     ?    ? ? 'X-RAY DIFFRACTION' ? 
c_angle_d               ?     ?    ? ? 'X-RAY DIFFRACTION' ? 
c_angle_d_na            ?     ?    ? ? 'X-RAY DIFFRACTION' ? 
c_angle_d_prot          ?     ?    ? ? 'X-RAY DIFFRACTION' ? 
c_angle_deg             1.7   ?    ? ? 'X-RAY DIFFRACTION' ? 
c_angle_deg_na          ?     ?    ? ? 'X-RAY DIFFRACTION' ? 
c_angle_deg_prot        ?     ?    ? ? 'X-RAY DIFFRACTION' ? 
c_dihedral_angle_d      26.2  ?    ? ? 'X-RAY DIFFRACTION' ? 
c_dihedral_angle_d_na   ?     ?    ? ? 'X-RAY DIFFRACTION' ? 
c_dihedral_angle_d_prot ?     ?    ? ? 'X-RAY DIFFRACTION' ? 
c_improper_angle_d      0.96  ?    ? ? 'X-RAY DIFFRACTION' ? 
c_improper_angle_d_na   ?     ?    ? ? 'X-RAY DIFFRACTION' ? 
c_improper_angle_d_prot ?     ?    ? ? 'X-RAY DIFFRACTION' ? 
c_mcbond_it             1.16  1.50 ? ? 'X-RAY DIFFRACTION' ? 
c_mcangle_it            1.97  2.00 ? ? 'X-RAY DIFFRACTION' ? 
c_scbond_it             1.90  2.00 ? ? 'X-RAY DIFFRACTION' ? 
c_scangle_it            2.85  2.50 ? ? 'X-RAY DIFFRACTION' ? 
# 
_refine_ls_shell.pdbx_total_number_of_bins_used   6 
_refine_ls_shell.d_res_high                       1.90 
_refine_ls_shell.d_res_low                        2.02 
_refine_ls_shell.number_reflns_R_work             2399 
_refine_ls_shell.R_factor_R_work                  0.319 
_refine_ls_shell.percent_reflns_obs               98.5 
_refine_ls_shell.R_factor_R_free                  0.342 
_refine_ls_shell.R_factor_R_free_error            0.021 
_refine_ls_shell.percent_reflns_R_free            9.8 
_refine_ls_shell.number_reflns_R_free             262 
_refine_ls_shell.number_reflns_obs                ? 
_refine_ls_shell.redundancy_reflns_obs            ? 
_refine_ls_shell.number_reflns_all                ? 
_refine_ls_shell.pdbx_refine_id                   'X-RAY DIFFRACTION' 
_refine_ls_shell.R_factor_all                     ? 
# 
loop_
_pdbx_xplor_file.serial_no 
_pdbx_xplor_file.param_file 
_pdbx_xplor_file.topol_file 
_pdbx_xplor_file.pdbx_refine_id 
1 PROTEIN_REP.PARAM  PROTEIN.TOP      'X-RAY DIFFRACTION' 
2 CARBOHYDRATE.PARAM CARBOHYDRATE.TOP 'X-RAY DIFFRACTION' 
3 WATER_REP.PARAM    ION.TOP          'X-RAY DIFFRACTION' 
4 ION.PARAM          WATER.TOP        'X-RAY DIFFRACTION' 
# 
_struct.entry_id                  1K12 
_struct.title                     'Fucose Binding lectin' 
_struct.pdbx_model_details        ? 
_struct.pdbx_CASP_flag            ? 
_struct.pdbx_model_type_details   ? 
# 
_struct_keywords.entry_id        1K12 
_struct_keywords.pdbx_keywords   'SUGAR BINDING PROTEIN' 
_struct_keywords.text            'BETA BARREL, PROTEIN CARBOHYDRATE COMPLEX, SUGAR BINDING PROTEIN' 
# 
loop_
_struct_asym.id 
_struct_asym.pdbx_blank_PDB_chainid_flag 
_struct_asym.pdbx_modified 
_struct_asym.entity_id 
_struct_asym.details 
A N N 1 ? 
B N N 2 ? 
C N N 3 ? 
D N N 4 ? 
E N N 5 ? 
# 
_struct_ref.id                         1 
_struct_ref.db_name                    UNP 
_struct_ref.db_code                    Q7SIC1_ANGAN 
_struct_ref.pdbx_db_accession          Q7SIC1 
_struct_ref.entity_id                  1 
_struct_ref.pdbx_align_begin           1 
_struct_ref.pdbx_db_isoform            ? 
_struct_ref.pdbx_seq_one_letter_code   ? 
# 
_struct_ref_seq.align_id                      1 
_struct_ref_seq.ref_id                        1 
_struct_ref_seq.pdbx_PDB_id_code              1K12 
_struct_ref_seq.pdbx_strand_id                A 
_struct_ref_seq.seq_align_beg                 1 
_struct_ref_seq.pdbx_seq_align_beg_ins_code   ? 
_struct_ref_seq.seq_align_end                 158 
_struct_ref_seq.pdbx_seq_align_end_ins_code   ? 
_struct_ref_seq.pdbx_db_accession             Q7SIC1 
_struct_ref_seq.db_align_beg                  1 
_struct_ref_seq.pdbx_db_align_beg_ins_code    ? 
_struct_ref_seq.db_align_end                  158 
_struct_ref_seq.pdbx_db_align_end_ins_code    ? 
_struct_ref_seq.pdbx_auth_seq_align_beg       1 
_struct_ref_seq.pdbx_auth_seq_align_end       158 
# 
_pdbx_struct_assembly.id                   1 
_pdbx_struct_assembly.details              author_defined_assembly 
_pdbx_struct_assembly.method_details       ? 
_pdbx_struct_assembly.oligomeric_details   monomeric 
_pdbx_struct_assembly.oligomeric_count     1 
# 
_pdbx_struct_assembly_gen.assembly_id       1 
_pdbx_struct_assembly_gen.oper_expression   1 
_pdbx_struct_assembly_gen.asym_id_list      A,B,C,D,E 
# 
_pdbx_struct_oper_list.id                   1 
_pdbx_struct_oper_list.type                 'identity operation' 
_pdbx_struct_oper_list.name                 1_555 
_pdbx_struct_oper_list.symmetry_operation   x,y,z 
_pdbx_struct_oper_list.matrix[1][1]         1.0000000000 
_pdbx_struct_oper_list.matrix[1][2]         0.0000000000 
_pdbx_struct_oper_list.matrix[1][3]         0.0000000000 
_pdbx_struct_oper_list.vector[1]            0.0000000000 
_pdbx_struct_oper_list.matrix[2][1]         0.0000000000 
_pdbx_struct_oper_list.matrix[2][2]         1.0000000000 
_pdbx_struct_oper_list.matrix[2][3]         0.0000000000 
_pdbx_struct_oper_list.vector[2]            0.0000000000 
_pdbx_struct_oper_list.matrix[3][1]         0.0000000000 
_pdbx_struct_oper_list.matrix[3][2]         0.0000000000 
_pdbx_struct_oper_list.matrix[3][3]         1.0000000000 
_pdbx_struct_oper_list.vector[3]            0.0000000000 
# 
_struct_biol.id                    1 
_struct_biol.pdbx_parent_biol_id   ? 
_struct_biol.details               ? 
# 
loop_
_struct_conf.conf_type_id 
_struct_conf.id 
_struct_conf.pdbx_PDB_helix_id 
_struct_conf.beg_label_comp_id 
_struct_conf.beg_label_asym_id 
_struct_conf.beg_label_seq_id 
_struct_conf.pdbx_beg_PDB_ins_code 
_struct_conf.end_label_comp_id 
_struct_conf.end_label_asym_id 
_struct_conf.end_label_seq_id 
_struct_conf.pdbx_end_PDB_ins_code 
_struct_conf.beg_auth_comp_id 
_struct_conf.beg_auth_asym_id 
_struct_conf.beg_auth_seq_id 
_struct_conf.end_auth_comp_id 
_struct_conf.end_auth_asym_id 
_struct_conf.end_auth_seq_id 
_struct_conf.pdbx_PDB_helix_class 
_struct_conf.details 
_struct_conf.pdbx_PDB_helix_length 
HELX_P HELX_P1 1 ALA A 12 ? GLY A 15 ? ALA A 12 GLY A 15 5 ? 4 
HELX_P HELX_P2 2 HIS A 27 ? SER A 31 ? HIS A 27 SER A 31 5 ? 5 
HELX_P HELX_P3 3 GLU A 32 ? ASP A 38 ? GLU A 32 ASP A 38 5 ? 7 
HELX_P HELX_P4 4 ASN A 44 ? GLY A 48 ? ASN A 44 GLY A 48 5 ? 5 
# 
_struct_conf_type.id          HELX_P 
_struct_conf_type.criteria    ? 
_struct_conf_type.reference   ? 
# 
loop_
_struct_conn.id 
_struct_conn.conn_type_id 
_struct_conn.pdbx_leaving_atom_flag 
_struct_conn.pdbx_PDB_id 
_struct_conn.ptnr1_label_asym_id 
_struct_conn.ptnr1_label_comp_id 
_struct_conn.ptnr1_label_seq_id 
_struct_conn.ptnr1_label_atom_id 
_struct_conn.pdbx_ptnr1_label_alt_id 
_struct_conn.pdbx_ptnr1_PDB_ins_code 
_struct_conn.pdbx_ptnr1_standard_comp_id 
_struct_conn.ptnr1_symmetry 
_struct_conn.ptnr2_label_asym_id 
_struct_conn.ptnr2_label_comp_id 
_struct_conn.ptnr2_label_seq_id 
_struct_conn.ptnr2_label_atom_id 
_struct_conn.pdbx_ptnr2_label_alt_id 
_struct_conn.pdbx_ptnr2_PDB_ins_code 
_struct_conn.ptnr1_auth_asym_id 
_struct_conn.ptnr1_auth_comp_id 
_struct_conn.ptnr1_auth_seq_id 
_struct_conn.ptnr2_auth_asym_id 
_struct_conn.ptnr2_auth_comp_id 
_struct_conn.ptnr2_auth_seq_id 
_struct_conn.ptnr2_symmetry 
_struct_conn.pdbx_ptnr3_label_atom_id 
_struct_conn.pdbx_ptnr3_label_seq_id 
_struct_conn.pdbx_ptnr3_label_comp_id 
_struct_conn.pdbx_ptnr3_label_asym_id 
_struct_conn.pdbx_ptnr3_label_alt_id 
_struct_conn.pdbx_ptnr3_PDB_ins_code 
_struct_conn.details 
_struct_conn.pdbx_dist_value 
_struct_conn.pdbx_value_order 
_struct_conn.pdbx_role 
disulf1 disulf ? ? A CYS 50  SG  ? ? ? 1_555 A CYS 146 SG ? ? A CYS 50  A CYS 146 1_555 ? ? ? ? ? ? ? 2.045 ? ? 
disulf2 disulf ? ? A CYS 82  SG  ? ? ? 1_555 A CYS 83  SG ? ? A CYS 82  A CYS 83  1_555 ? ? ? ? ? ? ? 2.053 ? ? 
disulf3 disulf ? ? A CYS 108 SG  ? ? ? 1_555 A CYS 124 SG ? ? A CYS 108 A CYS 124 1_555 ? ? ? ? ? ? ? 2.055 ? ? 
metalc1 metalc ? ? A ASN 35  O   ? ? ? 1_555 C CA  .   CA ? ? A ASN 35  A CA  160 1_555 ? ? ? ? ? ? ? 2.418 ? ? 
metalc2 metalc ? ? A ASP 38  OD1 ? ? ? 1_555 C CA  .   CA ? ? A ASP 38  A CA  160 1_555 ? ? ? ? ? ? ? 2.559 ? ? 
metalc3 metalc ? ? A ASN 40  O   ? ? ? 1_555 C CA  .   CA ? ? A ASN 40  A CA  160 1_555 ? ? ? ? ? ? ? 2.383 ? ? 
metalc4 metalc ? ? A SER 49  OG  ? ? ? 1_555 C CA  .   CA ? ? A SER 49  A CA  160 1_555 ? ? ? ? ? ? ? 2.589 ? ? 
metalc5 metalc ? ? A SER 49  O   ? ? ? 1_555 C CA  .   CA ? ? A SER 49  A CA  160 1_555 ? ? ? ? ? ? ? 2.485 ? ? 
metalc6 metalc ? ? A CYS 146 O   ? ? ? 1_555 C CA  .   CA ? ? A CYS 146 A CA  160 1_555 ? ? ? ? ? ? ? 2.370 ? ? 
metalc7 metalc ? ? A GLU 147 OE1 ? ? ? 1_555 C CA  .   CA ? ? A GLU 147 A CA  160 1_555 ? ? ? ? ? ? ? 2.445 ? ? 
# 
loop_
_struct_conn_type.id 
_struct_conn_type.criteria 
_struct_conn_type.reference 
disulf ? ? 
metalc ? ? 
# 
loop_
_pdbx_struct_conn_angle.id 
_pdbx_struct_conn_angle.ptnr1_label_atom_id 
_pdbx_struct_conn_angle.ptnr1_label_alt_id 
_pdbx_struct_conn_angle.ptnr1_label_asym_id 
_pdbx_struct_conn_angle.ptnr1_label_comp_id 
_pdbx_struct_conn_angle.ptnr1_label_seq_id 
_pdbx_struct_conn_angle.ptnr1_auth_atom_id 
_pdbx_struct_conn_angle.ptnr1_auth_asym_id 
_pdbx_struct_conn_angle.ptnr1_auth_comp_id 
_pdbx_struct_conn_angle.ptnr1_auth_seq_id 
_pdbx_struct_conn_angle.ptnr1_PDB_ins_code 
_pdbx_struct_conn_angle.ptnr1_symmetry 
_pdbx_struct_conn_angle.ptnr2_label_atom_id 
_pdbx_struct_conn_angle.ptnr2_label_alt_id 
_pdbx_struct_conn_angle.ptnr2_label_asym_id 
_pdbx_struct_conn_angle.ptnr2_label_comp_id 
_pdbx_struct_conn_angle.ptnr2_label_seq_id 
_pdbx_struct_conn_angle.ptnr2_auth_atom_id 
_pdbx_struct_conn_angle.ptnr2_auth_asym_id 
_pdbx_struct_conn_angle.ptnr2_auth_comp_id 
_pdbx_struct_conn_angle.ptnr2_auth_seq_id 
_pdbx_struct_conn_angle.ptnr2_PDB_ins_code 
_pdbx_struct_conn_angle.ptnr2_symmetry 
_pdbx_struct_conn_angle.ptnr3_label_atom_id 
_pdbx_struct_conn_angle.ptnr3_label_alt_id 
_pdbx_struct_conn_angle.ptnr3_label_asym_id 
_pdbx_struct_conn_angle.ptnr3_label_comp_id 
_pdbx_struct_conn_angle.ptnr3_label_seq_id 
_pdbx_struct_conn_angle.ptnr3_auth_atom_id 
_pdbx_struct_conn_angle.ptnr3_auth_asym_id 
_pdbx_struct_conn_angle.ptnr3_auth_comp_id 
_pdbx_struct_conn_angle.ptnr3_auth_seq_id 
_pdbx_struct_conn_angle.ptnr3_PDB_ins_code 
_pdbx_struct_conn_angle.ptnr3_symmetry 
_pdbx_struct_conn_angle.value 
_pdbx_struct_conn_angle.value_esd 
1  O   ? A ASN 35  ? A ASN 35  ? 1_555 CA ? C CA . ? A CA 160 ? 1_555 OD1 ? A ASP 38  ? A ASP 38  ? 1_555 75.5  ? 
2  O   ? A ASN 35  ? A ASN 35  ? 1_555 CA ? C CA . ? A CA 160 ? 1_555 O   ? A ASN 40  ? A ASN 40  ? 1_555 164.2 ? 
3  OD1 ? A ASP 38  ? A ASP 38  ? 1_555 CA ? C CA . ? A CA 160 ? 1_555 O   ? A ASN 40  ? A ASN 40  ? 1_555 91.4  ? 
4  O   ? A ASN 35  ? A ASN 35  ? 1_555 CA ? C CA . ? A CA 160 ? 1_555 OG  ? A SER 49  ? A SER 49  ? 1_555 101.6 ? 
5  OD1 ? A ASP 38  ? A ASP 38  ? 1_555 CA ? C CA . ? A CA 160 ? 1_555 OG  ? A SER 49  ? A SER 49  ? 1_555 70.6  ? 
6  O   ? A ASN 40  ? A ASN 40  ? 1_555 CA ? C CA . ? A CA 160 ? 1_555 OG  ? A SER 49  ? A SER 49  ? 1_555 81.8  ? 
7  O   ? A ASN 35  ? A ASN 35  ? 1_555 CA ? C CA . ? A CA 160 ? 1_555 O   ? A SER 49  ? A SER 49  ? 1_555 75.9  ? 
8  OD1 ? A ASP 38  ? A ASP 38  ? 1_555 CA ? C CA . ? A CA 160 ? 1_555 O   ? A SER 49  ? A SER 49  ? 1_555 124.7 ? 
9  O   ? A ASN 40  ? A ASN 40  ? 1_555 CA ? C CA . ? A CA 160 ? 1_555 O   ? A SER 49  ? A SER 49  ? 1_555 119.4 ? 
10 OG  ? A SER 49  ? A SER 49  ? 1_555 CA ? C CA . ? A CA 160 ? 1_555 O   ? A SER 49  ? A SER 49  ? 1_555 70.1  ? 
11 O   ? A ASN 35  ? A ASN 35  ? 1_555 CA ? C CA . ? A CA 160 ? 1_555 O   ? A CYS 146 ? A CYS 146 ? 1_555 101.7 ? 
12 OD1 ? A ASP 38  ? A ASP 38  ? 1_555 CA ? C CA . ? A CA 160 ? 1_555 O   ? A CYS 146 ? A CYS 146 ? 1_555 158.4 ? 
13 O   ? A ASN 40  ? A ASN 40  ? 1_555 CA ? C CA . ? A CA 160 ? 1_555 O   ? A CYS 146 ? A CYS 146 ? 1_555 87.2  ? 
14 OG  ? A SER 49  ? A SER 49  ? 1_555 CA ? C CA . ? A CA 160 ? 1_555 O   ? A CYS 146 ? A CYS 146 ? 1_555 130.3 ? 
15 O   ? A SER 49  ? A SER 49  ? 1_555 CA ? C CA . ? A CA 160 ? 1_555 O   ? A CYS 146 ? A CYS 146 ? 1_555 73.9  ? 
16 O   ? A ASN 35  ? A ASN 35  ? 1_555 CA ? C CA . ? A CA 160 ? 1_555 OE1 ? A GLU 147 ? A GLU 147 ? 1_555 90.5  ? 
17 OD1 ? A ASP 38  ? A ASP 38  ? 1_555 CA ? C CA . ? A CA 160 ? 1_555 OE1 ? A GLU 147 ? A GLU 147 ? 1_555 76.8  ? 
18 O   ? A ASN 40  ? A ASN 40  ? 1_555 CA ? C CA . ? A CA 160 ? 1_555 OE1 ? A GLU 147 ? A GLU 147 ? 1_555 77.7  ? 
19 OG  ? A SER 49  ? A SER 49  ? 1_555 CA ? C CA . ? A CA 160 ? 1_555 OE1 ? A GLU 147 ? A GLU 147 ? 1_555 140.8 ? 
20 O   ? A SER 49  ? A SER 49  ? 1_555 CA ? C CA . ? A CA 160 ? 1_555 OE1 ? A GLU 147 ? A GLU 147 ? 1_555 148.9 ? 
21 O   ? A CYS 146 ? A CYS 146 ? 1_555 CA ? C CA . ? A CA 160 ? 1_555 OE1 ? A GLU 147 ? A GLU 147 ? 1_555 81.8  ? 
# 
loop_
_pdbx_modification_feature.ordinal 
_pdbx_modification_feature.label_comp_id 
_pdbx_modification_feature.label_asym_id 
_pdbx_modification_feature.label_seq_id 
_pdbx_modification_feature.label_alt_id 
_pdbx_modification_feature.modified_residue_label_comp_id 
_pdbx_modification_feature.modified_residue_label_asym_id 
_pdbx_modification_feature.modified_residue_label_seq_id 
_pdbx_modification_feature.modified_residue_label_alt_id 
_pdbx_modification_feature.auth_comp_id 
_pdbx_modification_feature.auth_asym_id 
_pdbx_modification_feature.auth_seq_id 
_pdbx_modification_feature.PDB_ins_code 
_pdbx_modification_feature.symmetry 
_pdbx_modification_feature.modified_residue_auth_comp_id 
_pdbx_modification_feature.modified_residue_auth_asym_id 
_pdbx_modification_feature.modified_residue_auth_seq_id 
_pdbx_modification_feature.modified_residue_PDB_ins_code 
_pdbx_modification_feature.modified_residue_symmetry 
_pdbx_modification_feature.comp_id_linking_atom 
_pdbx_modification_feature.modified_residue_id_linking_atom 
_pdbx_modification_feature.modified_residue_id 
_pdbx_modification_feature.ref_pcm_id 
_pdbx_modification_feature.ref_comp_id 
_pdbx_modification_feature.type 
_pdbx_modification_feature.category 
1 CYS A 50  ? CYS A 146 ? CYS A 50  ? 1_555 CYS A 146 ? 1_555 SG SG . . . None 'Disulfide bridge' 
2 CYS A 82  ? CYS A 83  ? CYS A 82  ? 1_555 CYS A 83  ? 1_555 SG SG . . . None 'Disulfide bridge' 
3 CYS A 108 ? CYS A 124 ? CYS A 108 ? 1_555 CYS A 124 ? 1_555 SG SG . . . None 'Disulfide bridge' 
# 
loop_
_struct_sheet.id 
_struct_sheet.type 
_struct_sheet.number_strands 
_struct_sheet.details 
A ? 5 ? 
B ? 6 ? 
# 
loop_
_struct_sheet_order.sheet_id 
_struct_sheet_order.range_id_1 
_struct_sheet_order.range_id_2 
_struct_sheet_order.offset 
_struct_sheet_order.sense 
A 1 2 ? anti-parallel 
A 2 3 ? anti-parallel 
A 3 4 ? anti-parallel 
A 4 5 ? anti-parallel 
B 1 2 ? anti-parallel 
B 2 3 ? anti-parallel 
B 3 4 ? anti-parallel 
B 4 5 ? anti-parallel 
B 5 6 ? anti-parallel 
# 
loop_
_struct_sheet_range.sheet_id 
_struct_sheet_range.id 
_struct_sheet_range.beg_label_comp_id 
_struct_sheet_range.beg_label_asym_id 
_struct_sheet_range.beg_label_seq_id 
_struct_sheet_range.pdbx_beg_PDB_ins_code 
_struct_sheet_range.end_label_comp_id 
_struct_sheet_range.end_label_asym_id 
_struct_sheet_range.end_label_seq_id 
_struct_sheet_range.pdbx_end_PDB_ins_code 
_struct_sheet_range.beg_auth_comp_id 
_struct_sheet_range.beg_auth_asym_id 
_struct_sheet_range.beg_auth_seq_id 
_struct_sheet_range.end_auth_comp_id 
_struct_sheet_range.end_auth_asym_id 
_struct_sheet_range.end_auth_seq_id 
A 1 GLU A 107 ? VAL A 110 ? GLU A 107 VAL A 110 
A 2 GLU A 91  ? GLY A 95  ? GLU A 91  GLY A 95  
A 3 THR A 119 ? TYR A 136 ? THR A 119 TYR A 136 
A 4 TRP A 60  ? ASN A 78  ? TRP A 60  ASN A 78  
A 5 LYS A 16  ? GLN A 19  ? LYS A 16  GLN A 19  
B 1 GLU A 107 ? VAL A 110 ? GLU A 107 VAL A 110 
B 2 GLU A 91  ? GLY A 95  ? GLU A 91  GLY A 95  
B 3 THR A 119 ? TYR A 136 ? THR A 119 TYR A 136 
B 4 TRP A 60  ? ASN A 78  ? TRP A 60  ASN A 78  
B 5 LEU A 145 ? PRO A 155 ? LEU A 145 PRO A 155 
B 6 TYR A 6   ? ASN A 10  ? TYR A 6   ASN A 10  
# 
loop_
_pdbx_struct_sheet_hbond.sheet_id 
_pdbx_struct_sheet_hbond.range_id_1 
_pdbx_struct_sheet_hbond.range_id_2 
_pdbx_struct_sheet_hbond.range_1_label_atom_id 
_pdbx_struct_sheet_hbond.range_1_label_comp_id 
_pdbx_struct_sheet_hbond.range_1_label_asym_id 
_pdbx_struct_sheet_hbond.range_1_label_seq_id 
_pdbx_struct_sheet_hbond.range_1_PDB_ins_code 
_pdbx_struct_sheet_hbond.range_1_auth_atom_id 
_pdbx_struct_sheet_hbond.range_1_auth_comp_id 
_pdbx_struct_sheet_hbond.range_1_auth_asym_id 
_pdbx_struct_sheet_hbond.range_1_auth_seq_id 
_pdbx_struct_sheet_hbond.range_2_label_atom_id 
_pdbx_struct_sheet_hbond.range_2_label_comp_id 
_pdbx_struct_sheet_hbond.range_2_label_asym_id 
_pdbx_struct_sheet_hbond.range_2_label_seq_id 
_pdbx_struct_sheet_hbond.range_2_PDB_ins_code 
_pdbx_struct_sheet_hbond.range_2_auth_atom_id 
_pdbx_struct_sheet_hbond.range_2_auth_comp_id 
_pdbx_struct_sheet_hbond.range_2_auth_asym_id 
_pdbx_struct_sheet_hbond.range_2_auth_seq_id 
A 1 2 O CYS A 108 ? O CYS A 108 N ILE A 92  ? N ILE A 92  
A 2 3 N ASN A 93  ? N ASN A 93  O VAL A 134 ? O VAL A 134 
A 3 4 O MET A 128 ? O MET A 128 N ILE A 71  ? N ILE A 71  
A 4 5 O ASP A 64  ? O ASP A 64  N LYS A 16  ? N LYS A 16  
B 1 2 O CYS A 108 ? O CYS A 108 N ILE A 92  ? N ILE A 92  
B 2 3 N ASN A 93  ? N ASN A 93  O VAL A 134 ? O VAL A 134 
B 3 4 O MET A 128 ? O MET A 128 N ILE A 71  ? N ILE A 71  
B 4 5 N THR A 77  ? N THR A 77  O CYS A 146 ? O CYS A 146 
B 5 6 O LYS A 154 ? O LYS A 154 N THR A 7   ? N THR A 7   
# 
_pdbx_entry_details.entry_id                   1K12 
_pdbx_entry_details.compound_details           ? 
_pdbx_entry_details.source_details             ? 
_pdbx_entry_details.nonpolymer_details         ? 
_pdbx_entry_details.sequence_details           ? 
_pdbx_entry_details.has_ligand_of_interest     ? 
_pdbx_entry_details.has_protein_modification   Y 
# 
loop_
_pdbx_validate_torsion.id 
_pdbx_validate_torsion.PDB_model_num 
_pdbx_validate_torsion.auth_comp_id 
_pdbx_validate_torsion.auth_asym_id 
_pdbx_validate_torsion.auth_seq_id 
_pdbx_validate_torsion.PDB_ins_code 
_pdbx_validate_torsion.label_alt_id 
_pdbx_validate_torsion.phi 
_pdbx_validate_torsion.psi 
1 1 ILE A 2   ? ? 76.75   73.62   
2 1 LEU A 66  ? ? 78.26   -11.43  
3 1 CYS A 82  ? ? -174.74 -177.58 
4 1 SER A 100 ? ? 63.51   60.95   
5 1 PRO A 138 ? ? -76.04  47.36   
6 1 GLU A 147 ? ? -173.90 135.22  
# 
loop_
_chem_comp_atom.comp_id 
_chem_comp_atom.atom_id 
_chem_comp_atom.type_symbol 
_chem_comp_atom.pdbx_aromatic_flag 
_chem_comp_atom.pdbx_stereo_config 
_chem_comp_atom.pdbx_ordinal 
ALA N    N  N N 1   
ALA CA   C  N S 2   
ALA C    C  N N 3   
ALA O    O  N N 4   
ALA CB   C  N N 5   
ALA OXT  O  N N 6   
ALA H    H  N N 7   
ALA H2   H  N N 8   
ALA HA   H  N N 9   
ALA HB1  H  N N 10  
ALA HB2  H  N N 11  
ALA HB3  H  N N 12  
ALA HXT  H  N N 13  
ARG N    N  N N 14  
ARG CA   C  N S 15  
ARG C    C  N N 16  
ARG O    O  N N 17  
ARG CB   C  N N 18  
ARG CG   C  N N 19  
ARG CD   C  N N 20  
ARG NE   N  N N 21  
ARG CZ   C  N N 22  
ARG NH1  N  N N 23  
ARG NH2  N  N N 24  
ARG OXT  O  N N 25  
ARG H    H  N N 26  
ARG H2   H  N N 27  
ARG HA   H  N N 28  
ARG HB2  H  N N 29  
ARG HB3  H  N N 30  
ARG HG2  H  N N 31  
ARG HG3  H  N N 32  
ARG HD2  H  N N 33  
ARG HD3  H  N N 34  
ARG HE   H  N N 35  
ARG HH11 H  N N 36  
ARG HH12 H  N N 37  
ARG HH21 H  N N 38  
ARG HH22 H  N N 39  
ARG HXT  H  N N 40  
ASN N    N  N N 41  
ASN CA   C  N S 42  
ASN C    C  N N 43  
ASN O    O  N N 44  
ASN CB   C  N N 45  
ASN CG   C  N N 46  
ASN OD1  O  N N 47  
ASN ND2  N  N N 48  
ASN OXT  O  N N 49  
ASN H    H  N N 50  
ASN H2   H  N N 51  
ASN HA   H  N N 52  
ASN HB2  H  N N 53  
ASN HB3  H  N N 54  
ASN HD21 H  N N 55  
ASN HD22 H  N N 56  
ASN HXT  H  N N 57  
ASP N    N  N N 58  
ASP CA   C  N S 59  
ASP C    C  N N 60  
ASP O    O  N N 61  
ASP CB   C  N N 62  
ASP CG   C  N N 63  
ASP OD1  O  N N 64  
ASP OD2  O  N N 65  
ASP OXT  O  N N 66  
ASP H    H  N N 67  
ASP H2   H  N N 68  
ASP HA   H  N N 69  
ASP HB2  H  N N 70  
ASP HB3  H  N N 71  
ASP HD2  H  N N 72  
ASP HXT  H  N N 73  
CA  CA   CA N N 74  
CL  CL   CL N N 75  
CYS N    N  N N 76  
CYS CA   C  N R 77  
CYS C    C  N N 78  
CYS O    O  N N 79  
CYS CB   C  N N 80  
CYS SG   S  N N 81  
CYS OXT  O  N N 82  
CYS H    H  N N 83  
CYS H2   H  N N 84  
CYS HA   H  N N 85  
CYS HB2  H  N N 86  
CYS HB3  H  N N 87  
CYS HG   H  N N 88  
CYS HXT  H  N N 89  
FUC C1   C  N R 90  
FUC C2   C  N S 91  
FUC C3   C  N R 92  
FUC C4   C  N S 93  
FUC C5   C  N S 94  
FUC C6   C  N N 95  
FUC O1   O  N N 96  
FUC O2   O  N N 97  
FUC O3   O  N N 98  
FUC O4   O  N N 99  
FUC O5   O  N N 100 
FUC H1   H  N N 101 
FUC H2   H  N N 102 
FUC H3   H  N N 103 
FUC H4   H  N N 104 
FUC H5   H  N N 105 
FUC H61  H  N N 106 
FUC H62  H  N N 107 
FUC H63  H  N N 108 
FUC HO1  H  N N 109 
FUC HO2  H  N N 110 
FUC HO3  H  N N 111 
FUC HO4  H  N N 112 
GLN N    N  N N 113 
GLN CA   C  N S 114 
GLN C    C  N N 115 
GLN O    O  N N 116 
GLN CB   C  N N 117 
GLN CG   C  N N 118 
GLN CD   C  N N 119 
GLN OE1  O  N N 120 
GLN NE2  N  N N 121 
GLN OXT  O  N N 122 
GLN H    H  N N 123 
GLN H2   H  N N 124 
GLN HA   H  N N 125 
GLN HB2  H  N N 126 
GLN HB3  H  N N 127 
GLN HG2  H  N N 128 
GLN HG3  H  N N 129 
GLN HE21 H  N N 130 
GLN HE22 H  N N 131 
GLN HXT  H  N N 132 
GLU N    N  N N 133 
GLU CA   C  N S 134 
GLU C    C  N N 135 
GLU O    O  N N 136 
GLU CB   C  N N 137 
GLU CG   C  N N 138 
GLU CD   C  N N 139 
GLU OE1  O  N N 140 
GLU OE2  O  N N 141 
GLU OXT  O  N N 142 
GLU H    H  N N 143 
GLU H2   H  N N 144 
GLU HA   H  N N 145 
GLU HB2  H  N N 146 
GLU HB3  H  N N 147 
GLU HG2  H  N N 148 
GLU HG3  H  N N 149 
GLU HE2  H  N N 150 
GLU HXT  H  N N 151 
GLY N    N  N N 152 
GLY CA   C  N N 153 
GLY C    C  N N 154 
GLY O    O  N N 155 
GLY OXT  O  N N 156 
GLY H    H  N N 157 
GLY H2   H  N N 158 
GLY HA2  H  N N 159 
GLY HA3  H  N N 160 
GLY HXT  H  N N 161 
HIS N    N  N N 162 
HIS CA   C  N S 163 
HIS C    C  N N 164 
HIS O    O  N N 165 
HIS CB   C  N N 166 
HIS CG   C  Y N 167 
HIS ND1  N  Y N 168 
HIS CD2  C  Y N 169 
HIS CE1  C  Y N 170 
HIS NE2  N  Y N 171 
HIS OXT  O  N N 172 
HIS H    H  N N 173 
HIS H2   H  N N 174 
HIS HA   H  N N 175 
HIS HB2  H  N N 176 
HIS HB3  H  N N 177 
HIS HD1  H  N N 178 
HIS HD2  H  N N 179 
HIS HE1  H  N N 180 
HIS HE2  H  N N 181 
HIS HXT  H  N N 182 
HOH O    O  N N 183 
HOH H1   H  N N 184 
HOH H2   H  N N 185 
ILE N    N  N N 186 
ILE CA   C  N S 187 
ILE C    C  N N 188 
ILE O    O  N N 189 
ILE CB   C  N S 190 
ILE CG1  C  N N 191 
ILE CG2  C  N N 192 
ILE CD1  C  N N 193 
ILE OXT  O  N N 194 
ILE H    H  N N 195 
ILE H2   H  N N 196 
ILE HA   H  N N 197 
ILE HB   H  N N 198 
ILE HG12 H  N N 199 
ILE HG13 H  N N 200 
ILE HG21 H  N N 201 
ILE HG22 H  N N 202 
ILE HG23 H  N N 203 
ILE HD11 H  N N 204 
ILE HD12 H  N N 205 
ILE HD13 H  N N 206 
ILE HXT  H  N N 207 
LEU N    N  N N 208 
LEU CA   C  N S 209 
LEU C    C  N N 210 
LEU O    O  N N 211 
LEU CB   C  N N 212 
LEU CG   C  N N 213 
LEU CD1  C  N N 214 
LEU CD2  C  N N 215 
LEU OXT  O  N N 216 
LEU H    H  N N 217 
LEU H2   H  N N 218 
LEU HA   H  N N 219 
LEU HB2  H  N N 220 
LEU HB3  H  N N 221 
LEU HG   H  N N 222 
LEU HD11 H  N N 223 
LEU HD12 H  N N 224 
LEU HD13 H  N N 225 
LEU HD21 H  N N 226 
LEU HD22 H  N N 227 
LEU HD23 H  N N 228 
LEU HXT  H  N N 229 
LYS N    N  N N 230 
LYS CA   C  N S 231 
LYS C    C  N N 232 
LYS O    O  N N 233 
LYS CB   C  N N 234 
LYS CG   C  N N 235 
LYS CD   C  N N 236 
LYS CE   C  N N 237 
LYS NZ   N  N N 238 
LYS OXT  O  N N 239 
LYS H    H  N N 240 
LYS H2   H  N N 241 
LYS HA   H  N N 242 
LYS HB2  H  N N 243 
LYS HB3  H  N N 244 
LYS HG2  H  N N 245 
LYS HG3  H  N N 246 
LYS HD2  H  N N 247 
LYS HD3  H  N N 248 
LYS HE2  H  N N 249 
LYS HE3  H  N N 250 
LYS HZ1  H  N N 251 
LYS HZ2  H  N N 252 
LYS HZ3  H  N N 253 
LYS HXT  H  N N 254 
MET N    N  N N 255 
MET CA   C  N S 256 
MET C    C  N N 257 
MET O    O  N N 258 
MET CB   C  N N 259 
MET CG   C  N N 260 
MET SD   S  N N 261 
MET CE   C  N N 262 
MET OXT  O  N N 263 
MET H    H  N N 264 
MET H2   H  N N 265 
MET HA   H  N N 266 
MET HB2  H  N N 267 
MET HB3  H  N N 268 
MET HG2  H  N N 269 
MET HG3  H  N N 270 
MET HE1  H  N N 271 
MET HE2  H  N N 272 
MET HE3  H  N N 273 
MET HXT  H  N N 274 
PHE N    N  N N 275 
PHE CA   C  N S 276 
PHE C    C  N N 277 
PHE O    O  N N 278 
PHE CB   C  N N 279 
PHE CG   C  Y N 280 
PHE CD1  C  Y N 281 
PHE CD2  C  Y N 282 
PHE CE1  C  Y N 283 
PHE CE2  C  Y N 284 
PHE CZ   C  Y N 285 
PHE OXT  O  N N 286 
PHE H    H  N N 287 
PHE H2   H  N N 288 
PHE HA   H  N N 289 
PHE HB2  H  N N 290 
PHE HB3  H  N N 291 
PHE HD1  H  N N 292 
PHE HD2  H  N N 293 
PHE HE1  H  N N 294 
PHE HE2  H  N N 295 
PHE HZ   H  N N 296 
PHE HXT  H  N N 297 
PRO N    N  N N 298 
PRO CA   C  N S 299 
PRO C    C  N N 300 
PRO O    O  N N 301 
PRO CB   C  N N 302 
PRO CG   C  N N 303 
PRO CD   C  N N 304 
PRO OXT  O  N N 305 
PRO H    H  N N 306 
PRO HA   H  N N 307 
PRO HB2  H  N N 308 
PRO HB3  H  N N 309 
PRO HG2  H  N N 310 
PRO HG3  H  N N 311 
PRO HD2  H  N N 312 
PRO HD3  H  N N 313 
PRO HXT  H  N N 314 
SER N    N  N N 315 
SER CA   C  N S 316 
SER C    C  N N 317 
SER O    O  N N 318 
SER CB   C  N N 319 
SER OG   O  N N 320 
SER OXT  O  N N 321 
SER H    H  N N 322 
SER H2   H  N N 323 
SER HA   H  N N 324 
SER HB2  H  N N 325 
SER HB3  H  N N 326 
SER HG   H  N N 327 
SER HXT  H  N N 328 
THR N    N  N N 329 
THR CA   C  N S 330 
THR C    C  N N 331 
THR O    O  N N 332 
THR CB   C  N R 333 
THR OG1  O  N N 334 
THR CG2  C  N N 335 
THR OXT  O  N N 336 
THR H    H  N N 337 
THR H2   H  N N 338 
THR HA   H  N N 339 
THR HB   H  N N 340 
THR HG1  H  N N 341 
THR HG21 H  N N 342 
THR HG22 H  N N 343 
THR HG23 H  N N 344 
THR HXT  H  N N 345 
TRP N    N  N N 346 
TRP CA   C  N S 347 
TRP C    C  N N 348 
TRP O    O  N N 349 
TRP CB   C  N N 350 
TRP CG   C  Y N 351 
TRP CD1  C  Y N 352 
TRP CD2  C  Y N 353 
TRP NE1  N  Y N 354 
TRP CE2  C  Y N 355 
TRP CE3  C  Y N 356 
TRP CZ2  C  Y N 357 
TRP CZ3  C  Y N 358 
TRP CH2  C  Y N 359 
TRP OXT  O  N N 360 
TRP H    H  N N 361 
TRP H2   H  N N 362 
TRP HA   H  N N 363 
TRP HB2  H  N N 364 
TRP HB3  H  N N 365 
TRP HD1  H  N N 366 
TRP HE1  H  N N 367 
TRP HE3  H  N N 368 
TRP HZ2  H  N N 369 
TRP HZ3  H  N N 370 
TRP HH2  H  N N 371 
TRP HXT  H  N N 372 
TYR N    N  N N 373 
TYR CA   C  N S 374 
TYR C    C  N N 375 
TYR O    O  N N 376 
TYR CB   C  N N 377 
TYR CG   C  Y N 378 
TYR CD1  C  Y N 379 
TYR CD2  C  Y N 380 
TYR CE1  C  Y N 381 
TYR CE2  C  Y N 382 
TYR CZ   C  Y N 383 
TYR OH   O  N N 384 
TYR OXT  O  N N 385 
TYR H    H  N N 386 
TYR H2   H  N N 387 
TYR HA   H  N N 388 
TYR HB2  H  N N 389 
TYR HB3  H  N N 390 
TYR HD1  H  N N 391 
TYR HD2  H  N N 392 
TYR HE1  H  N N 393 
TYR HE2  H  N N 394 
TYR HH   H  N N 395 
TYR HXT  H  N N 396 
VAL N    N  N N 397 
VAL CA   C  N S 398 
VAL C    C  N N 399 
VAL O    O  N N 400 
VAL CB   C  N N 401 
VAL CG1  C  N N 402 
VAL CG2  C  N N 403 
VAL OXT  O  N N 404 
VAL H    H  N N 405 
VAL H2   H  N N 406 
VAL HA   H  N N 407 
VAL HB   H  N N 408 
VAL HG11 H  N N 409 
VAL HG12 H  N N 410 
VAL HG13 H  N N 411 
VAL HG21 H  N N 412 
VAL HG22 H  N N 413 
VAL HG23 H  N N 414 
VAL HXT  H  N N 415 
# 
loop_
_chem_comp_bond.comp_id 
_chem_comp_bond.atom_id_1 
_chem_comp_bond.atom_id_2 
_chem_comp_bond.value_order 
_chem_comp_bond.pdbx_aromatic_flag 
_chem_comp_bond.pdbx_stereo_config 
_chem_comp_bond.pdbx_ordinal 
ALA N   CA   sing N N 1   
ALA N   H    sing N N 2   
ALA N   H2   sing N N 3   
ALA CA  C    sing N N 4   
ALA CA  CB   sing N N 5   
ALA CA  HA   sing N N 6   
ALA C   O    doub N N 7   
ALA C   OXT  sing N N 8   
ALA CB  HB1  sing N N 9   
ALA CB  HB2  sing N N 10  
ALA CB  HB3  sing N N 11  
ALA OXT HXT  sing N N 12  
ARG N   CA   sing N N 13  
ARG N   H    sing N N 14  
ARG N   H2   sing N N 15  
ARG CA  C    sing N N 16  
ARG CA  CB   sing N N 17  
ARG CA  HA   sing N N 18  
ARG C   O    doub N N 19  
ARG C   OXT  sing N N 20  
ARG CB  CG   sing N N 21  
ARG CB  HB2  sing N N 22  
ARG CB  HB3  sing N N 23  
ARG CG  CD   sing N N 24  
ARG CG  HG2  sing N N 25  
ARG CG  HG3  sing N N 26  
ARG CD  NE   sing N N 27  
ARG CD  HD2  sing N N 28  
ARG CD  HD3  sing N N 29  
ARG NE  CZ   sing N N 30  
ARG NE  HE   sing N N 31  
ARG CZ  NH1  sing N N 32  
ARG CZ  NH2  doub N N 33  
ARG NH1 HH11 sing N N 34  
ARG NH1 HH12 sing N N 35  
ARG NH2 HH21 sing N N 36  
ARG NH2 HH22 sing N N 37  
ARG OXT HXT  sing N N 38  
ASN N   CA   sing N N 39  
ASN N   H    sing N N 40  
ASN N   H2   sing N N 41  
ASN CA  C    sing N N 42  
ASN CA  CB   sing N N 43  
ASN CA  HA   sing N N 44  
ASN C   O    doub N N 45  
ASN C   OXT  sing N N 46  
ASN CB  CG   sing N N 47  
ASN CB  HB2  sing N N 48  
ASN CB  HB3  sing N N 49  
ASN CG  OD1  doub N N 50  
ASN CG  ND2  sing N N 51  
ASN ND2 HD21 sing N N 52  
ASN ND2 HD22 sing N N 53  
ASN OXT HXT  sing N N 54  
ASP N   CA   sing N N 55  
ASP N   H    sing N N 56  
ASP N   H2   sing N N 57  
ASP CA  C    sing N N 58  
ASP CA  CB   sing N N 59  
ASP CA  HA   sing N N 60  
ASP C   O    doub N N 61  
ASP C   OXT  sing N N 62  
ASP CB  CG   sing N N 63  
ASP CB  HB2  sing N N 64  
ASP CB  HB3  sing N N 65  
ASP CG  OD1  doub N N 66  
ASP CG  OD2  sing N N 67  
ASP OD2 HD2  sing N N 68  
ASP OXT HXT  sing N N 69  
CYS N   CA   sing N N 70  
CYS N   H    sing N N 71  
CYS N   H2   sing N N 72  
CYS CA  C    sing N N 73  
CYS CA  CB   sing N N 74  
CYS CA  HA   sing N N 75  
CYS C   O    doub N N 76  
CYS C   OXT  sing N N 77  
CYS CB  SG   sing N N 78  
CYS CB  HB2  sing N N 79  
CYS CB  HB3  sing N N 80  
CYS SG  HG   sing N N 81  
CYS OXT HXT  sing N N 82  
FUC C1  C2   sing N N 83  
FUC C1  O1   sing N N 84  
FUC C1  O5   sing N N 85  
FUC C1  H1   sing N N 86  
FUC C2  C3   sing N N 87  
FUC C2  O2   sing N N 88  
FUC C2  H2   sing N N 89  
FUC C3  C4   sing N N 90  
FUC C3  O3   sing N N 91  
FUC C3  H3   sing N N 92  
FUC C4  C5   sing N N 93  
FUC C4  O4   sing N N 94  
FUC C4  H4   sing N N 95  
FUC C5  C6   sing N N 96  
FUC C5  O5   sing N N 97  
FUC C5  H5   sing N N 98  
FUC C6  H61  sing N N 99  
FUC C6  H62  sing N N 100 
FUC C6  H63  sing N N 101 
FUC O1  HO1  sing N N 102 
FUC O2  HO2  sing N N 103 
FUC O3  HO3  sing N N 104 
FUC O4  HO4  sing N N 105 
GLN N   CA   sing N N 106 
GLN N   H    sing N N 107 
GLN N   H2   sing N N 108 
GLN CA  C    sing N N 109 
GLN CA  CB   sing N N 110 
GLN CA  HA   sing N N 111 
GLN C   O    doub N N 112 
GLN C   OXT  sing N N 113 
GLN CB  CG   sing N N 114 
GLN CB  HB2  sing N N 115 
GLN CB  HB3  sing N N 116 
GLN CG  CD   sing N N 117 
GLN CG  HG2  sing N N 118 
GLN CG  HG3  sing N N 119 
GLN CD  OE1  doub N N 120 
GLN CD  NE2  sing N N 121 
GLN NE2 HE21 sing N N 122 
GLN NE2 HE22 sing N N 123 
GLN OXT HXT  sing N N 124 
GLU N   CA   sing N N 125 
GLU N   H    sing N N 126 
GLU N   H2   sing N N 127 
GLU CA  C    sing N N 128 
GLU CA  CB   sing N N 129 
GLU CA  HA   sing N N 130 
GLU C   O    doub N N 131 
GLU C   OXT  sing N N 132 
GLU CB  CG   sing N N 133 
GLU CB  HB2  sing N N 134 
GLU CB  HB3  sing N N 135 
GLU CG  CD   sing N N 136 
GLU CG  HG2  sing N N 137 
GLU CG  HG3  sing N N 138 
GLU CD  OE1  doub N N 139 
GLU CD  OE2  sing N N 140 
GLU OE2 HE2  sing N N 141 
GLU OXT HXT  sing N N 142 
GLY N   CA   sing N N 143 
GLY N   H    sing N N 144 
GLY N   H2   sing N N 145 
GLY CA  C    sing N N 146 
GLY CA  HA2  sing N N 147 
GLY CA  HA3  sing N N 148 
GLY C   O    doub N N 149 
GLY C   OXT  sing N N 150 
GLY OXT HXT  sing N N 151 
HIS N   CA   sing N N 152 
HIS N   H    sing N N 153 
HIS N   H2   sing N N 154 
HIS CA  C    sing N N 155 
HIS CA  CB   sing N N 156 
HIS CA  HA   sing N N 157 
HIS C   O    doub N N 158 
HIS C   OXT  sing N N 159 
HIS CB  CG   sing N N 160 
HIS CB  HB2  sing N N 161 
HIS CB  HB3  sing N N 162 
HIS CG  ND1  sing Y N 163 
HIS CG  CD2  doub Y N 164 
HIS ND1 CE1  doub Y N 165 
HIS ND1 HD1  sing N N 166 
HIS CD2 NE2  sing Y N 167 
HIS CD2 HD2  sing N N 168 
HIS CE1 NE2  sing Y N 169 
HIS CE1 HE1  sing N N 170 
HIS NE2 HE2  sing N N 171 
HIS OXT HXT  sing N N 172 
HOH O   H1   sing N N 173 
HOH O   H2   sing N N 174 
ILE N   CA   sing N N 175 
ILE N   H    sing N N 176 
ILE N   H2   sing N N 177 
ILE CA  C    sing N N 178 
ILE CA  CB   sing N N 179 
ILE CA  HA   sing N N 180 
ILE C   O    doub N N 181 
ILE C   OXT  sing N N 182 
ILE CB  CG1  sing N N 183 
ILE CB  CG2  sing N N 184 
ILE CB  HB   sing N N 185 
ILE CG1 CD1  sing N N 186 
ILE CG1 HG12 sing N N 187 
ILE CG1 HG13 sing N N 188 
ILE CG2 HG21 sing N N 189 
ILE CG2 HG22 sing N N 190 
ILE CG2 HG23 sing N N 191 
ILE CD1 HD11 sing N N 192 
ILE CD1 HD12 sing N N 193 
ILE CD1 HD13 sing N N 194 
ILE OXT HXT  sing N N 195 
LEU N   CA   sing N N 196 
LEU N   H    sing N N 197 
LEU N   H2   sing N N 198 
LEU CA  C    sing N N 199 
LEU CA  CB   sing N N 200 
LEU CA  HA   sing N N 201 
LEU C   O    doub N N 202 
LEU C   OXT  sing N N 203 
LEU CB  CG   sing N N 204 
LEU CB  HB2  sing N N 205 
LEU CB  HB3  sing N N 206 
LEU CG  CD1  sing N N 207 
LEU CG  CD2  sing N N 208 
LEU CG  HG   sing N N 209 
LEU CD1 HD11 sing N N 210 
LEU CD1 HD12 sing N N 211 
LEU CD1 HD13 sing N N 212 
LEU CD2 HD21 sing N N 213 
LEU CD2 HD22 sing N N 214 
LEU CD2 HD23 sing N N 215 
LEU OXT HXT  sing N N 216 
LYS N   CA   sing N N 217 
LYS N   H    sing N N 218 
LYS N   H2   sing N N 219 
LYS CA  C    sing N N 220 
LYS CA  CB   sing N N 221 
LYS CA  HA   sing N N 222 
LYS C   O    doub N N 223 
LYS C   OXT  sing N N 224 
LYS CB  CG   sing N N 225 
LYS CB  HB2  sing N N 226 
LYS CB  HB3  sing N N 227 
LYS CG  CD   sing N N 228 
LYS CG  HG2  sing N N 229 
LYS CG  HG3  sing N N 230 
LYS CD  CE   sing N N 231 
LYS CD  HD2  sing N N 232 
LYS CD  HD3  sing N N 233 
LYS CE  NZ   sing N N 234 
LYS CE  HE2  sing N N 235 
LYS CE  HE3  sing N N 236 
LYS NZ  HZ1  sing N N 237 
LYS NZ  HZ2  sing N N 238 
LYS NZ  HZ3  sing N N 239 
LYS OXT HXT  sing N N 240 
MET N   CA   sing N N 241 
MET N   H    sing N N 242 
MET N   H2   sing N N 243 
MET CA  C    sing N N 244 
MET CA  CB   sing N N 245 
MET CA  HA   sing N N 246 
MET C   O    doub N N 247 
MET C   OXT  sing N N 248 
MET CB  CG   sing N N 249 
MET CB  HB2  sing N N 250 
MET CB  HB3  sing N N 251 
MET CG  SD   sing N N 252 
MET CG  HG2  sing N N 253 
MET CG  HG3  sing N N 254 
MET SD  CE   sing N N 255 
MET CE  HE1  sing N N 256 
MET CE  HE2  sing N N 257 
MET CE  HE3  sing N N 258 
MET OXT HXT  sing N N 259 
PHE N   CA   sing N N 260 
PHE N   H    sing N N 261 
PHE N   H2   sing N N 262 
PHE CA  C    sing N N 263 
PHE CA  CB   sing N N 264 
PHE CA  HA   sing N N 265 
PHE C   O    doub N N 266 
PHE C   OXT  sing N N 267 
PHE CB  CG   sing N N 268 
PHE CB  HB2  sing N N 269 
PHE CB  HB3  sing N N 270 
PHE CG  CD1  doub Y N 271 
PHE CG  CD2  sing Y N 272 
PHE CD1 CE1  sing Y N 273 
PHE CD1 HD1  sing N N 274 
PHE CD2 CE2  doub Y N 275 
PHE CD2 HD2  sing N N 276 
PHE CE1 CZ   doub Y N 277 
PHE CE1 HE1  sing N N 278 
PHE CE2 CZ   sing Y N 279 
PHE CE2 HE2  sing N N 280 
PHE CZ  HZ   sing N N 281 
PHE OXT HXT  sing N N 282 
PRO N   CA   sing N N 283 
PRO N   CD   sing N N 284 
PRO N   H    sing N N 285 
PRO CA  C    sing N N 286 
PRO CA  CB   sing N N 287 
PRO CA  HA   sing N N 288 
PRO C   O    doub N N 289 
PRO C   OXT  sing N N 290 
PRO CB  CG   sing N N 291 
PRO CB  HB2  sing N N 292 
PRO CB  HB3  sing N N 293 
PRO CG  CD   sing N N 294 
PRO CG  HG2  sing N N 295 
PRO CG  HG3  sing N N 296 
PRO CD  HD2  sing N N 297 
PRO CD  HD3  sing N N 298 
PRO OXT HXT  sing N N 299 
SER N   CA   sing N N 300 
SER N   H    sing N N 301 
SER N   H2   sing N N 302 
SER CA  C    sing N N 303 
SER CA  CB   sing N N 304 
SER CA  HA   sing N N 305 
SER C   O    doub N N 306 
SER C   OXT  sing N N 307 
SER CB  OG   sing N N 308 
SER CB  HB2  sing N N 309 
SER CB  HB3  sing N N 310 
SER OG  HG   sing N N 311 
SER OXT HXT  sing N N 312 
THR N   CA   sing N N 313 
THR N   H    sing N N 314 
THR N   H2   sing N N 315 
THR CA  C    sing N N 316 
THR CA  CB   sing N N 317 
THR CA  HA   sing N N 318 
THR C   O    doub N N 319 
THR C   OXT  sing N N 320 
THR CB  OG1  sing N N 321 
THR CB  CG2  sing N N 322 
THR CB  HB   sing N N 323 
THR OG1 HG1  sing N N 324 
THR CG2 HG21 sing N N 325 
THR CG2 HG22 sing N N 326 
THR CG2 HG23 sing N N 327 
THR OXT HXT  sing N N 328 
TRP N   CA   sing N N 329 
TRP N   H    sing N N 330 
TRP N   H2   sing N N 331 
TRP CA  C    sing N N 332 
TRP CA  CB   sing N N 333 
TRP CA  HA   sing N N 334 
TRP C   O    doub N N 335 
TRP C   OXT  sing N N 336 
TRP CB  CG   sing N N 337 
TRP CB  HB2  sing N N 338 
TRP CB  HB3  sing N N 339 
TRP CG  CD1  doub Y N 340 
TRP CG  CD2  sing Y N 341 
TRP CD1 NE1  sing Y N 342 
TRP CD1 HD1  sing N N 343 
TRP CD2 CE2  doub Y N 344 
TRP CD2 CE3  sing Y N 345 
TRP NE1 CE2  sing Y N 346 
TRP NE1 HE1  sing N N 347 
TRP CE2 CZ2  sing Y N 348 
TRP CE3 CZ3  doub Y N 349 
TRP CE3 HE3  sing N N 350 
TRP CZ2 CH2  doub Y N 351 
TRP CZ2 HZ2  sing N N 352 
TRP CZ3 CH2  sing Y N 353 
TRP CZ3 HZ3  sing N N 354 
TRP CH2 HH2  sing N N 355 
TRP OXT HXT  sing N N 356 
TYR N   CA   sing N N 357 
TYR N   H    sing N N 358 
TYR N   H2   sing N N 359 
TYR CA  C    sing N N 360 
TYR CA  CB   sing N N 361 
TYR CA  HA   sing N N 362 
TYR C   O    doub N N 363 
TYR C   OXT  sing N N 364 
TYR CB  CG   sing N N 365 
TYR CB  HB2  sing N N 366 
TYR CB  HB3  sing N N 367 
TYR CG  CD1  doub Y N 368 
TYR CG  CD2  sing Y N 369 
TYR CD1 CE1  sing Y N 370 
TYR CD1 HD1  sing N N 371 
TYR CD2 CE2  doub Y N 372 
TYR CD2 HD2  sing N N 373 
TYR CE1 CZ   doub Y N 374 
TYR CE1 HE1  sing N N 375 
TYR CE2 CZ   sing Y N 376 
TYR CE2 HE2  sing N N 377 
TYR CZ  OH   sing N N 378 
TYR OH  HH   sing N N 379 
TYR OXT HXT  sing N N 380 
VAL N   CA   sing N N 381 
VAL N   H    sing N N 382 
VAL N   H2   sing N N 383 
VAL CA  C    sing N N 384 
VAL CA  CB   sing N N 385 
VAL CA  HA   sing N N 386 
VAL C   O    doub N N 387 
VAL C   OXT  sing N N 388 
VAL CB  CG1  sing N N 389 
VAL CB  CG2  sing N N 390 
VAL CB  HB   sing N N 391 
VAL CG1 HG11 sing N N 392 
VAL CG1 HG12 sing N N 393 
VAL CG1 HG13 sing N N 394 
VAL CG2 HG21 sing N N 395 
VAL CG2 HG22 sing N N 396 
VAL CG2 HG23 sing N N 397 
VAL OXT HXT  sing N N 398 
# 
_atom_sites.entry_id                    1K12 
_atom_sites.fract_transf_matrix[1][1]   -0.01287626 
_atom_sites.fract_transf_matrix[1][2]   -0.01181058 
_atom_sites.fract_transf_matrix[1][3]   -0.00226209 
_atom_sites.fract_transf_matrix[2][1]   0.00383429 
_atom_sites.fract_transf_matrix[2][2]   -0.01717999 
_atom_sites.fract_transf_matrix[2][3]   -0.00073502 
_atom_sites.fract_transf_matrix[3][1]   -0.00045798 
_atom_sites.fract_transf_matrix[3][2]   -0.00027522 
_atom_sites.fract_transf_matrix[3][3]   0.00404385 
_atom_sites.fract_transf_vector[1]      0.100085 
_atom_sites.fract_transf_vector[2]      0.423677 
_atom_sites.fract_transf_vector[3]      0.078496 
# 
loop_
_atom_type.symbol 
C  
CA 
CL 
N  
O  
S  
# 
loop_
_atom_site.group_PDB 
_atom_site.id 
_atom_site.type_symbol 
_atom_site.label_atom_id 
_atom_site.label_alt_id 
_atom_site.label_comp_id 
_atom_site.label_asym_id 
_atom_site.label_entity_id 
_atom_site.label_seq_id 
_atom_site.pdbx_PDB_ins_code 
_atom_site.Cartn_x 
_atom_site.Cartn_y 
_atom_site.Cartn_z 
_atom_site.occupancy 
_atom_site.B_iso_or_equiv 
_atom_site.pdbx_formal_charge 
_atom_site.auth_seq_id 
_atom_site.auth_comp_id 
_atom_site.auth_asym_id 
_atom_site.auth_atom_id 
_atom_site.pdbx_PDB_model_num 
ATOM   1    N  N   . VAL A 1 1   ? 9.480   6.944   14.793  1.00 76.34 ? 1   VAL A N   1 
ATOM   2    C  CA  . VAL A 1 1   ? 8.642   5.879   15.430  1.00 76.32 ? 1   VAL A CA  1 
ATOM   3    C  C   . VAL A 1 1   ? 9.543   4.716   15.912  1.00 76.11 ? 1   VAL A C   1 
ATOM   4    O  O   . VAL A 1 1   ? 10.767  4.777   15.756  1.00 76.86 ? 1   VAL A O   1 
ATOM   5    C  CB  . VAL A 1 1   ? 7.513   5.407   14.421  1.00 76.35 ? 1   VAL A CB  1 
ATOM   6    C  CG1 . VAL A 1 1   ? 6.933   4.056   14.812  1.00 76.50 ? 1   VAL A CG1 1 
ATOM   7    C  CG2 . VAL A 1 1   ? 6.378   6.435   14.404  1.00 75.58 ? 1   VAL A CG2 1 
ATOM   8    N  N   . ILE A 1 2   ? 8.924   3.697   16.518  1.00 74.92 ? 2   ILE A N   1 
ATOM   9    C  CA  . ILE A 1 2   ? 9.559   2.488   17.078  1.00 72.75 ? 2   ILE A CA  1 
ATOM   10   C  C   . ILE A 1 2   ? 10.240  2.765   18.424  1.00 70.57 ? 2   ILE A C   1 
ATOM   11   O  O   . ILE A 1 2   ? 11.460  2.829   18.531  1.00 70.27 ? 2   ILE A O   1 
ATOM   12   C  CB  . ILE A 1 2   ? 10.552  1.785   16.068  1.00 72.86 ? 2   ILE A CB  1 
ATOM   13   C  CG1 . ILE A 1 2   ? 10.775  0.336   16.506  1.00 72.20 ? 2   ILE A CG1 1 
ATOM   14   C  CG2 . ILE A 1 2   ? 11.916  2.495   16.007  1.00 73.50 ? 2   ILE A CG2 1 
ATOM   15   C  CD1 . ILE A 1 2   ? 9.531   -0.503  16.495  1.00 71.98 ? 2   ILE A CD1 1 
ATOM   16   N  N   . PRO A 1 3   ? 9.431   2.937   19.478  1.00 68.71 ? 3   PRO A N   1 
ATOM   17   C  CA  . PRO A 1 3   ? 9.895   3.211   20.839  1.00 67.82 ? 3   PRO A CA  1 
ATOM   18   C  C   . PRO A 1 3   ? 10.441  1.981   21.556  1.00 67.27 ? 3   PRO A C   1 
ATOM   19   O  O   . PRO A 1 3   ? 10.145  0.848   21.175  1.00 67.00 ? 3   PRO A O   1 
ATOM   20   C  CB  . PRO A 1 3   ? 8.644   3.751   21.510  1.00 67.90 ? 3   PRO A CB  1 
ATOM   21   C  CG  . PRO A 1 3   ? 7.583   2.926   20.881  1.00 68.01 ? 3   PRO A CG  1 
ATOM   22   C  CD  . PRO A 1 3   ? 7.961   2.961   19.422  1.00 67.95 ? 3   PRO A CD  1 
ATOM   23   N  N   . GLU A 1 4   ? 11.225  2.227   22.605  1.00 67.00 ? 4   GLU A N   1 
ATOM   24   C  CA  . GLU A 1 4   ? 11.851  1.180   23.421  1.00 66.02 ? 4   GLU A CA  1 
ATOM   25   C  C   . GLU A 1 4   ? 10.861  0.189   24.019  1.00 62.29 ? 4   GLU A C   1 
ATOM   26   O  O   . GLU A 1 4   ? 9.809   0.577   24.507  1.00 62.62 ? 4   GLU A O   1 
ATOM   27   C  CB  . GLU A 1 4   ? 12.663  1.816   24.561  1.00 70.12 ? 4   GLU A CB  1 
ATOM   28   C  CG  . GLU A 1 4   ? 13.070  0.828   25.665  1.00 76.05 ? 4   GLU A CG  1 
ATOM   29   C  CD  . GLU A 1 4   ? 14.446  0.198   25.452  1.00 79.31 ? 4   GLU A CD  1 
ATOM   30   O  OE1 . GLU A 1 4   ? 14.902  0.091   24.284  1.00 80.59 ? 4   GLU A OE1 1 
ATOM   31   O  OE2 . GLU A 1 4   ? 15.066  -0.202  26.467  1.00 80.69 ? 4   GLU A OE2 1 
ATOM   32   N  N   . GLY A 1 5   ? 11.218  -1.089  23.999  1.00 58.50 ? 5   GLY A N   1 
ATOM   33   C  CA  . GLY A 1 5   ? 10.342  -2.104  24.546  1.00 54.91 ? 5   GLY A CA  1 
ATOM   34   C  C   . GLY A 1 5   ? 9.362   -2.653  23.526  1.00 52.33 ? 5   GLY A C   1 
ATOM   35   O  O   . GLY A 1 5   ? 8.837   -3.754  23.700  1.00 51.47 ? 5   GLY A O   1 
ATOM   36   N  N   . TYR A 1 6   ? 9.107   -1.894  22.463  1.00 50.01 ? 6   TYR A N   1 
ATOM   37   C  CA  . TYR A 1 6   ? 8.179   -2.338  21.431  1.00 48.34 ? 6   TYR A CA  1 
ATOM   38   C  C   . TYR A 1 6   ? 8.876   -2.906  20.213  1.00 48.21 ? 6   TYR A C   1 
ATOM   39   O  O   . TYR A 1 6   ? 10.060  -2.667  19.972  1.00 48.52 ? 6   TYR A O   1 
ATOM   40   C  CB  . TYR A 1 6   ? 7.265   -1.199  20.964  1.00 47.00 ? 6   TYR A CB  1 
ATOM   41   C  CG  . TYR A 1 6   ? 6.303   -0.724  22.013  1.00 48.04 ? 6   TYR A CG  1 
ATOM   42   C  CD1 . TYR A 1 6   ? 6.656   0.299   22.892  1.00 49.31 ? 6   TYR A CD1 1 
ATOM   43   C  CD2 . TYR A 1 6   ? 5.056   -1.325  22.165  1.00 48.25 ? 6   TYR A CD2 1 
ATOM   44   C  CE1 . TYR A 1 6   ? 5.790   0.716   23.907  1.00 50.52 ? 6   TYR A CE1 1 
ATOM   45   C  CE2 . TYR A 1 6   ? 4.179   -0.921  23.184  1.00 49.74 ? 6   TYR A CE2 1 
ATOM   46   C  CZ  . TYR A 1 6   ? 4.556   0.101   24.052  1.00 50.55 ? 6   TYR A CZ  1 
ATOM   47   O  OH  . TYR A 1 6   ? 3.720   0.501   25.072  1.00 51.23 ? 6   TYR A OH  1 
ATOM   48   N  N   . THR A 1 7   ? 8.107   -3.662  19.444  1.00 46.88 ? 7   THR A N   1 
ATOM   49   C  CA  . THR A 1 7   ? 8.578   -4.263  18.213  1.00 44.68 ? 7   THR A CA  1 
ATOM   50   C  C   . THR A 1 7   ? 7.561   -3.816  17.162  1.00 42.30 ? 7   THR A C   1 
ATOM   51   O  O   . THR A 1 7   ? 6.460   -3.393  17.496  1.00 40.99 ? 7   THR A O   1 
ATOM   52   C  CB  . THR A 1 7   ? 8.608   -5.815  18.332  1.00 45.35 ? 7   THR A CB  1 
ATOM   53   O  OG1 . THR A 1 7   ? 9.563   -6.335  17.407  1.00 48.38 ? 7   THR A OG1 1 
ATOM   54   C  CG2 . THR A 1 7   ? 7.240   -6.428  18.016  1.00 46.30 ? 7   THR A CG2 1 
ATOM   55   N  N   . GLN A 1 8   ? 7.921   -3.888  15.893  1.00 40.66 ? 8   GLN A N   1 
ATOM   56   C  CA  . GLN A 1 8   ? 6.987   -3.479  14.863  1.00 38.72 ? 8   GLN A CA  1 
ATOM   57   C  C   . GLN A 1 8   ? 6.679   -4.671  13.969  1.00 38.23 ? 8   GLN A C   1 
ATOM   58   O  O   . GLN A 1 8   ? 7.572   -5.450  13.632  1.00 39.35 ? 8   GLN A O   1 
ATOM   59   C  CB  . GLN A 1 8   ? 7.590   -2.344  14.052  1.00 38.87 ? 8   GLN A CB  1 
ATOM   60   C  CG  . GLN A 1 8   ? 6.592   -1.585  13.224  1.00 39.24 ? 8   GLN A CG  1 
ATOM   61   C  CD  . GLN A 1 8   ? 7.218   -0.404  12.527  1.00 39.36 ? 8   GLN A CD  1 
ATOM   62   O  OE1 . GLN A 1 8   ? 8.099   -0.565  11.671  1.00 40.17 ? 8   GLN A OE1 1 
ATOM   63   N  NE2 . GLN A 1 8   ? 6.778   0.798   12.892  1.00 39.96 ? 8   GLN A NE2 1 
ATOM   64   N  N   . GLU A 1 9   ? 5.412   -4.834  13.602  1.00 36.71 ? 9   GLU A N   1 
ATOM   65   C  CA  . GLU A 1 9   ? 5.016   -5.943  12.740  1.00 35.03 ? 9   GLU A CA  1 
ATOM   66   C  C   . GLU A 1 9   ? 4.196   -5.472  11.531  1.00 31.77 ? 9   GLU A C   1 
ATOM   67   O  O   . GLU A 1 9   ? 3.385   -4.544  11.627  1.00 29.98 ? 9   GLU A O   1 
ATOM   68   C  CB  . GLU A 1 9   ? 4.210   -6.973  13.545  1.00 38.81 ? 9   GLU A CB  1 
ATOM   69   C  CG  . GLU A 1 9   ? 3.876   -8.258  12.793  1.00 44.42 ? 9   GLU A CG  1 
ATOM   70   C  CD  . GLU A 1 9   ? 5.013   -9.286  12.808  1.00 47.18 ? 9   GLU A CD  1 
ATOM   71   O  OE1 . GLU A 1 9   ? 6.150   -8.938  13.214  1.00 49.81 ? 9   GLU A OE1 1 
ATOM   72   O  OE2 . GLU A 1 9   ? 4.760   -10.446 12.404  1.00 47.95 ? 9   GLU A OE2 1 
ATOM   73   N  N   . ASN A 1 10  ? 4.437   -6.114  10.391  1.00 28.92 ? 10  ASN A N   1 
ATOM   74   C  CA  . ASN A 1 10  ? 3.714   -5.815  9.156   1.00 27.31 ? 10  ASN A CA  1 
ATOM   75   C  C   . ASN A 1 10  ? 2.476   -6.728  9.173   1.00 26.80 ? 10  ASN A C   1 
ATOM   76   O  O   . ASN A 1 10  ? 2.573   -7.924  8.885   1.00 27.97 ? 10  ASN A O   1 
ATOM   77   C  CB  . ASN A 1 10  ? 4.597   -6.132  7.933   1.00 23.68 ? 10  ASN A CB  1 
ATOM   78   C  CG  . ASN A 1 10  ? 3.827   -6.083  6.643   1.00 22.44 ? 10  ASN A CG  1 
ATOM   79   O  OD1 . ASN A 1 10  ? 4.215   -6.691  5.632   1.00 24.21 ? 10  ASN A OD1 1 
ATOM   80   N  ND2 . ASN A 1 10  ? 2.718   -5.362  6.661   1.00 19.84 ? 10  ASN A ND2 1 
ATOM   81   N  N   . VAL A 1 11  ? 1.320   -6.172  9.527   1.00 26.03 ? 11  VAL A N   1 
ATOM   82   C  CA  . VAL A 1 11  ? 0.090   -6.955  9.594   1.00 23.89 ? 11  VAL A CA  1 
ATOM   83   C  C   . VAL A 1 11  ? -0.614  -7.096  8.237   1.00 24.10 ? 11  VAL A C   1 
ATOM   84   O  O   . VAL A 1 11  ? -1.626  -7.782  8.139   1.00 22.95 ? 11  VAL A O   1 
ATOM   85   C  CB  . VAL A 1 11  ? -0.917  -6.354  10.630  1.00 22.76 ? 11  VAL A CB  1 
ATOM   86   C  CG1 . VAL A 1 11  ? -0.271  -6.297  12.021  1.00 22.27 ? 11  VAL A CG1 1 
ATOM   87   C  CG2 . VAL A 1 11  ? -1.385  -4.973  10.182  1.00 20.16 ? 11  VAL A CG2 1 
ATOM   88   N  N   . ALA A 1 12  ? -0.074  -6.460  7.196   1.00 23.10 ? 12  ALA A N   1 
ATOM   89   C  CA  . ALA A 1 12  ? -0.683  -6.533  5.868   1.00 23.97 ? 12  ALA A CA  1 
ATOM   90   C  C   . ALA A 1 12  ? -0.618  -7.948  5.292   1.00 24.80 ? 12  ALA A C   1 
ATOM   91   O  O   . ALA A 1 12  ? -1.520  -8.351  4.551   1.00 24.65 ? 12  ALA A O   1 
ATOM   92   C  CB  . ALA A 1 12  ? -0.008  -5.522  4.895   1.00 21.28 ? 12  ALA A CB  1 
ATOM   93   N  N   . VAL A 1 13  ? 0.428   -8.710  5.629   1.00 26.27 ? 13  VAL A N   1 
ATOM   94   C  CA  . VAL A 1 13  ? 0.537   -10.077 5.100   1.00 27.26 ? 13  VAL A CA  1 
ATOM   95   C  C   . VAL A 1 13  ? -0.563  -10.998 5.637   1.00 27.12 ? 13  VAL A C   1 
ATOM   96   O  O   . VAL A 1 13  ? -0.763  -12.102 5.136   1.00 27.59 ? 13  VAL A O   1 
ATOM   97   C  CB  . VAL A 1 13  ? 1.931   -10.702 5.368   1.00 27.25 ? 13  VAL A CB  1 
ATOM   98   C  CG1 . VAL A 1 13  ? 2.987   -9.969  4.524   1.00 28.69 ? 13  VAL A CG1 1 
ATOM   99   C  CG2 . VAL A 1 13  ? 2.254   -10.651 6.845   1.00 24.92 ? 13  VAL A CG2 1 
ATOM   100  N  N   . ARG A 1 14  ? -1.289  -10.530 6.645   1.00 26.43 ? 14  ARG A N   1 
ATOM   101  C  CA  . ARG A 1 14  ? -2.403  -11.296 7.210   1.00 26.19 ? 14  ARG A CA  1 
ATOM   102  C  C   . ARG A 1 14  ? -3.722  -11.014 6.455   1.00 26.33 ? 14  ARG A C   1 
ATOM   103  O  O   . ARG A 1 14  ? -4.693  -11.747 6.615   1.00 26.51 ? 14  ARG A O   1 
ATOM   104  C  CB  . ARG A 1 14  ? -2.621  -10.923 8.684   1.00 24.90 ? 14  ARG A CB  1 
ATOM   105  C  CG  . ARG A 1 14  ? -1.396  -11.045 9.554   1.00 25.04 ? 14  ARG A CG  1 
ATOM   106  C  CD  . ARG A 1 14  ? -1.689  -10.553 10.955  1.00 24.35 ? 14  ARG A CD  1 
ATOM   107  N  NE  . ARG A 1 14  ? -0.555  -10.764 11.847  1.00 25.82 ? 14  ARG A NE  1 
ATOM   108  C  CZ  . ARG A 1 14  ? -0.541  -10.443 13.141  1.00 27.01 ? 14  ARG A CZ  1 
ATOM   109  N  NH1 . ARG A 1 14  ? -1.608  -9.887  13.706  1.00 23.91 ? 14  ARG A NH1 1 
ATOM   110  N  NH2 . ARG A 1 14  ? 0.548   -10.684 13.868  1.00 26.63 ? 14  ARG A NH2 1 
ATOM   111  N  N   . GLY A 1 15  ? -3.755  -9.968  5.626   1.00 25.25 ? 15  GLY A N   1 
ATOM   112  C  CA  . GLY A 1 15  ? -4.996  -9.626  4.951   1.00 23.99 ? 15  GLY A CA  1 
ATOM   113  C  C   . GLY A 1 15  ? -5.259  -10.079 3.539   1.00 22.43 ? 15  GLY A C   1 
ATOM   114  O  O   . GLY A 1 15  ? -4.542  -10.917 3.000   1.00 23.36 ? 15  GLY A O   1 
ATOM   115  N  N   . LYS A 1 16  ? -6.316  -9.515  2.957   1.00 21.81 ? 16  LYS A N   1 
ATOM   116  C  CA  . LYS A 1 16  ? -6.732  -9.801  1.588   1.00 21.40 ? 16  LYS A CA  1 
ATOM   117  C  C   . LYS A 1 16  ? -6.723  -8.479  0.848   1.00 19.94 ? 16  LYS A C   1 
ATOM   118  O  O   . LYS A 1 16  ? -7.288  -7.491  1.318   1.00 19.11 ? 16  LYS A O   1 
ATOM   119  C  CB  . LYS A 1 16  ? -8.165  -10.355 1.530   1.00 23.20 ? 16  LYS A CB  1 
ATOM   120  C  CG  . LYS A 1 16  ? -8.336  -11.793 1.925   1.00 25.45 ? 16  LYS A CG  1 
ATOM   121  C  CD  . LYS A 1 16  ? -7.803  -12.723 0.862   1.00 28.29 ? 16  LYS A CD  1 
ATOM   122  C  CE  . LYS A 1 16  ? -8.247  -14.153 1.130   1.00 28.48 ? 16  LYS A CE  1 
ATOM   123  N  NZ  . LYS A 1 16  ? -7.747  -14.616 2.451   1.00 32.99 ? 16  LYS A NZ  1 
ATOM   124  N  N   . ALA A 1 17  ? -6.106  -8.471  -0.323  1.00 19.95 ? 17  ALA A N   1 
ATOM   125  C  CA  . ALA A 1 17  ? -6.024  -7.263  -1.131  1.00 18.88 ? 17  ALA A CA  1 
ATOM   126  C  C   . ALA A 1 17  ? -6.954  -7.321  -2.351  1.00 18.86 ? 17  ALA A C   1 
ATOM   127  O  O   . ALA A 1 17  ? -7.382  -8.399  -2.793  1.00 19.11 ? 17  ALA A O   1 
ATOM   128  C  CB  . ALA A 1 17  ? -4.579  -7.056  -1.590  1.00 16.86 ? 17  ALA A CB  1 
ATOM   129  N  N   . THR A 1 18  ? -7.270  -6.147  -2.878  1.00 18.18 ? 18  THR A N   1 
ATOM   130  C  CA  . THR A 1 18  ? -8.096  -6.015  -4.075  1.00 19.71 ? 18  THR A CA  1 
ATOM   131  C  C   . THR A 1 18  ? -7.810  -4.628  -4.675  1.00 19.31 ? 18  THR A C   1 
ATOM   132  O  O   . THR A 1 18  ? -7.154  -3.811  -4.044  1.00 20.17 ? 18  THR A O   1 
ATOM   133  C  CB  . THR A 1 18  ? -9.630  -6.173  -3.765  1.00 18.21 ? 18  THR A CB  1 
ATOM   134  O  OG1 . THR A 1 18  ? -10.338 -6.278  -5.001  1.00 17.81 ? 18  THR A OG1 1 
ATOM   135  C  CG2 . THR A 1 18  ? -10.179 -4.980  -2.989  1.00 18.28 ? 18  THR A CG2 1 
ATOM   136  N  N   . GLN A 1 19  ? -8.266  -4.366  -5.892  1.00 19.60 ? 19  GLN A N   1 
ATOM   137  C  CA  . GLN A 1 19  ? -8.033  -3.061  -6.484  1.00 20.36 ? 19  GLN A CA  1 
ATOM   138  C  C   . GLN A 1 19  ? -9.197  -2.683  -7.394  1.00 21.24 ? 19  GLN A C   1 
ATOM   139  O  O   . GLN A 1 19  ? -9.999  -3.537  -7.772  1.00 21.72 ? 19  GLN A O   1 
ATOM   140  C  CB  . GLN A 1 19  ? -6.695  -3.050  -7.242  1.00 19.82 ? 19  GLN A CB  1 
ATOM   141  C  CG  . GLN A 1 19  ? -6.625  -3.919  -8.494  1.00 20.46 ? 19  GLN A CG  1 
ATOM   142  C  CD  . GLN A 1 19  ? -5.244  -3.900  -9.124  1.00 22.43 ? 19  GLN A CD  1 
ATOM   143  O  OE1 . GLN A 1 19  ? -4.637  -2.840  -9.232  1.00 25.97 ? 19  GLN A OE1 1 
ATOM   144  N  NE2 . GLN A 1 19  ? -4.744  -5.064  -9.545  1.00 20.81 ? 19  GLN A NE2 1 
ATOM   145  N  N   . SER A 1 20  ? -9.296  -1.397  -7.729  1.00 22.09 ? 20  SER A N   1 
ATOM   146  C  CA  . SER A 1 20  ? -10.374 -0.901  -8.571  1.00 22.39 ? 20  SER A CA  1 
ATOM   147  C  C   . SER A 1 20  ? -10.460 -1.636  -9.905  1.00 21.22 ? 20  SER A C   1 
ATOM   148  O  O   . SER A 1 20  ? -11.533 -2.043  -10.319 1.00 21.27 ? 20  SER A O   1 
ATOM   149  C  CB  . SER A 1 20  ? -10.216 0.612   -8.806  1.00 23.73 ? 20  SER A CB  1 
ATOM   150  O  OG  . SER A 1 20  ? -8.980  0.943   -9.428  1.00 25.48 ? 20  SER A OG  1 
ATOM   151  N  N   . ALA A 1 21  ? -9.328  -1.808  -10.577 1.00 21.39 ? 21  ALA A N   1 
ATOM   152  C  CA  . ALA A 1 21  ? -9.315  -2.503  -11.854 1.00 21.51 ? 21  ALA A CA  1 
ATOM   153  C  C   . ALA A 1 21  ? -7.892  -2.925  -12.160 1.00 21.84 ? 21  ALA A C   1 
ATOM   154  O  O   . ALA A 1 21  ? -6.964  -2.141  -12.017 1.00 22.98 ? 21  ALA A O   1 
ATOM   155  C  CB  . ALA A 1 21  ? -9.862  -1.597  -12.967 1.00 21.36 ? 21  ALA A CB  1 
ATOM   156  N  N   . GLN A 1 22  ? -7.733  -4.174  -12.578 1.00 21.63 ? 22  GLN A N   1 
ATOM   157  C  CA  . GLN A 1 22  ? -6.422  -4.727  -12.894 1.00 22.99 ? 22  GLN A CA  1 
ATOM   158  C  C   . GLN A 1 22  ? -5.948  -4.438  -14.322 1.00 22.46 ? 22  GLN A C   1 
ATOM   159  O  O   . GLN A 1 22  ? -6.763  -4.291  -15.248 1.00 23.14 ? 22  GLN A O   1 
ATOM   160  C  CB  . GLN A 1 22  ? -6.451  -6.241  -12.669 1.00 21.85 ? 22  GLN A CB  1 
ATOM   161  C  CG  . GLN A 1 22  ? -5.118  -6.931  -12.844 1.00 23.42 ? 22  GLN A CG  1 
ATOM   162  C  CD  . GLN A 1 22  ? -5.240  -8.420  -12.665 1.00 25.42 ? 22  GLN A CD  1 
ATOM   163  O  OE1 . GLN A 1 22  ? -5.746  -8.890  -11.651 1.00 28.13 ? 22  GLN A OE1 1 
ATOM   164  N  NE2 . GLN A 1 22  ? -4.786  -9.172  -13.647 1.00 28.60 ? 22  GLN A NE2 1 
ATOM   165  N  N   . LEU A 1 23  ? -4.627  -4.365  -14.492 1.00 22.86 ? 23  LEU A N   1 
ATOM   166  C  CA  . LEU A 1 23  ? -4.032  -4.140  -15.812 1.00 21.66 ? 23  LEU A CA  1 
ATOM   167  C  C   . LEU A 1 23  ? -4.417  -5.323  -16.694 1.00 23.64 ? 23  LEU A C   1 
ATOM   168  O  O   . LEU A 1 23  ? -4.279  -6.483  -16.276 1.00 23.94 ? 23  LEU A O   1 
ATOM   169  C  CB  . LEU A 1 23  ? -2.503  -4.072  -15.730 1.00 19.43 ? 23  LEU A CB  1 
ATOM   170  C  CG  . LEU A 1 23  ? -1.774  -4.035  -17.084 1.00 18.41 ? 23  LEU A CG  1 
ATOM   171  C  CD1 . LEU A 1 23  ? -2.057  -2.726  -17.798 1.00 17.65 ? 23  LEU A CD1 1 
ATOM   172  C  CD2 . LEU A 1 23  ? -0.284  -4.211  -16.868 1.00 18.93 ? 23  LEU A CD2 1 
ATOM   173  N  N   . ARG A 1 24  ? -4.901  -5.041  -17.903 1.00 25.09 ? 24  ARG A N   1 
ATOM   174  C  CA  . ARG A 1 24  ? -5.283  -6.105  -18.812 1.00 25.79 ? 24  ARG A CA  1 
ATOM   175  C  C   . ARG A 1 24  ? -4.271  -6.249  -19.911 1.00 26.18 ? 24  ARG A C   1 
ATOM   176  O  O   . ARG A 1 24  ? -3.405  -5.388  -20.107 1.00 26.57 ? 24  ARG A O   1 
ATOM   177  C  CB  . ARG A 1 24  ? -6.644  -5.836  -19.428 1.00 27.45 ? 24  ARG A CB  1 
ATOM   178  C  CG  . ARG A 1 24  ? -7.769  -5.891  -18.437 1.00 31.50 ? 24  ARG A CG  1 
ATOM   179  C  CD  . ARG A 1 24  ? -9.059  -5.608  -19.129 1.00 34.63 ? 24  ARG A CD  1 
ATOM   180  N  NE  . ARG A 1 24  ? -9.214  -6.531  -20.239 1.00 42.62 ? 24  ARG A NE  1 
ATOM   181  C  CZ  . ARG A 1 24  ? -10.066 -6.342  -21.238 1.00 46.61 ? 24  ARG A CZ  1 
ATOM   182  N  NH1 . ARG A 1 24  ? -10.834 -5.255  -21.242 1.00 48.44 ? 24  ARG A NH1 1 
ATOM   183  N  NH2 . ARG A 1 24  ? -10.134 -7.219  -22.240 1.00 46.92 ? 24  ARG A NH2 1 
ATOM   184  N  N   . GLY A 1 25  ? -4.376  -7.361  -20.621 1.00 25.69 ? 25  GLY A N   1 
ATOM   185  C  CA  . GLY A 1 25  ? -3.474  -7.601  -21.717 1.00 25.17 ? 25  GLY A CA  1 
ATOM   186  C  C   . GLY A 1 25  ? -2.235  -8.410  -21.421 1.00 24.44 ? 25  GLY A C   1 
ATOM   187  O  O   . GLY A 1 25  ? -2.163  -9.230  -20.505 1.00 24.72 ? 25  GLY A O   1 
ATOM   188  N  N   . GLU A 1 26  ? -1.240  -8.133  -22.240 1.00 25.00 ? 26  GLU A N   1 
ATOM   189  C  CA  . GLU A 1 26  ? 0.049   -8.791  -22.202 1.00 26.59 ? 26  GLU A CA  1 
ATOM   190  C  C   . GLU A 1 26  ? 0.671   -9.074  -20.835 1.00 26.09 ? 26  GLU A C   1 
ATOM   191  O  O   . GLU A 1 26  ? 1.154   -10.177 -20.590 1.00 26.64 ? 26  GLU A O   1 
ATOM   192  C  CB  . GLU A 1 26  ? 1.027   -7.973  -23.044 1.00 28.61 ? 26  GLU A CB  1 
ATOM   193  C  CG  . GLU A 1 26  ? 2.359   -8.635  -23.248 1.00 31.08 ? 26  GLU A CG  1 
ATOM   194  C  CD  . GLU A 1 26  ? 3.298   -7.789  -24.073 1.00 34.37 ? 26  GLU A CD  1 
ATOM   195  O  OE1 . GLU A 1 26  ? 4.452   -8.235  -24.279 1.00 36.56 ? 26  GLU A OE1 1 
ATOM   196  O  OE2 . GLU A 1 26  ? 2.881   -6.684  -24.507 1.00 34.90 ? 26  GLU A OE2 1 
ATOM   197  N  N   . HIS A 1 27  ? 0.666   -8.089  -19.948 1.00 25.01 ? 27  HIS A N   1 
ATOM   198  C  CA  . HIS A 1 27  ? 1.300   -8.266  -18.650 1.00 24.02 ? 27  HIS A CA  1 
ATOM   199  C  C   . HIS A 1 27  ? 0.310   -8.423  -17.537 1.00 22.29 ? 27  HIS A C   1 
ATOM   200  O  O   . HIS A 1 27  ? 0.685   -8.323  -16.370 1.00 23.54 ? 27  HIS A O   1 
ATOM   201  C  CB  . HIS A 1 27  ? 2.208   -7.071  -18.344 1.00 24.54 ? 27  HIS A CB  1 
ATOM   202  C  CG  . HIS A 1 27  ? 3.189   -6.775  -19.430 1.00 24.87 ? 27  HIS A CG  1 
ATOM   203  N  ND1 . HIS A 1 27  ? 4.113   -7.701  -19.871 1.00 26.68 ? 27  HIS A ND1 1 
ATOM   204  C  CD2 . HIS A 1 27  ? 3.354   -5.678  -20.208 1.00 24.09 ? 27  HIS A CD2 1 
ATOM   205  C  CE1 . HIS A 1 27  ? 4.801   -7.190  -20.877 1.00 27.28 ? 27  HIS A CE1 1 
ATOM   206  N  NE2 . HIS A 1 27  ? 4.359   -5.964  -21.102 1.00 27.36 ? 27  HIS A NE2 1 
ATOM   207  N  N   . ALA A 1 28  ? -0.946  -8.663  -17.892 1.00 21.38 ? 28  ALA A N   1 
ATOM   208  C  CA  . ALA A 1 28  ? -2.012  -8.832  -16.908 1.00 21.15 ? 28  ALA A CA  1 
ATOM   209  C  C   . ALA A 1 28  ? -1.705  -9.887  -15.822 1.00 20.88 ? 28  ALA A C   1 
ATOM   210  O  O   . ALA A 1 28  ? -2.126  -9.737  -14.673 1.00 19.56 ? 28  ALA A O   1 
ATOM   211  C  CB  . ALA A 1 28  ? -3.309  -9.181  -17.628 1.00 20.39 ? 28  ALA A CB  1 
ATOM   212  N  N   . ALA A 1 29  ? -0.959  -10.934 -16.184 1.00 21.88 ? 29  ALA A N   1 
ATOM   213  C  CA  . ALA A 1 29  ? -0.605  -12.018 -15.259 1.00 23.16 ? 29  ALA A CA  1 
ATOM   214  C  C   . ALA A 1 29  ? 0.352   -11.654 -14.123 1.00 24.39 ? 29  ALA A C   1 
ATOM   215  O  O   . ALA A 1 29  ? 0.470   -12.400 -13.141 1.00 25.36 ? 29  ALA A O   1 
ATOM   216  C  CB  . ALA A 1 29  ? -0.024  -13.192 -16.043 1.00 23.43 ? 29  ALA A CB  1 
ATOM   217  N  N   . ASN A 1 30  ? 1.044   -10.525 -14.262 1.00 24.92 ? 30  ASN A N   1 
ATOM   218  C  CA  . ASN A 1 30  ? 2.003   -10.058 -13.258 1.00 24.98 ? 30  ASN A CA  1 
ATOM   219  C  C   . ASN A 1 30  ? 1.381   -8.954  -12.401 1.00 22.69 ? 30  ASN A C   1 
ATOM   220  O  O   . ASN A 1 30  ? 2.041   -8.419  -11.530 1.00 23.55 ? 30  ASN A O   1 
ATOM   221  C  CB  . ASN A 1 30  ? 3.248   -9.431  -13.932 1.00 27.10 ? 30  ASN A CB  1 
ATOM   222  C  CG  . ASN A 1 30  ? 4.058   -10.414 -14.801 1.00 32.00 ? 30  ASN A CG  1 
ATOM   223  O  OD1 . ASN A 1 30  ? 4.350   -11.553 -14.402 1.00 34.70 ? 30  ASN A OD1 1 
ATOM   224  N  ND2 . ASN A 1 30  ? 4.461   -9.947  -15.985 1.00 33.20 ? 30  ASN A ND2 1 
ATOM   225  N  N   . SER A 1 31  ? 0.113   -8.630  -12.647 1.00 22.87 ? 31  SER A N   1 
ATOM   226  C  CA  . SER A 1 31  ? -0.569  -7.504  -12.002 1.00 20.36 ? 31  SER A CA  1 
ATOM   227  C  C   . SER A 1 31  ? -1.502  -7.653  -10.799 1.00 19.50 ? 31  SER A C   1 
ATOM   228  O  O   . SER A 1 31  ? -2.040  -6.646  -10.340 1.00 18.74 ? 31  SER A O   1 
ATOM   229  C  CB  . SER A 1 31  ? -1.345  -6.756  -13.089 1.00 20.56 ? 31  SER A CB  1 
ATOM   230  O  OG  . SER A 1 31  ? -0.493  -6.422  -14.175 1.00 24.09 ? 31  SER A OG  1 
ATOM   231  N  N   . GLU A 1 32  ? -1.709  -8.868  -10.301 1.00 18.54 ? 32  GLU A N   1 
ATOM   232  C  CA  . GLU A 1 32  ? -2.631  -9.101  -9.191  1.00 20.16 ? 32  GLU A CA  1 
ATOM   233  C  C   . GLU A 1 32  ? -2.471  -8.239  -7.941  1.00 19.32 ? 32  GLU A C   1 
ATOM   234  O  O   . GLU A 1 32  ? -1.364  -8.029  -7.449  1.00 19.94 ? 32  GLU A O   1 
ATOM   235  C  CB  . GLU A 1 32  ? -2.599  -10.572 -8.793  1.00 23.61 ? 32  GLU A CB  1 
ATOM   236  C  CG  . GLU A 1 32  ? -3.822  -11.366 -9.225  1.00 31.29 ? 32  GLU A CG  1 
ATOM   237  C  CD  . GLU A 1 32  ? -4.972  -11.345 -8.212  1.00 33.50 ? 32  GLU A CD  1 
ATOM   238  O  OE1 . GLU A 1 32  ? -4.730  -11.184 -6.997  1.00 36.41 ? 32  GLU A OE1 1 
ATOM   239  O  OE2 . GLU A 1 32  ? -6.129  -11.524 -8.633  1.00 34.84 ? 32  GLU A OE2 1 
ATOM   240  N  N   . ALA A 1 33  ? -3.601  -7.759  -7.426  1.00 18.11 ? 33  ALA A N   1 
ATOM   241  C  CA  . ALA A 1 33  ? -3.616  -6.921  -6.236  1.00 17.67 ? 33  ALA A CA  1 
ATOM   242  C  C   . ALA A 1 33  ? -2.882  -7.599  -5.081  1.00 17.84 ? 33  ALA A C   1 
ATOM   243  O  O   . ALA A 1 33  ? -2.235  -6.932  -4.265  1.00 17.54 ? 33  ALA A O   1 
ATOM   244  C  CB  . ALA A 1 33  ? -5.061  -6.616  -5.830  1.00 14.74 ? 33  ALA A CB  1 
ATOM   245  N  N   . SER A 1 34  ? -2.975  -8.925  -5.017  1.00 17.63 ? 34  SER A N   1 
ATOM   246  C  CA  . SER A 1 34  ? -2.341  -9.693  -3.945  1.00 18.53 ? 34  SER A CA  1 
ATOM   247  C  C   . SER A 1 34  ? -0.819  -9.535  -3.893  1.00 18.95 ? 34  SER A C   1 
ATOM   248  O  O   . SER A 1 34  ? -0.202  -9.744  -2.849  1.00 19.67 ? 34  SER A O   1 
ATOM   249  C  CB  . SER A 1 34  ? -2.693  -11.182 -4.086  1.00 18.74 ? 34  SER A CB  1 
ATOM   250  O  OG  . SER A 1 34  ? -2.188  -11.717 -5.300  1.00 21.17 ? 34  SER A OG  1 
ATOM   251  N  N   . ASN A 1 35  ? -0.221  -9.147  -5.017  1.00 19.05 ? 35  ASN A N   1 
ATOM   252  C  CA  . ASN A 1 35  ? 1.226   -8.990  -5.110  1.00 18.03 ? 35  ASN A CA  1 
ATOM   253  C  C   . ASN A 1 35  ? 1.817   -7.960  -4.152  1.00 17.76 ? 35  ASN A C   1 
ATOM   254  O  O   . ASN A 1 35  ? 2.984   -8.064  -3.801  1.00 17.96 ? 35  ASN A O   1 
ATOM   255  C  CB  . ASN A 1 35  ? 1.643   -8.651  -6.558  1.00 16.82 ? 35  ASN A CB  1 
ATOM   256  C  CG  . ASN A 1 35  ? 1.452   -9.824  -7.520  1.00 17.29 ? 35  ASN A CG  1 
ATOM   257  O  OD1 . ASN A 1 35  ? 1.293   -10.974 -7.087  1.00 17.96 ? 35  ASN A OD1 1 
ATOM   258  N  ND2 . ASN A 1 35  ? 1.476   -9.541  -8.833  1.00 15.37 ? 35  ASN A ND2 1 
ATOM   259  N  N   . ALA A 1 36  ? 1.025   -6.971  -3.737  1.00 18.08 ? 36  ALA A N   1 
ATOM   260  C  CA  . ALA A 1 36  ? 1.508   -5.935  -2.826  1.00 18.93 ? 36  ALA A CA  1 
ATOM   261  C  C   . ALA A 1 36  ? 1.569   -6.381  -1.365  1.00 19.31 ? 36  ALA A C   1 
ATOM   262  O  O   . ALA A 1 36  ? 2.014   -5.617  -0.518  1.00 19.85 ? 36  ALA A O   1 
ATOM   263  C  CB  . ALA A 1 36  ? 0.655   -4.679  -2.946  1.00 16.19 ? 36  ALA A CB  1 
ATOM   264  N  N   . ILE A 1 37  ? 1.127   -7.603  -1.063  1.00 19.15 ? 37  ILE A N   1 
ATOM   265  C  CA  . ILE A 1 37  ? 1.182   -8.105  0.313   1.00 18.31 ? 37  ILE A CA  1 
ATOM   266  C  C   . ILE A 1 37  ? 1.672   -9.550  0.378   1.00 18.58 ? 37  ILE A C   1 
ATOM   267  O  O   . ILE A 1 37  ? 1.256   -10.329 1.250   1.00 17.46 ? 37  ILE A O   1 
ATOM   268  C  CB  . ILE A 1 37  ? -0.198  -7.992  1.053   1.00 19.28 ? 37  ILE A CB  1 
ATOM   269  C  CG1 . ILE A 1 37  ? -1.305  -8.723  0.278   1.00 17.50 ? 37  ILE A CG1 1 
ATOM   270  C  CG2 . ILE A 1 37  ? -0.542  -6.508  1.278   1.00 18.46 ? 37  ILE A CG2 1 
ATOM   271  C  CD1 . ILE A 1 37  ? -2.621  -8.848  1.060   1.00 15.42 ? 37  ILE A CD1 1 
ATOM   272  N  N   . ASP A 1 38  ? 2.571   -9.896  -0.551  1.00 19.36 ? 38  ASP A N   1 
ATOM   273  C  CA  . ASP A 1 38  ? 3.131   -11.254 -0.611  1.00 19.97 ? 38  ASP A CA  1 
ATOM   274  C  C   . ASP A 1 38  ? 4.490   -11.396 0.101   1.00 20.45 ? 38  ASP A C   1 
ATOM   275  O  O   . ASP A 1 38  ? 5.173   -12.420 -0.071  1.00 20.91 ? 38  ASP A O   1 
ATOM   276  C  CB  . ASP A 1 38  ? 3.253   -11.719 -2.073  1.00 17.24 ? 38  ASP A CB  1 
ATOM   277  C  CG  . ASP A 1 38  ? 4.330   -10.975 -2.837  1.00 17.87 ? 38  ASP A CG  1 
ATOM   278  O  OD1 . ASP A 1 38  ? 4.836   -9.975  -2.312  1.00 19.15 ? 38  ASP A OD1 1 
ATOM   279  O  OD2 . ASP A 1 38  ? 4.672   -11.382 -3.962  1.00 19.33 ? 38  ASP A OD2 1 
ATOM   280  N  N   . GLY A 1 39  ? 4.848   -10.376 0.900   1.00 20.76 ? 39  GLY A N   1 
ATOM   281  C  CA  . GLY A 1 39  ? 6.093   -10.343 1.663   1.00 20.54 ? 39  GLY A CA  1 
ATOM   282  C  C   . GLY A 1 39  ? 7.380   -10.236 0.850   1.00 20.61 ? 39  GLY A C   1 
ATOM   283  O  O   . GLY A 1 39  ? 8.446   -10.618 1.324   1.00 22.10 ? 39  GLY A O   1 
ATOM   284  N  N   . ASN A 1 40  ? 7.284   -9.694  -0.361  1.00 20.20 ? 40  ASN A N   1 
ATOM   285  C  CA  . ASN A 1 40  ? 8.419   -9.571  -1.272  1.00 18.93 ? 40  ASN A CA  1 
ATOM   286  C  C   . ASN A 1 40  ? 8.473   -8.147  -1.830  1.00 19.73 ? 40  ASN A C   1 
ATOM   287  O  O   . ASN A 1 40  ? 7.544   -7.704  -2.502  1.00 19.74 ? 40  ASN A O   1 
ATOM   288  C  CB  . ASN A 1 40  ? 8.238   -10.577 -2.419  1.00 17.88 ? 40  ASN A CB  1 
ATOM   289  C  CG  . ASN A 1 40  ? 9.447   -10.670 -3.334  1.00 17.13 ? 40  ASN A CG  1 
ATOM   290  O  OD1 . ASN A 1 40  ? 10.351  -9.830  -3.305  1.00 17.96 ? 40  ASN A OD1 1 
ATOM   291  N  ND2 . ASN A 1 40  ? 9.458   -11.699 -4.166  1.00 16.88 ? 40  ASN A ND2 1 
ATOM   292  N  N   . ARG A 1 41  ? 9.566   -7.440  -1.563  1.00 20.27 ? 41  ARG A N   1 
ATOM   293  C  CA  . ARG A 1 41  ? 9.721   -6.074  -2.037  1.00 19.84 ? 41  ARG A CA  1 
ATOM   294  C  C   . ARG A 1 41  ? 10.309  -5.922  -3.442  1.00 20.16 ? 41  ARG A C   1 
ATOM   295  O  O   . ARG A 1 41  ? 10.519  -4.797  -3.908  1.00 21.76 ? 41  ARG A O   1 
ATOM   296  C  CB  . ARG A 1 41  ? 10.573  -5.278  -1.054  1.00 21.10 ? 41  ARG A CB  1 
ATOM   297  C  CG  . ARG A 1 41  ? 9.925   -5.041  0.290   1.00 20.75 ? 41  ARG A CG  1 
ATOM   298  C  CD  . ARG A 1 41  ? 10.884  -4.253  1.148   1.00 22.45 ? 41  ARG A CD  1 
ATOM   299  N  NE  . ARG A 1 41  ? 10.308  -3.873  2.432   1.00 23.75 ? 41  ARG A NE  1 
ATOM   300  C  CZ  . ARG A 1 41  ? 10.996  -3.302  3.417   1.00 25.31 ? 41  ARG A CZ  1 
ATOM   301  N  NH1 . ARG A 1 41  ? 12.293  -3.045  3.258   1.00 22.56 ? 41  ARG A NH1 1 
ATOM   302  N  NH2 . ARG A 1 41  ? 10.387  -2.989  4.562   1.00 23.46 ? 41  ARG A NH2 1 
ATOM   303  N  N   . ASP A 1 42  ? 10.569  -7.034  -4.117  1.00 20.50 ? 42  ASP A N   1 
ATOM   304  C  CA  . ASP A 1 42  ? 11.132  -6.988  -5.469  1.00 20.33 ? 42  ASP A CA  1 
ATOM   305  C  C   . ASP A 1 42  ? 10.375  -5.943  -6.291  1.00 20.70 ? 42  ASP A C   1 
ATOM   306  O  O   . ASP A 1 42  ? 9.159   -6.057  -6.491  1.00 20.61 ? 42  ASP A O   1 
ATOM   307  C  CB  . ASP A 1 42  ? 11.019  -8.370  -6.135  1.00 21.20 ? 42  ASP A CB  1 
ATOM   308  C  CG  . ASP A 1 42  ? 11.940  -8.526  -7.359  1.00 21.38 ? 42  ASP A CG  1 
ATOM   309  O  OD1 . ASP A 1 42  ? 12.326  -7.503  -7.981  1.00 20.66 ? 42  ASP A OD1 1 
ATOM   310  O  OD2 . ASP A 1 42  ? 12.262  -9.687  -7.707  1.00 21.79 ? 42  ASP A OD2 1 
ATOM   311  N  N   . SER A 1 43  ? 11.096  -4.928  -6.769  1.00 20.71 ? 43  SER A N   1 
ATOM   312  C  CA  . SER A 1 43  ? 10.476  -3.853  -7.545  1.00 21.17 ? 43  SER A CA  1 
ATOM   313  C  C   . SER A 1 43  ? 10.576  -3.993  -9.064  1.00 19.98 ? 43  SER A C   1 
ATOM   314  O  O   . SER A 1 43  ? 10.205  -3.088  -9.802  1.00 20.45 ? 43  SER A O   1 
ATOM   315  C  CB  . SER A 1 43  ? 11.013  -2.481  -7.103  1.00 21.36 ? 43  SER A CB  1 
ATOM   316  O  OG  . SER A 1 43  ? 12.368  -2.300  -7.470  1.00 23.28 ? 43  SER A OG  1 
ATOM   317  N  N   . ASN A 1 44  ? 11.098  -5.118  -9.529  1.00 20.90 ? 44  ASN A N   1 
ATOM   318  C  CA  . ASN A 1 44  ? 11.133  -5.366  -10.961 1.00 21.28 ? 44  ASN A CA  1 
ATOM   319  C  C   . ASN A 1 44  ? 9.741   -5.956  -11.251 1.00 20.99 ? 44  ASN A C   1 
ATOM   320  O  O   . ASN A 1 44  ? 9.475   -7.130  -10.954 1.00 21.20 ? 44  ASN A O   1 
ATOM   321  C  CB  . ASN A 1 44  ? 12.224  -6.383  -11.314 1.00 20.98 ? 44  ASN A CB  1 
ATOM   322  C  CG  . ASN A 1 44  ? 12.323  -6.650  -12.824 1.00 22.60 ? 44  ASN A CG  1 
ATOM   323  O  OD1 . ASN A 1 44  ? 13.255  -7.306  -13.267 1.00 25.49 ? 44  ASN A OD1 1 
ATOM   324  N  ND2 . ASN A 1 44  ? 11.362  -6.149  -13.606 1.00 20.27 ? 44  ASN A ND2 1 
ATOM   325  N  N   . PHE A 1 45  ? 8.848   -5.133  -11.802 1.00 20.58 ? 45  PHE A N   1 
ATOM   326  C  CA  . PHE A 1 45  ? 7.483   -5.562  -12.110 1.00 21.48 ? 45  PHE A CA  1 
ATOM   327  C  C   . PHE A 1 45  ? 7.443   -6.922  -12.832 1.00 21.43 ? 45  PHE A C   1 
ATOM   328  O  O   . PHE A 1 45  ? 6.549   -7.739  -12.612 1.00 20.10 ? 45  PHE A O   1 
ATOM   329  C  CB  . PHE A 1 45  ? 6.793   -4.497  -12.974 1.00 20.74 ? 45  PHE A CB  1 
ATOM   330  C  CG  . PHE A 1 45  ? 5.439   -4.917  -13.502 1.00 21.52 ? 45  PHE A CG  1 
ATOM   331  C  CD1 . PHE A 1 45  ? 4.324   -4.938  -12.671 1.00 21.57 ? 45  PHE A CD1 1 
ATOM   332  C  CD2 . PHE A 1 45  ? 5.290   -5.333  -14.834 1.00 22.22 ? 45  PHE A CD2 1 
ATOM   333  C  CE1 . PHE A 1 45  ? 3.068   -5.373  -13.156 1.00 20.58 ? 45  PHE A CE1 1 
ATOM   334  C  CE2 . PHE A 1 45  ? 4.037   -5.770  -15.321 1.00 22.45 ? 45  PHE A CE2 1 
ATOM   335  C  CZ  . PHE A 1 45  ? 2.929   -5.788  -14.474 1.00 20.44 ? 45  PHE A CZ  1 
ATOM   336  N  N   . TYR A 1 46  ? 8.424   -7.166  -13.692 1.00 22.84 ? 46  TYR A N   1 
ATOM   337  C  CA  . TYR A 1 46  ? 8.447   -8.409  -14.441 1.00 24.82 ? 46  TYR A CA  1 
ATOM   338  C  C   . TYR A 1 46  ? 8.716   -9.692  -13.668 1.00 24.50 ? 46  TYR A C   1 
ATOM   339  O  O   . TYR A 1 46  ? 8.617   -10.783 -14.241 1.00 25.70 ? 46  TYR A O   1 
ATOM   340  C  CB  . TYR A 1 46  ? 9.382   -8.274  -15.641 1.00 25.21 ? 46  TYR A CB  1 
ATOM   341  C  CG  . TYR A 1 46  ? 8.830   -7.252  -16.604 1.00 28.06 ? 46  TYR A CG  1 
ATOM   342  C  CD1 . TYR A 1 46  ? 9.267   -5.929  -16.569 1.00 30.88 ? 46  TYR A CD1 1 
ATOM   343  C  CD2 . TYR A 1 46  ? 7.813   -7.590  -17.501 1.00 29.00 ? 46  TYR A CD2 1 
ATOM   344  C  CE1 . TYR A 1 46  ? 8.709   -4.966  -17.404 1.00 32.80 ? 46  TYR A CE1 1 
ATOM   345  C  CE2 . TYR A 1 46  ? 7.249   -6.649  -18.333 1.00 31.84 ? 46  TYR A CE2 1 
ATOM   346  C  CZ  . TYR A 1 46  ? 7.703   -5.333  -18.287 1.00 34.51 ? 46  TYR A CZ  1 
ATOM   347  O  OH  . TYR A 1 46  ? 7.182   -4.392  -19.155 1.00 37.88 ? 46  TYR A OH  1 
ATOM   348  N  N   . HIS A 1 47  ? 9.021   -9.573  -12.375 1.00 23.37 ? 47  HIS A N   1 
ATOM   349  C  CA  . HIS A 1 47  ? 9.239   -10.756 -11.548 1.00 21.55 ? 47  HIS A CA  1 
ATOM   350  C  C   . HIS A 1 47  ? 7.915   -11.258 -10.941 1.00 20.76 ? 47  HIS A C   1 
ATOM   351  O  O   . HIS A 1 47  ? 7.845   -12.358 -10.384 1.00 20.10 ? 47  HIS A O   1 
ATOM   352  C  CB  . HIS A 1 47  ? 10.268  -10.458 -10.463 1.00 20.38 ? 47  HIS A CB  1 
ATOM   353  C  CG  . HIS A 1 47  ? 11.676  -10.446 -10.969 1.00 22.09 ? 47  HIS A CG  1 
ATOM   354  N  ND1 . HIS A 1 47  ? 12.756  -10.153 -10.164 1.00 21.93 ? 47  HIS A ND1 1 
ATOM   355  C  CD2 . HIS A 1 47  ? 12.180  -10.696 -12.203 1.00 21.79 ? 47  HIS A CD2 1 
ATOM   356  C  CE1 . HIS A 1 47  ? 13.866  -10.225 -10.880 1.00 22.93 ? 47  HIS A CE1 1 
ATOM   357  N  NE2 . HIS A 1 47  ? 13.544  -10.553 -12.120 1.00 22.95 ? 47  HIS A NE2 1 
ATOM   358  N  N   . GLY A 1 48  ? 6.865   -10.444 -11.058 1.00 20.42 ? 48  GLY A N   1 
ATOM   359  C  CA  . GLY A 1 48  ? 5.558   -10.840 -10.562 1.00 19.19 ? 48  GLY A CA  1 
ATOM   360  C  C   . GLY A 1 48  ? 5.205   -10.525 -9.119  1.00 19.67 ? 48  GLY A C   1 
ATOM   361  O  O   . GLY A 1 48  ? 4.296   -11.146 -8.579  1.00 19.81 ? 48  GLY A O   1 
ATOM   362  N  N   . SER A 1 49  ? 5.902   -9.583  -8.483  1.00 18.91 ? 49  SER A N   1 
ATOM   363  C  CA  . SER A 1 49  ? 5.576   -9.243  -7.105  1.00 19.55 ? 49  SER A CA  1 
ATOM   364  C  C   . SER A 1 49  ? 5.026   -7.810  -6.940  1.00 19.79 ? 49  SER A C   1 
ATOM   365  O  O   . SER A 1 49  ? 5.044   -7.257  -5.852  1.00 21.07 ? 49  SER A O   1 
ATOM   366  C  CB  . SER A 1 49  ? 6.784   -9.472  -6.193  1.00 18.56 ? 49  SER A CB  1 
ATOM   367  O  OG  . SER A 1 49  ? 6.371   -9.648  -4.841  1.00 20.16 ? 49  SER A OG  1 
ATOM   368  N  N   . CYS A 1 50  ? 4.516   -7.224  -8.020  1.00 19.60 ? 50  CYS A N   1 
ATOM   369  C  CA  . CYS A 1 50  ? 3.938   -5.881  -7.948  1.00 21.67 ? 50  CYS A CA  1 
ATOM   370  C  C   . CYS A 1 50  ? 2.515   -5.886  -8.517  1.00 21.26 ? 50  CYS A C   1 
ATOM   371  O  O   . CYS A 1 50  ? 2.178   -6.704  -9.385  1.00 21.79 ? 50  CYS A O   1 
ATOM   372  C  CB  . CYS A 1 50  ? 4.771   -4.862  -8.750  1.00 21.62 ? 50  CYS A CB  1 
ATOM   373  S  SG  . CYS A 1 50  ? 6.562   -4.825  -8.422  1.00 23.37 ? 50  CYS A SG  1 
ATOM   374  N  N   . THR A 1 51  ? 1.683   -4.971  -8.023  1.00 22.92 ? 51  THR A N   1 
ATOM   375  C  CA  . THR A 1 51  ? 0.313   -4.835  -8.514  1.00 23.65 ? 51  THR A CA  1 
ATOM   376  C  C   . THR A 1 51  ? 0.354   -3.842  -9.677  1.00 23.36 ? 51  THR A C   1 
ATOM   377  O  O   . THR A 1 51  ? 1.349   -3.141  -9.869  1.00 24.88 ? 51  THR A O   1 
ATOM   378  C  CB  . THR A 1 51  ? -0.630  -4.251  -7.444  1.00 25.16 ? 51  THR A CB  1 
ATOM   379  O  OG1 . THR A 1 51  ? -0.325  -2.861  -7.251  1.00 27.83 ? 51  THR A OG1 1 
ATOM   380  C  CG2 . THR A 1 51  ? -0.469  -4.994  -6.129  1.00 23.74 ? 51  THR A CG2 1 
ATOM   381  N  N   . HIS A 1 52  ? -0.709  -3.790  -10.462 1.00 20.80 ? 52  HIS A N   1 
ATOM   382  C  CA  . HIS A 1 52  ? -0.759  -2.837  -11.563 1.00 20.76 ? 52  HIS A CA  1 
ATOM   383  C  C   . HIS A 1 52  ? -2.235  -2.615  -11.912 1.00 20.39 ? 52  HIS A C   1 
ATOM   384  O  O   . HIS A 1 52  ? -2.967  -3.570  -12.212 1.00 19.50 ? 52  HIS A O   1 
ATOM   385  C  CB  . HIS A 1 52  ? 0.031   -3.372  -12.772 1.00 20.05 ? 52  HIS A CB  1 
ATOM   386  C  CG  . HIS A 1 52  ? 0.415   -2.326  -13.781 1.00 20.50 ? 52  HIS A CG  1 
ATOM   387  N  ND1 . HIS A 1 52  ? -0.492  -1.452  -14.346 1.00 18.84 ? 52  HIS A ND1 1 
ATOM   388  C  CD2 . HIS A 1 52  ? 1.606   -2.056  -14.373 1.00 21.54 ? 52  HIS A CD2 1 
ATOM   389  C  CE1 . HIS A 1 52  ? 0.118   -0.695  -15.241 1.00 20.17 ? 52  HIS A CE1 1 
ATOM   390  N  NE2 . HIS A 1 52  ? 1.394   -1.041  -15.276 1.00 21.38 ? 52  HIS A NE2 1 
ATOM   391  N  N   . SER A 1 53  ? -2.675  -1.356  -11.841 1.00 20.24 ? 53  SER A N   1 
ATOM   392  C  CA  . SER A 1 53  ? -4.055  -1.012  -12.155 1.00 20.99 ? 53  SER A CA  1 
ATOM   393  C  C   . SER A 1 53  ? -4.255  -0.936  -13.679 1.00 21.44 ? 53  SER A C   1 
ATOM   394  O  O   . SER A 1 53  ? -3.296  -0.983  -14.447 1.00 23.04 ? 53  SER A O   1 
ATOM   395  C  CB  . SER A 1 53  ? -4.456  0.301   -11.457 1.00 20.54 ? 53  SER A CB  1 
ATOM   396  O  OG  . SER A 1 53  ? -3.707  1.405   -11.927 1.00 24.29 ? 53  SER A OG  1 
ATOM   397  N  N   . SER A 1 54  ? -5.503  -0.828  -14.110 1.00 24.16 ? 54  SER A N   1 
ATOM   398  C  CA  . SER A 1 54  ? -5.852  -0.805  -15.529 1.00 26.06 ? 54  SER A CA  1 
ATOM   399  C  C   . SER A 1 54  ? -5.255  0.314   -16.361 1.00 28.90 ? 54  SER A C   1 
ATOM   400  O  O   . SER A 1 54  ? -4.989  0.129   -17.555 1.00 30.27 ? 54  SER A O   1 
ATOM   401  C  CB  . SER A 1 54  ? -7.373  -0.743  -15.687 1.00 26.68 ? 54  SER A CB  1 
ATOM   402  O  OG  . SER A 1 54  ? -7.880  0.482   -15.170 1.00 28.03 ? 54  SER A OG  1 
ATOM   403  N  N   . GLY A 1 55  ? -5.058  1.475   -15.745 1.00 29.71 ? 55  GLY A N   1 
ATOM   404  C  CA  . GLY A 1 55  ? -4.539  2.613   -16.482 1.00 31.23 ? 55  GLY A CA  1 
ATOM   405  C  C   . GLY A 1 55  ? -5.623  3.683   -16.544 1.00 32.20 ? 55  GLY A C   1 
ATOM   406  O  O   . GLY A 1 55  ? -5.357  4.825   -16.939 1.00 32.87 ? 55  GLY A O   1 
ATOM   407  N  N   . GLN A 1 56  ? -6.845  3.303   -16.160 1.00 31.86 ? 56  GLN A N   1 
ATOM   408  C  CA  . GLN A 1 56  ? -7.979  4.223   -16.119 1.00 31.94 ? 56  GLN A CA  1 
ATOM   409  C  C   . GLN A 1 56  ? -7.684  5.177   -14.963 1.00 31.71 ? 56  GLN A C   1 
ATOM   410  O  O   . GLN A 1 56  ? -7.049  4.782   -13.983 1.00 31.01 ? 56  GLN A O   1 
ATOM   411  C  CB  . GLN A 1 56  ? -9.290  3.461   -15.863 1.00 34.16 ? 56  GLN A CB  1 
ATOM   412  C  CG  . GLN A 1 56  ? -9.750  2.604   -17.058 1.00 36.60 ? 56  GLN A CG  1 
ATOM   413  C  CD  . GLN A 1 56  ? -10.826 1.574   -16.702 1.00 37.17 ? 56  GLN A CD  1 
ATOM   414  O  OE1 . GLN A 1 56  ? -10.646 0.738   -15.807 1.00 36.69 ? 56  GLN A OE1 1 
ATOM   415  N  NE2 . GLN A 1 56  ? -11.942 1.623   -17.419 1.00 37.76 ? 56  GLN A NE2 1 
ATOM   416  N  N   . ALA A 1 57  ? -8.136  6.426   -15.080 1.00 30.59 ? 57  ALA A N   1 
ATOM   417  C  CA  . ALA A 1 57  ? -7.865  7.433   -14.060 1.00 28.70 ? 57  ALA A CA  1 
ATOM   418  C  C   . ALA A 1 57  ? -8.418  7.123   -12.680 1.00 28.15 ? 57  ALA A C   1 
ATOM   419  O  O   . ALA A 1 57  ? -9.389  6.370   -12.518 1.00 27.39 ? 57  ALA A O   1 
ATOM   420  C  CB  . ALA A 1 57  ? -8.373  8.782   -14.520 1.00 28.61 ? 57  ALA A CB  1 
ATOM   421  N  N   . ASN A 1 58  ? -7.764  7.711   -11.685 1.00 27.65 ? 58  ASN A N   1 
ATOM   422  C  CA  . ASN A 1 58  ? -8.160  7.567   -10.297 1.00 28.21 ? 58  ASN A CA  1 
ATOM   423  C  C   . ASN A 1 58  ? -8.285  6.134   -9.797  1.00 27.37 ? 58  ASN A C   1 
ATOM   424  O  O   . ASN A 1 58  ? -9.326  5.735   -9.261  1.00 26.62 ? 58  ASN A O   1 
ATOM   425  C  CB  . ASN A 1 58  ? -9.466  8.313   -10.086 1.00 29.33 ? 58  ASN A CB  1 
ATOM   426  C  CG  . ASN A 1 58  ? -9.436  9.691   -10.716 1.00 32.59 ? 58  ASN A CG  1 
ATOM   427  O  OD1 . ASN A 1 58  ? -10.325 10.048  -11.491 1.00 34.58 ? 58  ASN A OD1 1 
ATOM   428  N  ND2 . ASN A 1 58  ? -8.403  10.470  -10.400 1.00 30.76 ? 58  ASN A ND2 1 
ATOM   429  N  N   . PRO A 1 59  ? -7.213  5.337   -9.965  1.00 26.32 ? 59  PRO A N   1 
ATOM   430  C  CA  . PRO A 1 59  ? -7.247  3.946   -9.499  1.00 25.18 ? 59  PRO A CA  1 
ATOM   431  C  C   . PRO A 1 59  ? -6.996  3.888   -7.994  1.00 24.34 ? 59  PRO A C   1 
ATOM   432  O  O   . PRO A 1 59  ? -6.486  4.842   -7.394  1.00 23.45 ? 59  PRO A O   1 
ATOM   433  C  CB  . PRO A 1 59  ? -6.098  3.299   -10.271 1.00 23.97 ? 59  PRO A CB  1 
ATOM   434  C  CG  . PRO A 1 59  ? -5.078  4.418   -10.295 1.00 25.46 ? 59  PRO A CG  1 
ATOM   435  C  CD  . PRO A 1 59  ? -5.933  5.635   -10.649 1.00 24.73 ? 59  PRO A CD  1 
ATOM   436  N  N   . TRP A 1 60  ? -7.376  2.773   -7.387  1.00 23.80 ? 60  TRP A N   1 
ATOM   437  C  CA  . TRP A 1 60  ? -7.116  2.560   -5.974  1.00 22.73 ? 60  TRP A CA  1 
ATOM   438  C  C   . TRP A 1 60  ? -6.761  1.079   -5.781  1.00 21.97 ? 60  TRP A C   1 
ATOM   439  O  O   . TRP A 1 60  ? -7.062  0.233   -6.626  1.00 20.21 ? 60  TRP A O   1 
ATOM   440  C  CB  . TRP A 1 60  ? -8.319  2.981   -5.077  1.00 23.11 ? 60  TRP A CB  1 
ATOM   441  C  CG  . TRP A 1 60  ? -9.648  2.312   -5.370  1.00 22.43 ? 60  TRP A CG  1 
ATOM   442  C  CD1 . TRP A 1 60  ? -10.675 2.826   -6.109  1.00 23.04 ? 60  TRP A CD1 1 
ATOM   443  C  CD2 . TRP A 1 60  ? -10.040 0.968   -5.021  1.00 22.51 ? 60  TRP A CD2 1 
ATOM   444  N  NE1 . TRP A 1 60  ? -11.673 1.888   -6.254  1.00 23.32 ? 60  TRP A NE1 1 
ATOM   445  C  CE2 . TRP A 1 60  ? -11.308 0.738   -5.601  1.00 22.05 ? 60  TRP A CE2 1 
ATOM   446  C  CE3 . TRP A 1 60  ? -9.434  -0.069  -4.282  1.00 22.43 ? 60  TRP A CE3 1 
ATOM   447  C  CZ2 . TRP A 1 60  ? -11.986 -0.486  -5.472  1.00 22.52 ? 60  TRP A CZ2 1 
ATOM   448  C  CZ3 . TRP A 1 60  ? -10.108 -1.286  -4.152  1.00 20.79 ? 60  TRP A CZ3 1 
ATOM   449  C  CH2 . TRP A 1 60  ? -11.370 -1.482  -4.748  1.00 21.08 ? 60  TRP A CH2 1 
ATOM   450  N  N   . TRP A 1 61  ? -6.069  0.810   -4.680  1.00 21.63 ? 61  TRP A N   1 
ATOM   451  C  CA  . TRP A 1 61  ? -5.658  -0.520  -4.271  1.00 20.68 ? 61  TRP A CA  1 
ATOM   452  C  C   . TRP A 1 61  ? -6.020  -0.536  -2.787  1.00 20.41 ? 61  TRP A C   1 
ATOM   453  O  O   . TRP A 1 61  ? -5.910  0.478   -2.121  1.00 20.28 ? 61  TRP A O   1 
ATOM   454  C  CB  . TRP A 1 61  ? -4.156  -0.701  -4.443  1.00 18.85 ? 61  TRP A CB  1 
ATOM   455  C  CG  . TRP A 1 61  ? -3.670  -2.003  -3.894  1.00 19.90 ? 61  TRP A CG  1 
ATOM   456  C  CD1 . TRP A 1 61  ? -3.524  -3.187  -4.570  1.00 17.89 ? 61  TRP A CD1 1 
ATOM   457  C  CD2 . TRP A 1 61  ? -3.260  -2.256  -2.540  1.00 18.02 ? 61  TRP A CD2 1 
ATOM   458  N  NE1 . TRP A 1 61  ? -3.041  -4.155  -3.717  1.00 18.70 ? 61  TRP A NE1 1 
ATOM   459  C  CE2 . TRP A 1 61  ? -2.870  -3.612  -2.469  1.00 17.42 ? 61  TRP A CE2 1 
ATOM   460  C  CE3 . TRP A 1 61  ? -3.185  -1.463  -1.380  1.00 18.52 ? 61  TRP A CE3 1 
ATOM   461  C  CZ2 . TRP A 1 61  ? -2.405  -4.199  -1.285  1.00 18.01 ? 61  TRP A CZ2 1 
ATOM   462  C  CZ3 . TRP A 1 61  ? -2.724  -2.048  -0.196  1.00 20.25 ? 61  TRP A CZ3 1 
ATOM   463  C  CH2 . TRP A 1 61  ? -2.338  -3.407  -0.162  1.00 19.03 ? 61  TRP A CH2 1 
ATOM   464  N  N   . ARG A 1 62  ? -6.435  -1.683  -2.270  1.00 20.85 ? 62  ARG A N   1 
ATOM   465  C  CA  . ARG A 1 62  ? -6.854  -1.776  -0.872  1.00 22.35 ? 62  ARG A CA  1 
ATOM   466  C  C   . ARG A 1 62  ? -6.520  -3.114  -0.209  1.00 21.69 ? 62  ARG A C   1 
ATOM   467  O  O   . ARG A 1 62  ? -6.434  -4.143  -0.872  1.00 21.96 ? 62  ARG A O   1 
ATOM   468  C  CB  . ARG A 1 62  ? -8.376  -1.548  -0.811  1.00 23.94 ? 62  ARG A CB  1 
ATOM   469  C  CG  . ARG A 1 62  ? -9.062  -1.905  0.495   1.00 28.12 ? 62  ARG A CG  1 
ATOM   470  C  CD  . ARG A 1 62  ? -10.560 -1.556  0.415   1.00 29.90 ? 62  ARG A CD  1 
ATOM   471  N  NE  . ARG A 1 62  ? -11.403 -2.630  -0.124  1.00 29.98 ? 62  ARG A NE  1 
ATOM   472  C  CZ  . ARG A 1 62  ? -12.340 -2.469  -1.062  1.00 27.82 ? 62  ARG A CZ  1 
ATOM   473  N  NH1 . ARG A 1 62  ? -12.565 -1.274  -1.602  1.00 26.62 ? 62  ARG A NH1 1 
ATOM   474  N  NH2 . ARG A 1 62  ? -13.087 -3.503  -1.434  1.00 27.29 ? 62  ARG A NH2 1 
ATOM   475  N  N   . VAL A 1 63  ? -6.316  -3.093  1.100   1.00 20.85 ? 63  VAL A N   1 
ATOM   476  C  CA  . VAL A 1 63  ? -6.085  -4.323  1.822   1.00 20.53 ? 63  VAL A CA  1 
ATOM   477  C  C   . VAL A 1 63  ? -7.016  -4.303  3.027   1.00 21.60 ? 63  VAL A C   1 
ATOM   478  O  O   . VAL A 1 63  ? -7.138  -3.284  3.719   1.00 20.55 ? 63  VAL A O   1 
ATOM   479  C  CB  . VAL A 1 63  ? -4.579  -4.522  2.293   1.00 20.57 ? 63  VAL A CB  1 
ATOM   480  C  CG1 . VAL A 1 63  ? -4.112  -3.392  3.229   1.00 18.92 ? 63  VAL A CG1 1 
ATOM   481  C  CG2 . VAL A 1 63  ? -4.443  -5.877  2.980   1.00 19.66 ? 63  VAL A CG2 1 
ATOM   482  N  N   . ASP A 1 64  ? -7.716  -5.421  3.221   1.00 21.27 ? 64  ASP A N   1 
ATOM   483  C  CA  . ASP A 1 64  ? -8.611  -5.621  4.354   1.00 21.49 ? 64  ASP A CA  1 
ATOM   484  C  C   . ASP A 1 64  ? -7.729  -6.446  5.314   1.00 21.59 ? 64  ASP A C   1 
ATOM   485  O  O   . ASP A 1 64  ? -7.363  -7.592  5.013   1.00 21.22 ? 64  ASP A O   1 
ATOM   486  C  CB  . ASP A 1 64  ? -9.858  -6.416  3.916   1.00 20.92 ? 64  ASP A CB  1 
ATOM   487  C  CG  . ASP A 1 64  ? -10.747 -6.839  5.092   1.00 21.38 ? 64  ASP A CG  1 
ATOM   488  O  OD1 . ASP A 1 64  ? -10.448 -6.460  6.235   1.00 22.64 ? 64  ASP A OD1 1 
ATOM   489  O  OD2 . ASP A 1 64  ? -11.745 -7.555  4.879   1.00 21.90 ? 64  ASP A OD2 1 
ATOM   490  N  N   . LEU A 1 65  ? -7.371  -5.837  6.445   1.00 22.72 ? 65  LEU A N   1 
ATOM   491  C  CA  . LEU A 1 65  ? -6.522  -6.463  7.470   1.00 23.07 ? 65  LEU A CA  1 
ATOM   492  C  C   . LEU A 1 65  ? -7.217  -7.586  8.259   1.00 23.18 ? 65  LEU A C   1 
ATOM   493  O  O   . LEU A 1 65  ? -6.576  -8.246  9.067   1.00 24.12 ? 65  LEU A O   1 
ATOM   494  C  CB  . LEU A 1 65  ? -5.978  -5.389  8.438   1.00 21.20 ? 65  LEU A CB  1 
ATOM   495  C  CG  . LEU A 1 65  ? -5.204  -4.207  7.811   1.00 21.59 ? 65  LEU A CG  1 
ATOM   496  C  CD1 . LEU A 1 65  ? -4.853  -3.188  8.889   1.00 19.13 ? 65  LEU A CD1 1 
ATOM   497  C  CD2 . LEU A 1 65  ? -3.939  -4.708  7.084   1.00 22.44 ? 65  LEU A CD2 1 
ATOM   498  N  N   . LEU A 1 66  ? -8.515  -7.782  7.995   1.00 23.66 ? 66  LEU A N   1 
ATOM   499  C  CA  . LEU A 1 66  ? -9.390  -8.809  8.594   1.00 24.41 ? 66  LEU A CA  1 
ATOM   500  C  C   . LEU A 1 66  ? -9.879  -8.466  10.011  1.00 26.31 ? 66  LEU A C   1 
ATOM   501  O  O   . LEU A 1 66  ? -10.773 -9.120  10.554  1.00 27.56 ? 66  LEU A O   1 
ATOM   502  C  CB  . LEU A 1 66  ? -8.720  -10.202 8.575   1.00 23.75 ? 66  LEU A CB  1 
ATOM   503  C  CG  . LEU A 1 66  ? -8.191  -10.733 7.231   1.00 23.90 ? 66  LEU A CG  1 
ATOM   504  C  CD1 . LEU A 1 66  ? -7.747  -12.186 7.366   1.00 21.22 ? 66  LEU A CD1 1 
ATOM   505  C  CD2 . LEU A 1 66  ? -9.271  -10.590 6.157   1.00 26.20 ? 66  LEU A CD2 1 
ATOM   506  N  N   . GLN A 1 67  ? -9.284  -7.439  10.601  1.00 27.51 ? 67  GLN A N   1 
ATOM   507  C  CA  . GLN A 1 67  ? -9.670  -6.956  11.924  1.00 28.37 ? 67  GLN A CA  1 
ATOM   508  C  C   . GLN A 1 67  ? -9.045  -5.572  12.113  1.00 28.24 ? 67  GLN A C   1 
ATOM   509  O  O   . GLN A 1 67  ? -8.182  -5.157  11.347  1.00 27.95 ? 67  GLN A O   1 
ATOM   510  C  CB  . GLN A 1 67  ? -9.199  -7.900  13.024  1.00 28.54 ? 67  GLN A CB  1 
ATOM   511  C  CG  . GLN A 1 67  ? -7.741  -7.803  13.362  1.00 30.92 ? 67  GLN A CG  1 
ATOM   512  C  CD  . GLN A 1 67  ? -7.380  -8.681  14.543  1.00 34.70 ? 67  GLN A CD  1 
ATOM   513  O  OE1 . GLN A 1 67  ? -7.652  -9.877  14.549  1.00 36.95 ? 67  GLN A OE1 1 
ATOM   514  N  NE2 . GLN A 1 67  ? -6.763  -8.087  15.552  1.00 38.86 ? 67  GLN A NE2 1 
ATOM   515  N  N   . VAL A 1 68  ? -9.492  -4.859  13.128  1.00 28.44 ? 68  VAL A N   1 
ATOM   516  C  CA  . VAL A 1 68  ? -8.999  -3.523  13.393  1.00 28.31 ? 68  VAL A CA  1 
ATOM   517  C  C   . VAL A 1 68  ? -7.641  -3.502  14.118  1.00 28.67 ? 68  VAL A C   1 
ATOM   518  O  O   . VAL A 1 68  ? -7.390  -4.300  15.026  1.00 30.24 ? 68  VAL A O   1 
ATOM   519  C  CB  . VAL A 1 68  ? -10.078 -2.741  14.215  1.00 28.31 ? 68  VAL A CB  1 
ATOM   520  C  CG1 . VAL A 1 68  ? -9.526  -1.421  14.708  1.00 30.79 ? 68  VAL A CG1 1 
ATOM   521  C  CG2 . VAL A 1 68  ? -11.307 -2.517  13.363  1.00 26.11 ? 68  VAL A CG2 1 
ATOM   522  N  N   . TYR A 1 69  ? -6.766  -2.582  13.715  1.00 27.86 ? 69  TYR A N   1 
ATOM   523  C  CA  . TYR A 1 69  ? -5.453  -2.428  14.344  1.00 26.93 ? 69  TYR A CA  1 
ATOM   524  C  C   . TYR A 1 69  ? -5.202  -0.949  14.591  1.00 26.87 ? 69  TYR A C   1 
ATOM   525  O  O   . TYR A 1 69  ? -5.942  -0.096  14.088  1.00 27.45 ? 69  TYR A O   1 
ATOM   526  C  CB  . TYR A 1 69  ? -4.335  -2.945  13.427  1.00 25.66 ? 69  TYR A CB  1 
ATOM   527  C  CG  . TYR A 1 69  ? -4.272  -4.444  13.265  1.00 25.26 ? 69  TYR A CG  1 
ATOM   528  C  CD1 . TYR A 1 69  ? -3.598  -5.237  14.194  1.00 26.69 ? 69  TYR A CD1 1 
ATOM   529  C  CD2 . TYR A 1 69  ? -4.872  -5.071  12.174  1.00 24.72 ? 69  TYR A CD2 1 
ATOM   530  C  CE1 . TYR A 1 69  ? -3.516  -6.625  14.035  1.00 26.24 ? 69  TYR A CE1 1 
ATOM   531  C  CE2 . TYR A 1 69  ? -4.799  -6.457  12.004  1.00 24.91 ? 69  TYR A CE2 1 
ATOM   532  C  CZ  . TYR A 1 69  ? -4.117  -7.224  12.936  1.00 25.98 ? 69  TYR A CZ  1 
ATOM   533  O  OH  . TYR A 1 69  ? -4.014  -8.582  12.755  1.00 27.69 ? 69  TYR A OH  1 
ATOM   534  N  N   . THR A 1 70  ? -4.169  -0.655  15.382  1.00 27.72 ? 70  THR A N   1 
ATOM   535  C  CA  . THR A 1 70  ? -3.740  0.721   15.634  1.00 27.01 ? 70  THR A CA  1 
ATOM   536  C  C   . THR A 1 70  ? -2.431  0.759   14.841  1.00 26.34 ? 70  THR A C   1 
ATOM   537  O  O   . THR A 1 70  ? -1.427  0.159   15.236  1.00 26.80 ? 70  THR A O   1 
ATOM   538  C  CB  . THR A 1 70  ? -3.459  1.003   17.125  1.00 26.76 ? 70  THR A CB  1 
ATOM   539  O  OG1 . THR A 1 70  ? -4.680  0.888   17.871  1.00 28.64 ? 70  THR A OG1 1 
ATOM   540  C  CG2 . THR A 1 70  ? -2.890  2.408   17.292  1.00 24.41 ? 70  THR A CG2 1 
ATOM   541  N  N   . ILE A 1 71  ? -2.483  1.452   13.706  1.00 26.65 ? 71  ILE A N   1 
ATOM   542  C  CA  . ILE A 1 71  ? -1.380  1.567   12.756  1.00 25.49 ? 71  ILE A CA  1 
ATOM   543  C  C   . ILE A 1 71  ? -0.516  2.824   12.924  1.00 26.08 ? 71  ILE A C   1 
ATOM   544  O  O   . ILE A 1 71  ? -1.021  3.941   12.939  1.00 26.27 ? 71  ILE A O   1 
ATOM   545  C  CB  . ILE A 1 71  ? -1.963  1.505   11.328  1.00 24.22 ? 71  ILE A CB  1 
ATOM   546  C  CG1 . ILE A 1 71  ? -2.660  0.151   11.131  1.00 22.02 ? 71  ILE A CG1 1 
ATOM   547  C  CG2 . ILE A 1 71  ? -0.869  1.752   10.299  1.00 24.66 ? 71  ILE A CG2 1 
ATOM   548  C  CD1 . ILE A 1 71  ? -3.849  0.179   10.205  1.00 20.07 ? 71  ILE A CD1 1 
ATOM   549  N  N   . THR A 1 72  ? 0.792   2.629   13.035  1.00 25.57 ? 72  THR A N   1 
ATOM   550  C  CA  . THR A 1 72  ? 1.711   3.744   13.217  1.00 28.29 ? 72  THR A CA  1 
ATOM   551  C  C   . THR A 1 72  ? 2.239   4.326   11.899  1.00 27.97 ? 72  THR A C   1 
ATOM   552  O  O   . THR A 1 72  ? 2.454   5.537   11.789  1.00 27.87 ? 72  THR A O   1 
ATOM   553  C  CB  . THR A 1 72  ? 2.917   3.326   14.108  1.00 29.87 ? 72  THR A CB  1 
ATOM   554  O  OG1 . THR A 1 72  ? 3.666   4.493   14.467  1.00 33.00 ? 72  THR A OG1 1 
ATOM   555  C  CG2 . THR A 1 72  ? 3.836   2.341   13.364  1.00 30.91 ? 72  THR A CG2 1 
ATOM   556  N  N   . SER A 1 73  ? 2.438   3.464   10.903  1.00 27.94 ? 73  SER A N   1 
ATOM   557  C  CA  . SER A 1 73  ? 2.944   3.881   9.593   1.00 26.34 ? 73  SER A CA  1 
ATOM   558  C  C   . SER A 1 73  ? 2.660   2.835   8.495   1.00 26.55 ? 73  SER A C   1 
ATOM   559  O  O   . SER A 1 73  ? 2.233   1.705   8.774   1.00 26.13 ? 73  SER A O   1 
ATOM   560  C  CB  . SER A 1 73  ? 4.452   4.101   9.676   1.00 23.78 ? 73  SER A CB  1 
ATOM   561  O  OG  . SER A 1 73  ? 5.093   2.906   10.099  1.00 23.80 ? 73  SER A OG  1 
ATOM   562  N  N   . VAL A 1 74  ? 2.903   3.231   7.246   1.00 24.97 ? 74  VAL A N   1 
ATOM   563  C  CA  . VAL A 1 74  ? 2.716   2.348   6.108   1.00 22.86 ? 74  VAL A CA  1 
ATOM   564  C  C   . VAL A 1 74  ? 3.969   2.498   5.235   1.00 22.67 ? 74  VAL A C   1 
ATOM   565  O  O   . VAL A 1 74  ? 4.346   3.615   4.861   1.00 22.90 ? 74  VAL A O   1 
ATOM   566  C  CB  . VAL A 1 74  ? 1.453   2.725   5.296   1.00 21.09 ? 74  VAL A CB  1 
ATOM   567  C  CG1 . VAL A 1 74  ? 1.339   1.837   4.080   1.00 21.08 ? 74  VAL A CG1 1 
ATOM   568  C  CG2 . VAL A 1 74  ? 0.212   2.560   6.144   1.00 20.04 ? 74  VAL A CG2 1 
ATOM   569  N  N   . THR A 1 75  ? 4.623   1.373   4.950   1.00 22.09 ? 75  THR A N   1 
ATOM   570  C  CA  . THR A 1 75  ? 5.829   1.341   4.136   1.00 21.93 ? 75  THR A CA  1 
ATOM   571  C  C   . THR A 1 75  ? 5.488   0.865   2.727   1.00 22.43 ? 75  THR A C   1 
ATOM   572  O  O   . THR A 1 75  ? 4.967   -0.243  2.531   1.00 22.69 ? 75  THR A O   1 
ATOM   573  C  CB  . THR A 1 75  ? 6.871   0.413   4.739   1.00 21.43 ? 75  THR A CB  1 
ATOM   574  O  OG1 . THR A 1 75  ? 7.139   0.832   6.075   1.00 21.60 ? 75  THR A OG1 1 
ATOM   575  C  CG2 . THR A 1 75  ? 8.162   0.452   3.930   1.00 19.99 ? 75  THR A CG2 1 
ATOM   576  N  N   . ILE A 1 76  ? 5.799   1.721   1.752   1.00 22.34 ? 76  ILE A N   1 
ATOM   577  C  CA  . ILE A 1 76  ? 5.512   1.471   0.343   1.00 21.41 ? 76  ILE A CA  1 
ATOM   578  C  C   . ILE A 1 76  ? 6.776   1.215   -0.466  1.00 22.43 ? 76  ILE A C   1 
ATOM   579  O  O   . ILE A 1 76  ? 7.794   1.856   -0.224  1.00 23.80 ? 76  ILE A O   1 
ATOM   580  C  CB  . ILE A 1 76  ? 4.805   2.709   -0.297  1.00 21.43 ? 76  ILE A CB  1 
ATOM   581  C  CG1 . ILE A 1 76  ? 3.520   3.073   0.478   1.00 21.66 ? 76  ILE A CG1 1 
ATOM   582  C  CG2 . ILE A 1 76  ? 4.540   2.461   -1.778  1.00 20.33 ? 76  ILE A CG2 1 
ATOM   583  C  CD1 . ILE A 1 76  ? 2.385   2.074   0.389   1.00 19.60 ? 76  ILE A CD1 1 
ATOM   584  N  N   . THR A 1 77  ? 6.722   0.261   -1.400  1.00 21.88 ? 77  THR A N   1 
ATOM   585  C  CA  . THR A 1 77  ? 7.842   0.008   -2.309  1.00 21.45 ? 77  THR A CA  1 
ATOM   586  C  C   . THR A 1 77  ? 7.298   0.358   -3.697  1.00 21.48 ? 77  THR A C   1 
ATOM   587  O  O   . THR A 1 77  ? 6.351   -0.243  -4.190  1.00 20.66 ? 77  THR A O   1 
ATOM   588  C  CB  . THR A 1 77  ? 8.336   -1.447  -2.312  1.00 21.31 ? 77  THR A CB  1 
ATOM   589  O  OG1 . THR A 1 77  ? 8.864   -1.778  -1.023  1.00 21.14 ? 77  THR A OG1 1 
ATOM   590  C  CG2 . THR A 1 77  ? 9.434   -1.631  -3.379  1.00 18.94 ? 77  THR A CG2 1 
ATOM   591  N  N   . ASN A 1 78  ? 7.905   1.374   -4.293  1.00 22.45 ? 78  ASN A N   1 
ATOM   592  C  CA  . ASN A 1 78  ? 7.536   1.901   -5.602  1.00 22.46 ? 78  ASN A CA  1 
ATOM   593  C  C   . ASN A 1 78  ? 8.142   1.016   -6.716  1.00 22.46 ? 78  ASN A C   1 
ATOM   594  O  O   . ASN A 1 78  ? 9.175   0.375   -6.500  1.00 22.90 ? 78  ASN A O   1 
ATOM   595  C  CB  . ASN A 1 78  ? 8.057   3.356   -5.661  1.00 22.10 ? 78  ASN A CB  1 
ATOM   596  C  CG  . ASN A 1 78  ? 7.608   4.114   -6.899  1.00 23.37 ? 78  ASN A CG  1 
ATOM   597  O  OD1 . ASN A 1 78  ? 6.499   3.918   -7.407  1.00 26.81 ? 78  ASN A OD1 1 
ATOM   598  N  ND2 . ASN A 1 78  ? 8.466   5.010   -7.377  1.00 24.12 ? 78  ASN A ND2 1 
ATOM   599  N  N   . ARG A 1 79  ? 7.500   0.962   -7.887  1.00 21.12 ? 79  ARG A N   1 
ATOM   600  C  CA  . ARG A 1 79  ? 8.033   0.168   -8.997  1.00 21.39 ? 79  ARG A CA  1 
ATOM   601  C  C   . ARG A 1 79  ? 9.470   0.584   -9.336  1.00 22.18 ? 79  ARG A C   1 
ATOM   602  O  O   . ARG A 1 79  ? 9.791   1.775   -9.363  1.00 21.28 ? 79  ARG A O   1 
ATOM   603  C  CB  . ARG A 1 79  ? 7.154   0.315   -10.239 1.00 20.48 ? 79  ARG A CB  1 
ATOM   604  C  CG  . ARG A 1 79  ? 7.603   -0.528  -11.415 1.00 17.71 ? 79  ARG A CG  1 
ATOM   605  C  CD  . ARG A 1 79  ? 6.657   -0.334  -12.575 1.00 18.96 ? 79  ARG A CD  1 
ATOM   606  N  NE  . ARG A 1 79  ? 7.035   -1.123  -13.744 1.00 19.96 ? 79  ARG A NE  1 
ATOM   607  C  CZ  . ARG A 1 79  ? 6.328   -1.186  -14.875 1.00 18.24 ? 79  ARG A CZ  1 
ATOM   608  N  NH1 . ARG A 1 79  ? 5.190   -0.501  -15.007 1.00 18.26 ? 79  ARG A NH1 1 
ATOM   609  N  NH2 . ARG A 1 79  ? 6.757   -1.947  -15.871 1.00 19.13 ? 79  ARG A NH2 1 
ATOM   610  N  N   . GLY A 1 80  ? 10.314  -0.413  -9.621  1.00 23.64 ? 80  GLY A N   1 
ATOM   611  C  CA  . GLY A 1 80  ? 11.722  -0.188  -9.921  1.00 24.26 ? 80  GLY A CA  1 
ATOM   612  C  C   . GLY A 1 80  ? 12.254  -0.349  -11.343 1.00 24.94 ? 80  GLY A C   1 
ATOM   613  O  O   . GLY A 1 80  ? 13.279  0.255   -11.663 1.00 25.35 ? 80  GLY A O   1 
ATOM   614  N  N   . ASP A 1 81  ? 11.601  -1.136  -12.202 1.00 24.58 ? 81  ASP A N   1 
ATOM   615  C  CA  . ASP A 1 81  ? 12.109  -1.299  -13.571 1.00 24.39 ? 81  ASP A CA  1 
ATOM   616  C  C   . ASP A 1 81  ? 11.874  -0.066  -14.444 1.00 25.18 ? 81  ASP A C   1 
ATOM   617  O  O   . ASP A 1 81  ? 12.592  0.163   -15.418 1.00 26.30 ? 81  ASP A O   1 
ATOM   618  C  CB  . ASP A 1 81  ? 11.526  -2.559  -14.239 1.00 23.73 ? 81  ASP A CB  1 
ATOM   619  C  CG  . ASP A 1 81  ? 10.024  -2.536  -14.323 1.00 23.86 ? 81  ASP A CG  1 
ATOM   620  O  OD1 . ASP A 1 81  ? 9.494   -2.567  -15.456 1.00 24.88 ? 81  ASP A OD1 1 
ATOM   621  O  OD2 . ASP A 1 81  ? 9.371   -2.493  -13.256 1.00 24.29 ? 81  ASP A OD2 1 
ATOM   622  N  N   . CYS A 1 82  ? 10.865  0.723   -14.082 1.00 25.87 ? 82  CYS A N   1 
ATOM   623  C  CA  . CYS A 1 82  ? 10.525  1.958   -14.788 1.00 25.73 ? 82  CYS A CA  1 
ATOM   624  C  C   . CYS A 1 82  ? 9.421   2.653   -14.027 1.00 25.82 ? 82  CYS A C   1 
ATOM   625  O  O   . CYS A 1 82  ? 9.001   2.228   -12.942 1.00 25.02 ? 82  CYS A O   1 
ATOM   626  C  CB  . CYS A 1 82  ? 9.942   1.698   -16.196 1.00 24.41 ? 82  CYS A CB  1 
ATOM   627  S  SG  . CYS A 1 82  ? 8.155   1.233   -16.227 1.00 25.29 ? 82  CYS A SG  1 
ATOM   628  N  N   . CYS A 1 83  ? 9.007   3.766   -14.623 1.00 25.50 ? 83  CYS A N   1 
ATOM   629  C  CA  . CYS A 1 83  ? 7.842   4.497   -14.206 1.00 24.15 ? 83  CYS A CA  1 
ATOM   630  C  C   . CYS A 1 83  ? 7.677   4.862   -12.728 1.00 24.48 ? 83  CYS A C   1 
ATOM   631  O  O   . CYS A 1 83  ? 6.555   4.859   -12.213 1.00 25.77 ? 83  CYS A O   1 
ATOM   632  C  CB  . CYS A 1 83  ? 6.676   3.644   -14.736 1.00 20.77 ? 83  CYS A CB  1 
ATOM   633  S  SG  . CYS A 1 83  ? 7.042   2.949   -16.414 1.00 24.91 ? 83  CYS A SG  1 
ATOM   634  N  N   . GLY A 1 84  ? 8.772   5.209   -12.056 1.00 24.46 ? 84  GLY A N   1 
ATOM   635  C  CA  . GLY A 1 84  ? 8.696   5.550   -10.641 1.00 25.99 ? 84  GLY A CA  1 
ATOM   636  C  C   . GLY A 1 84  ? 7.942   6.834   -10.324 1.00 27.16 ? 84  GLY A C   1 
ATOM   637  O  O   . GLY A 1 84  ? 7.577   7.085   -9.181  1.00 28.29 ? 84  GLY A O   1 
ATOM   638  N  N   . GLU A 1 85  ? 7.680   7.642   -11.341 1.00 28.52 ? 85  GLU A N   1 
ATOM   639  C  CA  . GLU A 1 85  ? 7.001   8.915   -11.144 1.00 29.16 ? 85  GLU A CA  1 
ATOM   640  C  C   . GLU A 1 85  ? 5.482   8.842   -11.080 1.00 27.73 ? 85  GLU A C   1 
ATOM   641  O  O   . GLU A 1 85  ? 4.831   9.785   -10.614 1.00 26.86 ? 85  GLU A O   1 
ATOM   642  C  CB  . GLU A 1 85  ? 7.414   9.898   -12.258 1.00 32.67 ? 85  GLU A CB  1 
ATOM   643  C  CG  . GLU A 1 85  ? 6.836   9.605   -13.665 1.00 38.81 ? 85  GLU A CG  1 
ATOM   644  C  CD  . GLU A 1 85  ? 7.468   8.398   -14.375 1.00 43.62 ? 85  GLU A CD  1 
ATOM   645  O  OE1 . GLU A 1 85  ? 6.747   7.396   -14.612 1.00 44.36 ? 85  GLU A OE1 1 
ATOM   646  O  OE2 . GLU A 1 85  ? 8.682   8.458   -14.707 1.00 45.95 ? 85  GLU A OE2 1 
ATOM   647  N  N   . ARG A 1 86  ? 4.914   7.730   -11.534 1.00 26.13 ? 86  ARG A N   1 
ATOM   648  C  CA  . ARG A 1 86  ? 3.459   7.588   -11.562 1.00 25.60 ? 86  ARG A CA  1 
ATOM   649  C  C   . ARG A 1 86  ? 2.747   7.634   -10.208 1.00 25.05 ? 86  ARG A C   1 
ATOM   650  O  O   . ARG A 1 86  ? 1.586   8.044   -10.131 1.00 25.30 ? 86  ARG A O   1 
ATOM   651  C  CB  . ARG A 1 86  ? 3.082   6.293   -12.295 1.00 25.06 ? 86  ARG A CB  1 
ATOM   652  C  CG  . ARG A 1 86  ? 3.552   6.240   -13.738 1.00 24.53 ? 86  ARG A CG  1 
ATOM   653  C  CD  . ARG A 1 86  ? 3.102   4.967   -14.405 1.00 23.77 ? 86  ARG A CD  1 
ATOM   654  N  NE  . ARG A 1 86  ? 3.381   4.953   -15.842 1.00 25.76 ? 86  ARG A NE  1 
ATOM   655  C  CZ  . ARG A 1 86  ? 3.394   3.851   -16.590 1.00 25.60 ? 86  ARG A CZ  1 
ATOM   656  N  NH1 . ARG A 1 86  ? 3.148   2.666   -16.043 1.00 24.43 ? 86  ARG A NH1 1 
ATOM   657  N  NH2 . ARG A 1 86  ? 3.657   3.928   -17.888 1.00 27.38 ? 86  ARG A NH2 1 
ATOM   658  N  N   . ILE A 1 87  ? 3.441   7.238   -9.146  1.00 25.15 ? 87  ILE A N   1 
ATOM   659  C  CA  . ILE A 1 87  ? 2.846   7.193   -7.811  1.00 25.49 ? 87  ILE A CA  1 
ATOM   660  C  C   . ILE A 1 87  ? 2.707   8.548   -7.109  1.00 26.56 ? 87  ILE A C   1 
ATOM   661  O  O   . ILE A 1 87  ? 2.075   8.644   -6.050  1.00 25.96 ? 87  ILE A O   1 
ATOM   662  C  CB  . ILE A 1 87  ? 3.643   6.243   -6.893  1.00 25.29 ? 87  ILE A CB  1 
ATOM   663  C  CG1 . ILE A 1 87  ? 2.755   5.769   -5.730  1.00 25.32 ? 87  ILE A CG1 1 
ATOM   664  C  CG2 . ILE A 1 87  ? 4.899   6.956   -6.367  1.00 26.28 ? 87  ILE A CG2 1 
ATOM   665  C  CD1 . ILE A 1 87  ? 3.352   4.624   -4.927  1.00 25.60 ? 87  ILE A CD1 1 
ATOM   666  N  N   . SER A 1 88  ? 3.279   9.593   -7.701  1.00 26.13 ? 88  SER A N   1 
ATOM   667  C  CA  . SER A 1 88  ? 3.209   10.927  -7.109  1.00 26.98 ? 88  SER A CA  1 
ATOM   668  C  C   . SER A 1 88  ? 1.776   11.399  -6.893  1.00 25.81 ? 88  SER A C   1 
ATOM   669  O  O   . SER A 1 88  ? 0.964   11.404  -7.821  1.00 26.65 ? 88  SER A O   1 
ATOM   670  C  CB  . SER A 1 88  ? 3.958   11.940  -7.986  1.00 27.45 ? 88  SER A CB  1 
ATOM   671  O  OG  . SER A 1 88  ? 5.339   11.636  -8.050  1.00 29.15 ? 88  SER A OG  1 
ATOM   672  N  N   . GLY A 1 89  ? 1.473   11.797  -5.663  1.00 25.18 ? 89  GLY A N   1 
ATOM   673  C  CA  . GLY A 1 89  ? 0.137   12.269  -5.351  1.00 26.58 ? 89  GLY A CA  1 
ATOM   674  C  C   . GLY A 1 89  ? -0.758  11.236  -4.692  1.00 26.72 ? 89  GLY A C   1 
ATOM   675  O  O   . GLY A 1 89  ? -1.878  11.546  -4.280  1.00 27.15 ? 89  GLY A O   1 
ATOM   676  N  N   . ALA A 1 90  ? -0.258  10.008  -4.594  1.00 27.05 ? 90  ALA A N   1 
ATOM   677  C  CA  . ALA A 1 90  ? -0.998  8.912   -3.989  1.00 26.65 ? 90  ALA A CA  1 
ATOM   678  C  C   . ALA A 1 90  ? -1.319  9.215   -2.536  1.00 27.21 ? 90  ALA A C   1 
ATOM   679  O  O   . ALA A 1 90  ? -0.528  9.828   -1.829  1.00 27.95 ? 90  ALA A O   1 
ATOM   680  C  CB  . ALA A 1 90  ? -0.192  7.623   -4.086  1.00 26.42 ? 90  ALA A CB  1 
ATOM   681  N  N   . GLU A 1 91  ? -2.499  8.788   -2.105  1.00 28.71 ? 91  GLU A N   1 
ATOM   682  C  CA  . GLU A 1 91  ? -2.950  8.987   -0.730  1.00 28.83 ? 91  GLU A CA  1 
ATOM   683  C  C   . GLU A 1 91  ? -3.107  7.645   -0.026  1.00 27.47 ? 91  GLU A C   1 
ATOM   684  O  O   . GLU A 1 91  ? -3.624  6.693   -0.618  1.00 26.39 ? 91  GLU A O   1 
ATOM   685  C  CB  . GLU A 1 91  ? -4.294  9.698   -0.720  1.00 30.85 ? 91  GLU A CB  1 
ATOM   686  C  CG  . GLU A 1 91  ? -4.230  11.161  -1.043  1.00 37.10 ? 91  GLU A CG  1 
ATOM   687  C  CD  . GLU A 1 91  ? -5.597  11.694  -1.377  1.00 41.32 ? 91  GLU A CD  1 
ATOM   688  O  OE1 . GLU A 1 91  ? -6.582  11.135  -0.841  1.00 43.07 ? 91  GLU A OE1 1 
ATOM   689  O  OE2 . GLU A 1 91  ? -5.691  12.664  -2.170  1.00 44.83 ? 91  GLU A OE2 1 
ATOM   690  N  N   . ILE A 1 92  ? -2.646  7.577   1.224   1.00 26.07 ? 92  ILE A N   1 
ATOM   691  C  CA  . ILE A 1 92  ? -2.762  6.373   2.049   1.00 26.06 ? 92  ILE A CA  1 
ATOM   692  C  C   . ILE A 1 92  ? -3.875  6.653   3.080   1.00 27.50 ? 92  ILE A C   1 
ATOM   693  O  O   . ILE A 1 92  ? -3.691  7.455   3.999   1.00 28.62 ? 92  ILE A O   1 
ATOM   694  C  CB  . ILE A 1 92  ? -1.429  6.055   2.783   1.00 25.04 ? 92  ILE A CB  1 
ATOM   695  C  CG1 . ILE A 1 92  ? -0.284  5.970   1.765   1.00 24.33 ? 92  ILE A CG1 1 
ATOM   696  C  CG2 . ILE A 1 92  ? -1.550  4.739   3.547   1.00 21.84 ? 92  ILE A CG2 1 
ATOM   697  C  CD1 . ILE A 1 92  ? 1.117   5.921   2.363   1.00 23.70 ? 92  ILE A CD1 1 
ATOM   698  N  N   . ASN A 1 93  ? -5.030  6.014   2.904   1.00 27.27 ? 93  ASN A N   1 
ATOM   699  C  CA  . ASN A 1 93  ? -6.172  6.203   3.795   1.00 28.55 ? 93  ASN A CA  1 
ATOM   700  C  C   . ASN A 1 93  ? -6.349  4.982   4.683   1.00 28.68 ? 93  ASN A C   1 
ATOM   701  O  O   . ASN A 1 93  ? -6.163  3.850   4.239   1.00 29.17 ? 93  ASN A O   1 
ATOM   702  C  CB  . ASN A 1 93  ? -7.445  6.436   2.977   1.00 29.10 ? 93  ASN A CB  1 
ATOM   703  C  CG  . ASN A 1 93  ? -7.264  7.506   1.927   1.00 32.28 ? 93  ASN A CG  1 
ATOM   704  O  OD1 . ASN A 1 93  ? -6.942  8.669   2.252   1.00 33.25 ? 93  ASN A OD1 1 
ATOM   705  N  ND2 . ASN A 1 93  ? -7.450  7.131   0.655   1.00 31.78 ? 93  ASN A ND2 1 
ATOM   706  N  N   . ILE A 1 94  ? -6.720  5.216   5.934   1.00 27.32 ? 94  ILE A N   1 
ATOM   707  C  CA  . ILE A 1 94  ? -6.891  4.143   6.897   1.00 27.60 ? 94  ILE A CA  1 
ATOM   708  C  C   . ILE A 1 94  ? -8.195  4.367   7.660   1.00 29.93 ? 94  ILE A C   1 
ATOM   709  O  O   . ILE A 1 94  ? -8.434  5.457   8.186   1.00 29.70 ? 94  ILE A O   1 
ATOM   710  C  CB  . ILE A 1 94  ? -5.711  4.142   7.904   1.00 26.57 ? 94  ILE A CB  1 
ATOM   711  C  CG1 . ILE A 1 94  ? -4.382  3.953   7.153   1.00 26.29 ? 94  ILE A CG1 1 
ATOM   712  C  CG2 . ILE A 1 94  ? -5.942  3.084   8.981   1.00 25.98 ? 94  ILE A CG2 1 
ATOM   713  C  CD1 . ILE A 1 94  ? -3.144  4.018   8.034   1.00 25.52 ? 94  ILE A CD1 1 
ATOM   714  N  N   . GLY A 1 95  ? -9.042  3.345   7.725   1.00 31.66 ? 95  GLY A N   1 
ATOM   715  C  CA  . GLY A 1 95  ? -10.296 3.508   8.444   1.00 32.40 ? 95  GLY A CA  1 
ATOM   716  C  C   . GLY A 1 95  ? -10.867 2.202   8.949   1.00 33.67 ? 95  GLY A C   1 
ATOM   717  O  O   . GLY A 1 95  ? -10.467 1.138   8.483   1.00 32.57 ? 95  GLY A O   1 
ATOM   718  N  N   . GLN A 1 96  ? -11.798 2.281   9.904   1.00 35.19 ? 96  GLN A N   1 
ATOM   719  C  CA  . GLN A 1 96  ? -12.443 1.095   10.465  1.00 36.17 ? 96  GLN A CA  1 
ATOM   720  C  C   . GLN A 1 96  ? -13.462 0.491   9.498   1.00 34.95 ? 96  GLN A C   1 
ATOM   721  O  O   . GLN A 1 96  ? -13.681 -0.721  9.485   1.00 34.89 ? 96  GLN A O   1 
ATOM   722  C  CB  . GLN A 1 96  ? -13.167 1.435   11.760  1.00 37.21 ? 96  GLN A CB  1 
ATOM   723  C  CG  . GLN A 1 96  ? -12.290 1.879   12.887  1.00 44.18 ? 96  GLN A CG  1 
ATOM   724  C  CD  . GLN A 1 96  ? -13.066 1.972   14.200  1.00 49.58 ? 96  GLN A CD  1 
ATOM   725  O  OE1 . GLN A 1 96  ? -12.577 2.532   15.201  1.00 53.44 ? 96  GLN A OE1 1 
ATOM   726  N  NE2 . GLN A 1 96  ? -14.283 1.411   14.210  1.00 53.37 ? 96  GLN A NE2 1 
ATOM   727  N  N   . HIS A 1 97  ? -14.077 1.349   8.693   1.00 34.51 ? 97  HIS A N   1 
ATOM   728  C  CA  . HIS A 1 97  ? -15.094 0.923   7.745   1.00 35.18 ? 97  HIS A CA  1 
ATOM   729  C  C   . HIS A 1 97  ? -14.710 1.332   6.322   1.00 36.53 ? 97  HIS A C   1 
ATOM   730  O  O   . HIS A 1 97  ? -13.788 2.126   6.116   1.00 36.94 ? 97  HIS A O   1 
ATOM   731  C  CB  . HIS A 1 97  ? -16.437 1.543   8.152   1.00 35.57 ? 97  HIS A CB  1 
ATOM   732  C  CG  . HIS A 1 97  ? -16.746 1.402   9.617   1.00 36.09 ? 97  HIS A CG  1 
ATOM   733  N  ND1 . HIS A 1 97  ? -17.099 0.198   10.194  1.00 36.95 ? 97  HIS A ND1 1 
ATOM   734  C  CD2 . HIS A 1 97  ? -16.696 2.301   10.630  1.00 35.13 ? 97  HIS A CD2 1 
ATOM   735  C  CE1 . HIS A 1 97  ? -17.249 0.362   11.497  1.00 34.85 ? 97  HIS A CE1 1 
ATOM   736  N  NE2 . HIS A 1 97  ? -17.008 1.628   11.787  1.00 35.74 ? 97  HIS A NE2 1 
ATOM   737  N  N   . LEU A 1 98  ? -15.421 0.797   5.336   1.00 37.99 ? 98  LEU A N   1 
ATOM   738  C  CA  . LEU A 1 98  ? -15.118 1.102   3.946   1.00 40.61 ? 98  LEU A CA  1 
ATOM   739  C  C   . LEU A 1 98  ? -15.964 2.241   3.343   1.00 42.59 ? 98  LEU A C   1 
ATOM   740  O  O   . LEU A 1 98  ? -16.943 2.019   2.616   1.00 43.65 ? 98  LEU A O   1 
ATOM   741  C  CB  . LEU A 1 98  ? -15.237 -0.185  3.123   1.00 39.12 ? 98  LEU A CB  1 
ATOM   742  C  CG  . LEU A 1 98  ? -14.103 -0.541  2.159   1.00 38.04 ? 98  LEU A CG  1 
ATOM   743  C  CD1 . LEU A 1 98  ? -12.759 -0.096  2.695   1.00 37.84 ? 98  LEU A CD1 1 
ATOM   744  C  CD2 . LEU A 1 98  ? -14.126 -2.033  1.939   1.00 37.13 ? 98  LEU A CD2 1 
ATOM   745  N  N   . ALA A 1 99  ? -15.555 3.469   3.656   1.00 44.32 ? 99  ALA A N   1 
ATOM   746  C  CA  . ALA A 1 99  ? -16.206 4.690   3.173   1.00 44.39 ? 99  ALA A CA  1 
ATOM   747  C  C   . ALA A 1 99  ? -15.847 4.968   1.689   1.00 44.12 ? 99  ALA A C   1 
ATOM   748  O  O   . ALA A 1 99  ? -14.871 5.677   1.392   1.00 43.80 ? 99  ALA A O   1 
ATOM   749  C  CB  . ALA A 1 99  ? -15.779 5.886   4.069   1.00 44.59 ? 99  ALA A CB  1 
ATOM   750  N  N   . SER A 1 100 ? -16.654 4.402   0.782   1.00 42.97 ? 100 SER A N   1 
ATOM   751  C  CA  . SER A 1 100 ? -16.498 4.518   -0.683  1.00 41.34 ? 100 SER A CA  1 
ATOM   752  C  C   . SER A 1 100 ? -15.194 3.891   -1.191  1.00 39.88 ? 100 SER A C   1 
ATOM   753  O  O   . SER A 1 100 ? -14.354 4.567   -1.788  1.00 38.80 ? 100 SER A O   1 
ATOM   754  C  CB  . SER A 1 100 ? -16.586 5.986   -1.143  1.00 41.75 ? 100 SER A CB  1 
ATOM   755  O  OG  . SER A 1 100 ? -16.593 6.090   -2.567  1.00 42.95 ? 100 SER A OG  1 
ATOM   756  N  N   . ASN A 1 101 ? -15.057 2.585   -0.958  1.00 37.74 ? 101 ASN A N   1 
ATOM   757  C  CA  . ASN A 1 101 ? -13.882 1.820   -1.353  1.00 36.50 ? 101 ASN A CA  1 
ATOM   758  C  C   . ASN A 1 101 ? -12.624 2.221   -0.588  1.00 35.65 ? 101 ASN A C   1 
ATOM   759  O  O   . ASN A 1 101 ? -11.511 1.920   -1.008  1.00 34.78 ? 101 ASN A O   1 
ATOM   760  C  CB  . ASN A 1 101 ? -13.646 1.937   -2.864  1.00 36.74 ? 101 ASN A CB  1 
ATOM   761  C  CG  . ASN A 1 101 ? -14.574 1.041   -3.665  1.00 36.85 ? 101 ASN A CG  1 
ATOM   762  O  OD1 . ASN A 1 101 ? -14.732 -0.144  -3.352  1.00 37.51 ? 101 ASN A OD1 1 
ATOM   763  N  ND2 . ASN A 1 101 ? -15.181 1.593   -4.706  1.00 36.60 ? 101 ASN A ND2 1 
ATOM   764  N  N   . GLY A 1 102 ? -12.818 2.888   0.549   1.00 35.23 ? 102 GLY A N   1 
ATOM   765  C  CA  . GLY A 1 102 ? -11.701 3.323   1.367   1.00 35.21 ? 102 GLY A CA  1 
ATOM   766  C  C   . GLY A 1 102 ? -11.108 4.654   0.930   1.00 35.60 ? 102 GLY A C   1 
ATOM   767  O  O   . GLY A 1 102 ? -10.309 5.251   1.653   1.00 35.22 ? 102 GLY A O   1 
ATOM   768  N  N   . VAL A 1 103 ? -11.505 5.109   -0.259  1.00 36.20 ? 103 VAL A N   1 
ATOM   769  C  CA  . VAL A 1 103 ? -11.038 6.362   -0.853  1.00 36.78 ? 103 VAL A CA  1 
ATOM   770  C  C   . VAL A 1 103 ? -11.331 7.605   0.022   1.00 39.28 ? 103 VAL A C   1 
ATOM   771  O  O   . VAL A 1 103 ? -10.566 8.582   0.001   1.00 38.76 ? 103 VAL A O   1 
ATOM   772  C  CB  . VAL A 1 103 ? -11.660 6.507   -2.279  1.00 36.28 ? 103 VAL A CB  1 
ATOM   773  C  CG1 . VAL A 1 103 ? -11.671 7.946   -2.749  1.00 35.95 ? 103 VAL A CG1 1 
ATOM   774  C  CG2 . VAL A 1 103 ? -10.880 5.640   -3.244  1.00 34.55 ? 103 VAL A CG2 1 
ATOM   775  N  N   . ASN A 1 104 ? -12.413 7.544   0.808   1.00 40.49 ? 104 ASN A N   1 
ATOM   776  C  CA  . ASN A 1 104 ? -12.823 8.640   1.688   1.00 40.01 ? 104 ASN A CA  1 
ATOM   777  C  C   . ASN A 1 104 ? -12.491 8.450   3.170   1.00 38.26 ? 104 ASN A C   1 
ATOM   778  O  O   . ASN A 1 104 ? -13.001 9.177   4.018   1.00 38.54 ? 104 ASN A O   1 
ATOM   779  C  CB  . ASN A 1 104 ? -14.330 8.898   1.534   1.00 44.38 ? 104 ASN A CB  1 
ATOM   780  C  CG  . ASN A 1 104 ? -14.685 9.509   0.172   1.00 49.26 ? 104 ASN A CG  1 
ATOM   781  O  OD1 . ASN A 1 104 ? -14.119 10.529  -0.232  1.00 51.70 ? 104 ASN A OD1 1 
ATOM   782  N  ND2 . ASN A 1 104 ? -15.627 8.888   -0.538  1.00 52.76 ? 104 ASN A ND2 1 
ATOM   783  N  N   . ASN A 1 105 ? -11.647 7.479   3.496   1.00 35.13 ? 105 ASN A N   1 
ATOM   784  C  CA  . ASN A 1 105 ? -11.273 7.263   4.892   1.00 32.97 ? 105 ASN A CA  1 
ATOM   785  C  C   . ASN A 1 105 ? -10.222 8.298   5.339   1.00 32.47 ? 105 ASN A C   1 
ATOM   786  O  O   . ASN A 1 105 ? -9.644  9.012   4.513   1.00 32.37 ? 105 ASN A O   1 
ATOM   787  C  CB  . ASN A 1 105 ? -10.713 5.840   5.086   1.00 31.66 ? 105 ASN A CB  1 
ATOM   788  C  CG  . ASN A 1 105 ? -11.802 4.793   5.292   1.00 30.17 ? 105 ASN A CG  1 
ATOM   789  O  OD1 . ASN A 1 105 ? -12.878 5.092   5.797   1.00 29.99 ? 105 ASN A OD1 1 
ATOM   790  N  ND2 . ASN A 1 105 ? -11.508 3.554   4.922   1.00 30.16 ? 105 ASN A ND2 1 
ATOM   791  N  N   . PRO A 1 106 ? -9.978  8.405   6.660   1.00 31.35 ? 106 PRO A N   1 
ATOM   792  C  CA  . PRO A 1 106 ? -8.992  9.346   7.211   1.00 30.49 ? 106 PRO A CA  1 
ATOM   793  C  C   . PRO A 1 106 ? -7.609  9.126   6.579   1.00 30.86 ? 106 PRO A C   1 
ATOM   794  O  O   . PRO A 1 106 ? -7.188  7.990   6.329   1.00 30.20 ? 106 PRO A O   1 
ATOM   795  C  CB  . PRO A 1 106 ? -9.001  9.020   8.699   1.00 31.04 ? 106 PRO A CB  1 
ATOM   796  C  CG  . PRO A 1 106 ? -10.422 8.604   8.929   1.00 31.59 ? 106 PRO A CG  1 
ATOM   797  C  CD  . PRO A 1 106 ? -10.724 7.734   7.739   1.00 30.49 ? 106 PRO A CD  1 
ATOM   798  N  N   . GLU A 1 107 ? -6.889  10.213  6.348   1.00 29.87 ? 107 GLU A N   1 
ATOM   799  C  CA  . GLU A 1 107 ? -5.600  10.113  5.701   1.00 30.17 ? 107 GLU A CA  1 
ATOM   800  C  C   . GLU A 1 107 ? -4.395  9.940   6.601   1.00 28.98 ? 107 GLU A C   1 
ATOM   801  O  O   . GLU A 1 107 ? -4.208  10.703  7.536   1.00 28.72 ? 107 GLU A O   1 
ATOM   802  C  CB  . GLU A 1 107 ? -5.400  11.331  4.810   1.00 31.65 ? 107 GLU A CB  1 
ATOM   803  C  CG  . GLU A 1 107 ? -4.093  11.344  4.071   1.00 36.18 ? 107 GLU A CG  1 
ATOM   804  C  CD  . GLU A 1 107 ? -3.910  12.625  3.289   1.00 40.81 ? 107 GLU A CD  1 
ATOM   805  O  OE1 . GLU A 1 107 ? -4.668  12.843  2.317   1.00 43.88 ? 107 GLU A OE1 1 
ATOM   806  O  OE2 . GLU A 1 107 ? -3.019  13.422  3.650   1.00 42.71 ? 107 GLU A OE2 1 
ATOM   807  N  N   . CYS A 1 108 ? -3.583  8.923   6.304   1.00 29.28 ? 108 CYS A N   1 
ATOM   808  C  CA  . CYS A 1 108 ? -2.353  8.646   7.045   1.00 28.62 ? 108 CYS A CA  1 
ATOM   809  C  C   . CYS A 1 108 ? -1.248  9.510   6.463   1.00 29.27 ? 108 CYS A C   1 
ATOM   810  O  O   . CYS A 1 108 ? -0.470  10.119  7.198   1.00 28.35 ? 108 CYS A O   1 
ATOM   811  C  CB  . CYS A 1 108 ? -1.930  7.175   6.921   1.00 28.82 ? 108 CYS A CB  1 
ATOM   812  S  SG  . CYS A 1 108 ? -0.255  6.816   7.589   1.00 30.83 ? 108 CYS A SG  1 
ATOM   813  N  N   . SER A 1 109 ? -1.181  9.560   5.136   1.00 28.73 ? 109 SER A N   1 
ATOM   814  C  CA  . SER A 1 109 ? -0.162  10.351  4.475   1.00 29.15 ? 109 SER A CA  1 
ATOM   815  C  C   . SER A 1 109 ? -0.422  10.463  2.986   1.00 29.50 ? 109 SER A C   1 
ATOM   816  O  O   . SER A 1 109 ? -1.272  9.762   2.441   1.00 31.00 ? 109 SER A O   1 
ATOM   817  C  CB  . SER A 1 109 ? 1.215   9.725   4.719   1.00 31.15 ? 109 SER A CB  1 
ATOM   818  O  OG  . SER A 1 109 ? 2.261   10.562  4.241   1.00 33.18 ? 109 SER A OG  1 
ATOM   819  N  N   . VAL A 1 110 ? 0.293   11.377  2.342   1.00 29.75 ? 110 VAL A N   1 
ATOM   820  C  CA  . VAL A 1 110 ? 0.200   11.594  0.898   1.00 30.78 ? 110 VAL A CA  1 
ATOM   821  C  C   . VAL A 1 110 ? 1.603   11.302  0.413   1.00 30.60 ? 110 VAL A C   1 
ATOM   822  O  O   . VAL A 1 110 ? 2.576   11.634  1.090   1.00 31.86 ? 110 VAL A O   1 
ATOM   823  C  CB  . VAL A 1 110 ? -0.177  13.069  0.535   1.00 29.88 ? 110 VAL A CB  1 
ATOM   824  C  CG1 . VAL A 1 110 ? -0.016  13.310  -0.973  1.00 30.63 ? 110 VAL A CG1 1 
ATOM   825  C  CG2 . VAL A 1 110 ? -1.606  13.342  0.937   1.00 29.89 ? 110 VAL A CG2 1 
ATOM   826  N  N   . ILE A 1 111 ? 1.722   10.646  -0.731  1.00 30.70 ? 111 ILE A N   1 
ATOM   827  C  CA  . ILE A 1 111 ? 3.047   10.340  -1.246  1.00 30.82 ? 111 ILE A CA  1 
ATOM   828  C  C   . ILE A 1 111 ? 3.403   11.470  -2.203  1.00 32.26 ? 111 ILE A C   1 
ATOM   829  O  O   . ILE A 1 111 ? 2.846   11.571  -3.291  1.00 32.35 ? 111 ILE A O   1 
ATOM   830  C  CB  . ILE A 1 111 ? 3.072   8.957   -1.971  1.00 29.40 ? 111 ILE A CB  1 
ATOM   831  C  CG1 . ILE A 1 111 ? 2.631   7.862   -0.995  1.00 26.06 ? 111 ILE A CG1 1 
ATOM   832  C  CG2 . ILE A 1 111 ? 4.482   8.668   -2.516  1.00 27.26 ? 111 ILE A CG2 1 
ATOM   833  C  CD1 . ILE A 1 111 ? 2.503   6.502   -1.609  1.00 25.83 ? 111 ILE A CD1 1 
ATOM   834  N  N   . GLY A 1 112 ? 4.303   12.348  -1.771  1.00 33.81 ? 112 GLY A N   1 
ATOM   835  C  CA  . GLY A 1 112 ? 4.698   13.455  -2.623  1.00 35.22 ? 112 GLY A CA  1 
ATOM   836  C  C   . GLY A 1 112 ? 5.322   12.889  -3.884  1.00 35.14 ? 112 GLY A C   1 
ATOM   837  O  O   . GLY A 1 112 ? 4.918   13.196  -5.014  1.00 34.89 ? 112 GLY A O   1 
ATOM   838  N  N   . SER A 1 113 ? 6.317   12.038  -3.669  1.00 35.44 ? 113 SER A N   1 
ATOM   839  C  CA  . SER A 1 113 ? 7.035   11.389  -4.749  1.00 36.05 ? 113 SER A CA  1 
ATOM   840  C  C   . SER A 1 113 ? 8.042   10.396  -4.170  1.00 35.27 ? 113 SER A C   1 
ATOM   841  O  O   . SER A 1 113 ? 8.453   10.493  -3.000  1.00 36.97 ? 113 SER A O   1 
ATOM   842  C  CB  . SER A 1 113 ? 7.771   12.426  -5.607  1.00 36.47 ? 113 SER A CB  1 
ATOM   843  O  OG  . SER A 1 113 ? 8.851   13.002  -4.894  1.00 37.13 ? 113 SER A OG  1 
ATOM   844  N  N   . MET A 1 114 ? 8.436   9.442   -5.002  1.00 32.62 ? 114 MET A N   1 
ATOM   845  C  CA  . MET A 1 114 ? 9.392   8.433   -4.600  1.00 30.54 ? 114 MET A CA  1 
ATOM   846  C  C   . MET A 1 114 ? 10.264  8.113   -5.801  1.00 29.04 ? 114 MET A C   1 
ATOM   847  O  O   . MET A 1 114 ? 9.781   8.095   -6.937  1.00 28.54 ? 114 MET A O   1 
ATOM   848  C  CB  . MET A 1 114 ? 8.670   7.146   -4.162  1.00 29.60 ? 114 MET A CB  1 
ATOM   849  C  CG  . MET A 1 114 ? 7.726   7.276   -2.981  1.00 27.90 ? 114 MET A CG  1 
ATOM   850  S  SD  . MET A 1 114 ? 6.918   5.688   -2.645  1.00 28.19 ? 114 MET A SD  1 
ATOM   851  C  CE  . MET A 1 114 ? 8.269   4.698   -2.049  1.00 23.69 ? 114 MET A CE  1 
ATOM   852  N  N   . ALA A 1 115 ? 11.542  7.865   -5.552  1.00 27.95 ? 115 ALA A N   1 
ATOM   853  C  CA  . ALA A 1 115 ? 12.449  7.491   -6.627  1.00 28.53 ? 115 ALA A CA  1 
ATOM   854  C  C   . ALA A 1 115 ? 11.993  6.119   -7.133  1.00 28.95 ? 115 ALA A C   1 
ATOM   855  O  O   . ALA A 1 115 ? 11.234  5.401   -6.464  1.00 27.46 ? 115 ALA A O   1 
ATOM   856  C  CB  . ALA A 1 115 ? 13.880  7.396   -6.110  1.00 26.90 ? 115 ALA A CB  1 
ATOM   857  N  N   . THR A 1 116 ? 12.459  5.755   -8.319  1.00 29.48 ? 116 THR A N   1 
ATOM   858  C  CA  . THR A 1 116 ? 12.113  4.473   -8.884  1.00 29.07 ? 116 THR A CA  1 
ATOM   859  C  C   . THR A 1 116 ? 12.772  3.390   -8.037  1.00 27.95 ? 116 THR A C   1 
ATOM   860  O  O   . THR A 1 116 ? 13.967  3.458   -7.743  1.00 28.47 ? 116 THR A O   1 
ATOM   861  C  CB  . THR A 1 116 ? 12.581  4.398   -10.350 1.00 31.10 ? 116 THR A CB  1 
ATOM   862  O  OG1 . THR A 1 116 ? 11.860  5.376   -11.120 1.00 33.70 ? 116 THR A OG1 1 
ATOM   863  C  CG2 . THR A 1 116 ? 12.319  3.025   -10.936 1.00 32.71 ? 116 THR A CG2 1 
ATOM   864  N  N   . GLY A 1 117 ? 11.972  2.418   -7.605  1.00 27.11 ? 117 GLY A N   1 
ATOM   865  C  CA  . GLY A 1 117 ? 12.480  1.314   -6.807  1.00 25.10 ? 117 GLY A CA  1 
ATOM   866  C  C   . GLY A 1 117 ? 12.652  1.628   -5.336  1.00 24.99 ? 117 GLY A C   1 
ATOM   867  O  O   . GLY A 1 117 ? 13.149  0.798   -4.581  1.00 25.72 ? 117 GLY A O   1 
ATOM   868  N  N   . GLU A 1 118 ? 12.227  2.817   -4.925  1.00 25.40 ? 118 GLU A N   1 
ATOM   869  C  CA  . GLU A 1 118 ? 12.356  3.234   -3.530  1.00 24.72 ? 118 GLU A CA  1 
ATOM   870  C  C   . GLU A 1 118 ? 11.352  2.602   -2.573  1.00 23.24 ? 118 GLU A C   1 
ATOM   871  O  O   . GLU A 1 118 ? 10.193  2.412   -2.910  1.00 22.86 ? 118 GLU A O   1 
ATOM   872  C  CB  . GLU A 1 118 ? 12.234  4.761   -3.407  1.00 24.40 ? 118 GLU A CB  1 
ATOM   873  C  CG  . GLU A 1 118 ? 12.352  5.253   -1.960  1.00 26.96 ? 118 GLU A CG  1 
ATOM   874  C  CD  . GLU A 1 118 ? 12.365  6.770   -1.836  1.00 28.06 ? 118 GLU A CD  1 
ATOM   875  O  OE1 . GLU A 1 118 ? 12.081  7.456   -2.835  1.00 30.22 ? 118 GLU A OE1 1 
ATOM   876  O  OE2 . GLU A 1 118 ? 12.649  7.277   -0.732  1.00 26.87 ? 118 GLU A OE2 1 
ATOM   877  N  N   . THR A 1 119 ? 11.831  2.252   -1.388  1.00 22.48 ? 119 THR A N   1 
ATOM   878  C  CA  . THR A 1 119 ? 10.981  1.725   -0.332  1.00 23.70 ? 119 THR A CA  1 
ATOM   879  C  C   . THR A 1 119 ? 11.065  2.847   0.709   1.00 25.50 ? 119 THR A C   1 
ATOM   880  O  O   . THR A 1 119 ? 12.167  3.243   1.110   1.00 25.78 ? 119 THR A O   1 
ATOM   881  C  CB  . THR A 1 119 ? 11.521  0.426   0.294   1.00 22.22 ? 119 THR A CB  1 
ATOM   882  O  OG1 . THR A 1 119 ? 11.358  -0.658  -0.625  1.00 23.67 ? 119 THR A OG1 1 
ATOM   883  C  CG2 . THR A 1 119 ? 10.751  0.101   1.588   1.00 20.94 ? 119 THR A CG2 1 
ATOM   884  N  N   . LYS A 1 120 ? 9.913   3.361   1.137   1.00 26.39 ? 120 LYS A N   1 
ATOM   885  C  CA  . LYS A 1 120 ? 9.869   4.462   2.094   1.00 28.44 ? 120 LYS A CA  1 
ATOM   886  C  C   . LYS A 1 120 ? 8.707   4.325   3.067   1.00 29.27 ? 120 LYS A C   1 
ATOM   887  O  O   . LYS A 1 120 ? 7.613   3.894   2.679   1.00 30.10 ? 120 LYS A O   1 
ATOM   888  C  CB  . LYS A 1 120 ? 9.726   5.777   1.322   1.00 29.50 ? 120 LYS A CB  1 
ATOM   889  C  CG  . LYS A 1 120 ? 9.669   7.062   2.136   1.00 31.08 ? 120 LYS A CG  1 
ATOM   890  C  CD  . LYS A 1 120 ? 9.476   8.193   1.135   1.00 35.18 ? 120 LYS A CD  1 
ATOM   891  C  CE  . LYS A 1 120 ? 9.681   9.569   1.713   1.00 37.35 ? 120 LYS A CE  1 
ATOM   892  N  NZ  . LYS A 1 120 ? 9.690   10.527  0.555   1.00 41.80 ? 120 LYS A NZ  1 
ATOM   893  N  N   . THR A 1 121 ? 8.938   4.695   4.326   1.00 29.03 ? 121 THR A N   1 
ATOM   894  C  CA  . THR A 1 121 ? 7.877   4.632   5.328   1.00 29.00 ? 121 THR A CA  1 
ATOM   895  C  C   . THR A 1 121 ? 7.178   5.986   5.474   1.00 29.27 ? 121 THR A C   1 
ATOM   896  O  O   . THR A 1 121 ? 7.823   7.037   5.531   1.00 30.19 ? 121 THR A O   1 
ATOM   897  C  CB  . THR A 1 121 ? 8.428   4.180   6.689   1.00 28.45 ? 121 THR A CB  1 
ATOM   898  O  OG1 . THR A 1 121 ? 8.913   2.845   6.558   1.00 29.17 ? 121 THR A OG1 1 
ATOM   899  C  CG2 . THR A 1 121 ? 7.346   4.207   7.761   1.00 27.19 ? 121 THR A CG2 1 
ATOM   900  N  N   . PHE A 1 122 ? 5.852   5.954   5.486   1.00 28.80 ? 122 PHE A N   1 
ATOM   901  C  CA  . PHE A 1 122 ? 5.070   7.165   5.653   1.00 29.09 ? 122 PHE A CA  1 
ATOM   902  C  C   . PHE A 1 122 ? 4.361   7.030   6.989   1.00 29.86 ? 122 PHE A C   1 
ATOM   903  O  O   . PHE A 1 122 ? 3.510   6.155   7.178   1.00 29.12 ? 122 PHE A O   1 
ATOM   904  C  CB  . PHE A 1 122 ? 4.083   7.326   4.502   1.00 28.42 ? 122 PHE A CB  1 
ATOM   905  C  CG  . PHE A 1 122 ? 4.753   7.374   3.156   1.00 29.70 ? 122 PHE A CG  1 
ATOM   906  C  CD1 . PHE A 1 122 ? 5.146   6.193   2.514   1.00 27.61 ? 122 PHE A CD1 1 
ATOM   907  C  CD2 . PHE A 1 122 ? 5.058   8.598   2.561   1.00 28.03 ? 122 PHE A CD2 1 
ATOM   908  C  CE1 . PHE A 1 122 ? 5.834   6.228   1.305   1.00 26.96 ? 122 PHE A CE1 1 
ATOM   909  C  CE2 . PHE A 1 122 ? 5.750   8.647   1.341   1.00 28.31 ? 122 PHE A CE2 1 
ATOM   910  C  CZ  . PHE A 1 122 ? 6.139   7.459   0.714   1.00 27.58 ? 122 PHE A CZ  1 
ATOM   911  N  N   . HIS A 1 123 ? 4.763   7.877   7.931   1.00 29.54 ? 123 HIS A N   1 
ATOM   912  C  CA  . HIS A 1 123 ? 4.192   7.852   9.261   1.00 30.83 ? 123 HIS A CA  1 
ATOM   913  C  C   . HIS A 1 123 ? 2.903   8.637   9.304   1.00 31.01 ? 123 HIS A C   1 
ATOM   914  O  O   . HIS A 1 123 ? 2.803   9.704   8.695   1.00 32.99 ? 123 HIS A O   1 
ATOM   915  C  CB  . HIS A 1 123 ? 5.193   8.408   10.275  1.00 30.27 ? 123 HIS A CB  1 
ATOM   916  C  CG  . HIS A 1 123 ? 6.419   7.560   10.427  1.00 31.70 ? 123 HIS A CG  1 
ATOM   917  N  ND1 . HIS A 1 123 ? 7.482   7.617   9.547   1.00 33.47 ? 123 HIS A ND1 1 
ATOM   918  C  CD2 . HIS A 1 123 ? 6.724   6.590   11.320  1.00 31.01 ? 123 HIS A CD2 1 
ATOM   919  C  CE1 . HIS A 1 123 ? 8.388   6.721   9.893   1.00 30.35 ? 123 HIS A CE1 1 
ATOM   920  N  NE2 . HIS A 1 123 ? 7.951   6.082   10.966  1.00 31.78 ? 123 HIS A NE2 1 
ATOM   921  N  N   . CYS A 1 124 ? 1.903   8.102   9.999   1.00 30.68 ? 124 CYS A N   1 
ATOM   922  C  CA  . CYS A 1 124 ? 0.622   8.795   10.112  1.00 31.83 ? 124 CYS A CA  1 
ATOM   923  C  C   . CYS A 1 124 ? 0.787   9.919   11.158  1.00 31.16 ? 124 CYS A C   1 
ATOM   924  O  O   . CYS A 1 124 ? 1.667   9.841   12.027  1.00 29.84 ? 124 CYS A O   1 
ATOM   925  C  CB  . CYS A 1 124 ? -0.489  7.811   10.523  1.00 31.82 ? 124 CYS A CB  1 
ATOM   926  S  SG  . CYS A 1 124 ? -0.572  6.266   9.543   1.00 31.41 ? 124 CYS A SG  1 
ATOM   927  N  N   . PRO A 1 125 ? -0.037  10.983  11.072  1.00 31.48 ? 125 PRO A N   1 
ATOM   928  C  CA  . PRO A 1 125 ? 0.053   12.104  12.022  1.00 33.15 ? 125 PRO A CA  1 
ATOM   929  C  C   . PRO A 1 125 ? 0.131   11.582  13.456  1.00 34.02 ? 125 PRO A C   1 
ATOM   930  O  O   . PRO A 1 125 ? 0.980   11.993  14.250  1.00 35.60 ? 125 PRO A O   1 
ATOM   931  C  CB  . PRO A 1 125 ? -1.228  12.886  11.745  1.00 32.72 ? 125 PRO A CB  1 
ATOM   932  C  CG  . PRO A 1 125 ? -1.451  12.641  10.278  1.00 31.76 ? 125 PRO A CG  1 
ATOM   933  C  CD  . PRO A 1 125 ? -1.181  11.161  10.163  1.00 30.71 ? 125 PRO A CD  1 
ATOM   934  N  N   . ALA A 1 126 ? -0.763  10.653  13.756  1.00 34.58 ? 126 ALA A N   1 
ATOM   935  C  CA  . ALA A 1 126 ? -0.840  10.002  15.048  1.00 35.24 ? 126 ALA A CA  1 
ATOM   936  C  C   . ALA A 1 126 ? -1.227  8.551   14.703  1.00 36.04 ? 126 ALA A C   1 
ATOM   937  O  O   . ALA A 1 126 ? -1.631  8.262   13.570  1.00 35.61 ? 126 ALA A O   1 
ATOM   938  C  CB  . ALA A 1 126 ? -1.927  10.683  15.906  1.00 33.06 ? 126 ALA A CB  1 
ATOM   939  N  N   . PRO A 1 127 ? -1.071  7.611   15.647  1.00 36.83 ? 127 PRO A N   1 
ATOM   940  C  CA  . PRO A 1 127 ? -1.466  6.247   15.279  1.00 37.00 ? 127 PRO A CA  1 
ATOM   941  C  C   . PRO A 1 127 ? -2.956  6.246   14.908  1.00 35.89 ? 127 PRO A C   1 
ATOM   942  O  O   . PRO A 1 127 ? -3.756  6.940   15.528  1.00 35.63 ? 127 PRO A O   1 
ATOM   943  C  CB  . PRO A 1 127 ? -1.143  5.432   16.537  1.00 37.96 ? 127 PRO A CB  1 
ATOM   944  C  CG  . PRO A 1 127 ? -1.217  6.444   17.646  1.00 38.94 ? 127 PRO A CG  1 
ATOM   945  C  CD  . PRO A 1 127 ? -0.568  7.669   17.028  1.00 38.04 ? 127 PRO A CD  1 
ATOM   946  N  N   . MET A 1 128 ? -3.316  5.478   13.888  1.00 34.12 ? 128 MET A N   1 
ATOM   947  C  CA  . MET A 1 128 ? -4.684  5.440   13.409  1.00 32.34 ? 128 MET A CA  1 
ATOM   948  C  C   . MET A 1 128 ? -5.344  4.078   13.532  1.00 31.54 ? 128 MET A C   1 
ATOM   949  O  O   . MET A 1 128 ? -4.728  3.049   13.249  1.00 32.03 ? 128 MET A O   1 
ATOM   950  C  CB  . MET A 1 128 ? -4.710  5.874   11.949  1.00 32.15 ? 128 MET A CB  1 
ATOM   951  C  CG  . MET A 1 128 ? -4.129  7.232   11.718  1.00 30.28 ? 128 MET A CG  1 
ATOM   952  S  SD  . MET A 1 128 ? -4.094  7.630   9.969   1.00 32.74 ? 128 MET A SD  1 
ATOM   953  C  CE  . MET A 1 128 ? -5.758  8.169   9.662   1.00 29.83 ? 128 MET A CE  1 
ATOM   954  N  N   . ILE A 1 129 ? -6.606  4.077   13.951  1.00 29.52 ? 129 ILE A N   1 
ATOM   955  C  CA  . ILE A 1 129 ? -7.355  2.839   14.089  1.00 27.35 ? 129 ILE A CA  1 
ATOM   956  C  C   . ILE A 1 129 ? -7.956  2.512   12.721  1.00 26.88 ? 129 ILE A C   1 
ATOM   957  O  O   . ILE A 1 129 ? -8.570  3.367   12.073  1.00 27.25 ? 129 ILE A O   1 
ATOM   958  C  CB  . ILE A 1 129 ? -8.495  2.982   15.126  1.00 26.02 ? 129 ILE A CB  1 
ATOM   959  C  CG1 . ILE A 1 129 ? -7.910  3.104   16.530  1.00 26.42 ? 129 ILE A CG1 1 
ATOM   960  C  CG2 . ILE A 1 129 ? -9.411  1.774   15.067  1.00 25.04 ? 129 ILE A CG2 1 
ATOM   961  C  CD1 . ILE A 1 129 ? -8.952  3.310   17.595  1.00 26.81 ? 129 ILE A CD1 1 
ATOM   962  N  N   . GLY A 1 130 ? -7.768  1.279   12.273  1.00 25.57 ? 130 GLY A N   1 
ATOM   963  C  CA  . GLY A 1 130 ? -8.320  0.902   10.991  1.00 24.28 ? 130 GLY A CA  1 
ATOM   964  C  C   . GLY A 1 130 ? -8.233  -0.571  10.668  1.00 22.84 ? 130 GLY A C   1 
ATOM   965  O  O   . GLY A 1 130 ? -7.364  -1.292  11.162  1.00 22.88 ? 130 GLY A O   1 
ATOM   966  N  N   . ARG A 1 131 ? -9.167  -1.020  9.847   1.00 21.26 ? 131 ARG A N   1 
ATOM   967  C  CA  . ARG A 1 131 ? -9.186  -2.391  9.408   1.00 21.21 ? 131 ARG A CA  1 
ATOM   968  C  C   . ARG A 1 131 ? -8.806  -2.364  7.925   1.00 21.88 ? 131 ARG A C   1 
ATOM   969  O  O   . ARG A 1 131 ? -8.284  -3.335  7.396   1.00 23.27 ? 131 ARG A O   1 
ATOM   970  C  CB  . ARG A 1 131 ? -10.577 -3.009  9.595   1.00 19.93 ? 131 ARG A CB  1 
ATOM   971  C  CG  . ARG A 1 131 ? -10.714 -4.344  8.885   1.00 22.33 ? 131 ARG A CG  1 
ATOM   972  C  CD  . ARG A 1 131 ? -11.982 -5.129  9.222   1.00 20.79 ? 131 ARG A CD  1 
ATOM   973  N  NE  . ARG A 1 131 ? -12.125 -6.215  8.259   1.00 21.44 ? 131 ARG A NE  1 
ATOM   974  C  CZ  . ARG A 1 131 ? -13.021 -7.194  8.328   1.00 22.95 ? 131 ARG A CZ  1 
ATOM   975  N  NH1 . ARG A 1 131 ? -13.877 -7.245  9.335   1.00 24.01 ? 131 ARG A NH1 1 
ATOM   976  N  NH2 . ARG A 1 131 ? -13.064 -8.124  7.383   1.00 21.89 ? 131 ARG A NH2 1 
ATOM   977  N  N   . TYR A 1 132 ? -9.045  -1.231  7.268   1.00 21.67 ? 132 TYR A N   1 
ATOM   978  C  CA  . TYR A 1 132 ? -8.758  -1.088  5.842   1.00 21.77 ? 132 TYR A CA  1 
ATOM   979  C  C   . TYR A 1 132 ? -7.770  0.012   5.535   1.00 21.44 ? 132 TYR A C   1 
ATOM   980  O  O   . TYR A 1 132 ? -7.883  1.136   6.032   1.00 21.59 ? 132 TYR A O   1 
ATOM   981  C  CB  . TYR A 1 132 ? -10.040 -0.801  5.041   1.00 24.05 ? 132 TYR A CB  1 
ATOM   982  C  CG  . TYR A 1 132 ? -11.161 -1.778  5.291   1.00 24.79 ? 132 TYR A CG  1 
ATOM   983  C  CD1 . TYR A 1 132 ? -12.012 -1.617  6.385   1.00 24.91 ? 132 TYR A CD1 1 
ATOM   984  C  CD2 . TYR A 1 132 ? -11.339 -2.890  4.465   1.00 24.63 ? 132 TYR A CD2 1 
ATOM   985  C  CE1 . TYR A 1 132 ? -13.011 -2.540  6.661   1.00 26.49 ? 132 TYR A CE1 1 
ATOM   986  C  CE2 . TYR A 1 132 ? -12.339 -3.819  4.726   1.00 26.43 ? 132 TYR A CE2 1 
ATOM   987  C  CZ  . TYR A 1 132 ? -13.175 -3.637  5.829   1.00 27.48 ? 132 TYR A CZ  1 
ATOM   988  O  OH  . TYR A 1 132 ? -14.178 -4.540  6.099   1.00 28.85 ? 132 TYR A OH  1 
ATOM   989  N  N   . VAL A 1 133 ? -6.801  -0.326  4.695   1.00 21.79 ? 133 VAL A N   1 
ATOM   990  C  CA  . VAL A 1 133 ? -5.775  0.615   4.273   1.00 21.67 ? 133 VAL A CA  1 
ATOM   991  C  C   . VAL A 1 133 ? -5.927  0.694   2.759   1.00 22.17 ? 133 VAL A C   1 
ATOM   992  O  O   . VAL A 1 133 ? -5.890  -0.324  2.069   1.00 22.89 ? 133 VAL A O   1 
ATOM   993  C  CB  . VAL A 1 133 ? -4.347  0.130   4.669   1.00 18.47 ? 133 VAL A CB  1 
ATOM   994  C  CG1 . VAL A 1 133 ? -3.298  1.122   4.194   1.00 18.61 ? 133 VAL A CG1 1 
ATOM   995  C  CG2 . VAL A 1 133 ? -4.253  -0.015  6.182   1.00 18.09 ? 133 VAL A CG2 1 
ATOM   996  N  N   . VAL A 1 134 ? -6.142  1.904   2.259   1.00 22.54 ? 134 VAL A N   1 
ATOM   997  C  CA  . VAL A 1 134 ? -6.324  2.129   0.834   1.00 22.69 ? 134 VAL A CA  1 
ATOM   998  C  C   . VAL A 1 134 ? -5.288  3.119   0.304   1.00 24.00 ? 134 VAL A C   1 
ATOM   999  O  O   . VAL A 1 134 ? -4.929  4.087   0.981   1.00 25.36 ? 134 VAL A O   1 
ATOM   1000 C  CB  . VAL A 1 134 ? -7.746  2.688   0.535   1.00 21.16 ? 134 VAL A CB  1 
ATOM   1001 C  CG1 . VAL A 1 134 ? -7.935  2.942   -0.966  1.00 20.15 ? 134 VAL A CG1 1 
ATOM   1002 C  CG2 . VAL A 1 134 ? -8.773  1.731   1.035   1.00 19.69 ? 134 VAL A CG2 1 
ATOM   1003 N  N   . THR A 1 135 ? -4.783  2.835   -0.893  1.00 23.67 ? 135 THR A N   1 
ATOM   1004 C  CA  . THR A 1 135 ? -3.845  3.703   -1.580  1.00 23.02 ? 135 THR A CA  1 
ATOM   1005 C  C   . THR A 1 135 ? -4.653  4.134   -2.804  1.00 23.22 ? 135 THR A C   1 
ATOM   1006 O  O   . THR A 1 135 ? -4.992  3.330   -3.687  1.00 22.87 ? 135 THR A O   1 
ATOM   1007 C  CB  . THR A 1 135 ? -2.549  2.971   -2.032  1.00 24.54 ? 135 THR A CB  1 
ATOM   1008 O  OG1 . THR A 1 135 ? -1.845  2.467   -0.880  1.00 26.74 ? 135 THR A OG1 1 
ATOM   1009 C  CG2 . THR A 1 135 ? -1.631  3.935   -2.807  1.00 22.82 ? 135 THR A CG2 1 
ATOM   1010 N  N   . TYR A 1 136 ? -4.988  5.412   -2.816  1.00 22.99 ? 136 TYR A N   1 
ATOM   1011 C  CA  . TYR A 1 136 ? -5.777  5.999   -3.871  1.00 23.33 ? 136 TYR A CA  1 
ATOM   1012 C  C   . TYR A 1 136 ? -4.891  6.960   -4.688  1.00 23.31 ? 136 TYR A C   1 
ATOM   1013 O  O   . TYR A 1 136 ? -4.200  7.815   -4.127  1.00 23.01 ? 136 TYR A O   1 
ATOM   1014 C  CB  . TYR A 1 136 ? -6.969  6.707   -3.208  1.00 23.83 ? 136 TYR A CB  1 
ATOM   1015 C  CG  . TYR A 1 136 ? -7.805  7.569   -4.119  1.00 26.15 ? 136 TYR A CG  1 
ATOM   1016 C  CD1 . TYR A 1 136 ? -8.294  7.074   -5.325  1.00 26.76 ? 136 TYR A CD1 1 
ATOM   1017 C  CD2 . TYR A 1 136 ? -8.112  8.888   -3.771  1.00 27.62 ? 136 TYR A CD2 1 
ATOM   1018 C  CE1 . TYR A 1 136 ? -9.062  7.855   -6.164  1.00 27.64 ? 136 TYR A CE1 1 
ATOM   1019 C  CE2 . TYR A 1 136 ? -8.884  9.683   -4.605  1.00 28.69 ? 136 TYR A CE2 1 
ATOM   1020 C  CZ  . TYR A 1 136 ? -9.357  9.158   -5.799  1.00 29.19 ? 136 TYR A CZ  1 
ATOM   1021 O  OH  . TYR A 1 136 ? -10.153 9.921   -6.621  1.00 32.00 ? 136 TYR A OH  1 
ATOM   1022 N  N   . LEU A 1 137 ? -4.882  6.788   -6.007  1.00 23.60 ? 137 LEU A N   1 
ATOM   1023 C  CA  . LEU A 1 137 ? -4.084  7.645   -6.878  1.00 25.22 ? 137 LEU A CA  1 
ATOM   1024 C  C   . LEU A 1 137 ? -5.038  8.547   -7.686  1.00 27.19 ? 137 LEU A C   1 
ATOM   1025 O  O   . LEU A 1 137 ? -5.553  8.159   -8.735  1.00 27.19 ? 137 LEU A O   1 
ATOM   1026 C  CB  . LEU A 1 137 ? -3.220  6.788   -7.800  1.00 23.76 ? 137 LEU A CB  1 
ATOM   1027 C  CG  . LEU A 1 137 ? -2.253  7.516   -8.731  1.00 23.55 ? 137 LEU A CG  1 
ATOM   1028 C  CD1 . LEU A 1 137 ? -1.324  8.407   -7.904  1.00 23.77 ? 137 LEU A CD1 1 
ATOM   1029 C  CD2 . LEU A 1 137 ? -1.474  6.490   -9.551  1.00 21.39 ? 137 LEU A CD2 1 
ATOM   1030 N  N   . PRO A 1 138 ? -5.268  9.780   -7.200  1.00 28.83 ? 138 PRO A N   1 
ATOM   1031 C  CA  . PRO A 1 138 ? -6.165  10.744  -7.851  1.00 30.23 ? 138 PRO A CA  1 
ATOM   1032 C  C   . PRO A 1 138 ? -5.610  11.441  -9.109  1.00 31.64 ? 138 PRO A C   1 
ATOM   1033 O  O   . PRO A 1 138 ? -5.721  12.664  -9.261  1.00 32.05 ? 138 PRO A O   1 
ATOM   1034 C  CB  . PRO A 1 138 ? -6.475  11.718  -6.717  1.00 29.46 ? 138 PRO A CB  1 
ATOM   1035 C  CG  . PRO A 1 138 ? -5.131  11.811  -6.022  1.00 29.22 ? 138 PRO A CG  1 
ATOM   1036 C  CD  . PRO A 1 138 ? -4.604  10.382  -6.021  1.00 27.99 ? 138 PRO A CD  1 
ATOM   1037 N  N   . THR A 1 139 ? -5.034  10.654  -10.015 1.00 32.53 ? 139 THR A N   1 
ATOM   1038 C  CA  . THR A 1 139 ? -4.460  11.183  -11.245 1.00 31.81 ? 139 THR A CA  1 
ATOM   1039 C  C   . THR A 1 139 ? -4.754  10.234  -12.416 1.00 33.29 ? 139 THR A C   1 
ATOM   1040 O  O   . THR A 1 139 ? -5.430  9.213   -12.250 1.00 32.04 ? 139 THR A O   1 
ATOM   1041 C  CB  . THR A 1 139 ? -2.931  11.375  -11.084 1.00 31.16 ? 139 THR A CB  1 
ATOM   1042 O  OG1 . THR A 1 139 ? -2.276  10.109  -11.135 1.00 30.61 ? 139 THR A OG1 1 
ATOM   1043 C  CG2 . THR A 1 139 ? -2.612  12.003  -9.725  1.00 32.16 ? 139 THR A CG2 1 
ATOM   1044 N  N   . SER A 1 140 ? -4.258  10.585  -13.600 1.00 34.84 ? 140 SER A N   1 
ATOM   1045 C  CA  . SER A 1 140 ? -4.437  9.779   -14.810 1.00 36.10 ? 140 SER A CA  1 
ATOM   1046 C  C   . SER A 1 140 ? -3.320  8.766   -14.981 1.00 35.92 ? 140 SER A C   1 
ATOM   1047 O  O   . SER A 1 140 ? -3.089  8.283   -16.087 1.00 38.92 ? 140 SER A O   1 
ATOM   1048 C  CB  . SER A 1 140 ? -4.431  10.663  -16.058 1.00 38.19 ? 140 SER A CB  1 
ATOM   1049 O  OG  . SER A 1 140 ? -5.737  11.059  -16.418 1.00 44.16 ? 140 SER A OG  1 
ATOM   1050 N  N   . GLU A 1 141 ? -2.616  8.453   -13.907 1.00 34.60 ? 141 GLU A N   1 
ATOM   1051 C  CA  . GLU A 1 141 ? -1.523  7.502   -13.999 1.00 33.88 ? 141 GLU A CA  1 
ATOM   1052 C  C   . GLU A 1 141 ? -1.881  6.093   -13.539 1.00 32.12 ? 141 GLU A C   1 
ATOM   1053 O  O   . GLU A 1 141 ? -2.892  5.874   -12.864 1.00 31.08 ? 141 GLU A O   1 
ATOM   1054 C  CB  . GLU A 1 141 ? -0.326  8.024   -13.203 1.00 34.41 ? 141 GLU A CB  1 
ATOM   1055 C  CG  . GLU A 1 141 ? 0.276   9.259   -13.822 1.00 39.20 ? 141 GLU A CG  1 
ATOM   1056 C  CD  . GLU A 1 141 ? 0.746   9.019   -15.256 1.00 42.79 ? 141 GLU A CD  1 
ATOM   1057 O  OE1 . GLU A 1 141 ? 0.915   10.009  -16.003 1.00 46.45 ? 141 GLU A OE1 1 
ATOM   1058 O  OE2 . GLU A 1 141 ? 0.951   7.840   -15.638 1.00 45.93 ? 141 GLU A OE2 1 
ATOM   1059 N  N   . SER A 1 142 ? -1.053  5.134   -13.933 1.00 30.03 ? 142 SER A N   1 
ATOM   1060 C  CA  . SER A 1 142 ? -1.249  3.753   -13.517 1.00 27.78 ? 142 SER A CA  1 
ATOM   1061 C  C   . SER A 1 142 ? -0.701  3.619   -12.108 1.00 26.06 ? 142 SER A C   1 
ATOM   1062 O  O   . SER A 1 142 ? 0.351   4.194   -11.776 1.00 25.16 ? 142 SER A O   1 
ATOM   1063 C  CB  . SER A 1 142 ? -0.486  2.804   -14.428 1.00 27.75 ? 142 SER A CB  1 
ATOM   1064 O  OG  . SER A 1 142 ? -0.995  2.869   -15.738 1.00 31.49 ? 142 SER A OG  1 
ATOM   1065 N  N   . LEU A 1 143 ? -1.415  2.873   -11.274 1.00 23.51 ? 143 LEU A N   1 
ATOM   1066 C  CA  . LEU A 1 143 ? -0.961  2.658   -9.916  1.00 22.70 ? 143 LEU A CA  1 
ATOM   1067 C  C   . LEU A 1 143 ? -0.327  1.269   -9.825  1.00 22.91 ? 143 LEU A C   1 
ATOM   1068 O  O   . LEU A 1 143 ? -0.975  0.250   -10.081 1.00 21.45 ? 143 LEU A O   1 
ATOM   1069 C  CB  . LEU A 1 143 ? -2.129  2.776   -8.927  1.00 21.38 ? 143 LEU A CB  1 
ATOM   1070 C  CG  . LEU A 1 143 ? -1.854  2.421   -7.462  1.00 20.55 ? 143 LEU A CG  1 
ATOM   1071 C  CD1 . LEU A 1 143 ? -0.758  3.314   -6.891  1.00 21.72 ? 143 LEU A CD1 1 
ATOM   1072 C  CD2 . LEU A 1 143 ? -3.149  2.546   -6.673  1.00 20.15 ? 143 LEU A CD2 1 
ATOM   1073 N  N   . HIS A 1 144 ? 0.966   1.241   -9.522  1.00 23.57 ? 144 HIS A N   1 
ATOM   1074 C  CA  . HIS A 1 144 ? 1.668   -0.015  -9.345  1.00 23.91 ? 144 HIS A CA  1 
ATOM   1075 C  C   . HIS A 1 144 ? 2.470   0.009   -8.043  1.00 24.73 ? 144 HIS A C   1 
ATOM   1076 O  O   . HIS A 1 144 ? 3.366   0.824   -7.861  1.00 29.11 ? 144 HIS A O   1 
ATOM   1077 C  CB  . HIS A 1 144 ? 2.537   -0.400  -10.581 1.00 22.82 ? 144 HIS A CB  1 
ATOM   1078 C  CG  . HIS A 1 144 ? 3.160   0.747   -11.327 1.00 21.89 ? 144 HIS A CG  1 
ATOM   1079 N  ND1 . HIS A 1 144 ? 3.069   0.862   -12.702 1.00 23.15 ? 144 HIS A ND1 1 
ATOM   1080 C  CD2 . HIS A 1 144 ? 3.975   1.752   -10.922 1.00 20.86 ? 144 HIS A CD2 1 
ATOM   1081 C  CE1 . HIS A 1 144 ? 3.802   1.884   -13.109 1.00 20.18 ? 144 HIS A CE1 1 
ATOM   1082 N  NE2 . HIS A 1 144 ? 4.363   2.441   -12.049 1.00 20.21 ? 144 HIS A NE2 1 
ATOM   1083 N  N   . LEU A 1 145 ? 2.094   -0.876  -7.125  1.00 24.28 ? 145 LEU A N   1 
ATOM   1084 C  CA  . LEU A 1 145 ? 2.720   -1.000  -5.810  1.00 23.66 ? 145 LEU A CA  1 
ATOM   1085 C  C   . LEU A 1 145 ? 3.446   -2.343  -5.715  1.00 23.31 ? 145 LEU A C   1 
ATOM   1086 O  O   . LEU A 1 145 ? 2.850   -3.386  -5.977  1.00 24.28 ? 145 LEU A O   1 
ATOM   1087 C  CB  . LEU A 1 145 ? 1.635   -0.939  -4.734  1.00 23.29 ? 145 LEU A CB  1 
ATOM   1088 C  CG  . LEU A 1 145 ? 0.846   0.371   -4.679  1.00 25.46 ? 145 LEU A CG  1 
ATOM   1089 C  CD1 . LEU A 1 145 ? -0.509  0.135   -3.999  1.00 24.30 ? 145 LEU A CD1 1 
ATOM   1090 C  CD2 . LEU A 1 145 ? 1.685   1.434   -3.950  1.00 24.85 ? 145 LEU A CD2 1 
ATOM   1091 N  N   . CYS A 1 146 ? 4.721   -2.341  -5.341  1.00 22.42 ? 146 CYS A N   1 
ATOM   1092 C  CA  . CYS A 1 146 ? 5.432   -3.611  -5.240  1.00 20.72 ? 146 CYS A CA  1 
ATOM   1093 C  C   . CYS A 1 146 ? 5.314   -4.206  -3.854  1.00 20.28 ? 146 CYS A C   1 
ATOM   1094 O  O   . CYS A 1 146 ? 5.547   -5.382  -3.670  1.00 22.43 ? 146 CYS A O   1 
ATOM   1095 C  CB  . CYS A 1 146 ? 6.882   -3.460  -5.673  1.00 19.71 ? 146 CYS A CB  1 
ATOM   1096 S  SG  . CYS A 1 146 ? 6.943   -3.067  -7.451  1.00 21.53 ? 146 CYS A SG  1 
ATOM   1097 N  N   . GLU A 1 147 ? 4.942   -3.391  -2.882  1.00 19.44 ? 147 GLU A N   1 
ATOM   1098 C  CA  . GLU A 1 147 ? 4.711   -3.893  -1.536  1.00 20.06 ? 147 GLU A CA  1 
ATOM   1099 C  C   . GLU A 1 147 ? 4.151   -2.783  -0.659  1.00 20.19 ? 147 GLU A C   1 
ATOM   1100 O  O   . GLU A 1 147 ? 4.608   -1.648  -0.717  1.00 20.68 ? 147 GLU A O   1 
ATOM   1101 C  CB  . GLU A 1 147 ? 5.995   -4.475  -0.915  1.00 19.51 ? 147 GLU A CB  1 
ATOM   1102 C  CG  . GLU A 1 147 ? 5.761   -5.357  0.342   1.00 19.96 ? 147 GLU A CG  1 
ATOM   1103 C  CD  . GLU A 1 147 ? 5.000   -6.671  0.065   1.00 18.41 ? 147 GLU A CD  1 
ATOM   1104 O  OE1 . GLU A 1 147 ? 4.923   -7.109  -1.107  1.00 17.98 ? 147 GLU A OE1 1 
ATOM   1105 O  OE2 . GLU A 1 147 ? 4.493   -7.281  1.034   1.00 20.00 ? 147 GLU A OE2 1 
ATOM   1106 N  N   . VAL A 1 148 ? 3.125   -3.122  0.114   1.00 20.73 ? 148 VAL A N   1 
ATOM   1107 C  CA  . VAL A 1 148 ? 2.488   -2.208  1.047   1.00 19.71 ? 148 VAL A CA  1 
ATOM   1108 C  C   . VAL A 1 148 ? 2.510   -2.945  2.394   1.00 21.11 ? 148 VAL A C   1 
ATOM   1109 O  O   . VAL A 1 148 ? 1.917   -4.015  2.564   1.00 20.82 ? 148 VAL A O   1 
ATOM   1110 C  CB  . VAL A 1 148 ? 1.032   -1.887  0.638   1.00 17.99 ? 148 VAL A CB  1 
ATOM   1111 C  CG1 . VAL A 1 148 ? 0.384   -0.981  1.679   1.00 18.85 ? 148 VAL A CG1 1 
ATOM   1112 C  CG2 . VAL A 1 148 ? 1.005   -1.227  -0.725  1.00 17.56 ? 148 VAL A CG2 1 
ATOM   1113 N  N   . GLU A 1 149 ? 3.236   -2.366  3.337   1.00 22.30 ? 149 GLU A N   1 
ATOM   1114 C  CA  . GLU A 1 149 ? 3.378   -2.933  4.654   1.00 21.05 ? 149 GLU A CA  1 
ATOM   1115 C  C   . GLU A 1 149 ? 2.688   -2.003  5.648   1.00 21.55 ? 149 GLU A C   1 
ATOM   1116 O  O   . GLU A 1 149 ? 2.924   -0.801  5.653   1.00 22.15 ? 149 GLU A O   1 
ATOM   1117 C  CB  . GLU A 1 149 ? 4.862   -3.067  4.969   1.00 22.21 ? 149 GLU A CB  1 
ATOM   1118 C  CG  . GLU A 1 149 ? 5.568   -4.079  4.080   1.00 25.38 ? 149 GLU A CG  1 
ATOM   1119 C  CD  . GLU A 1 149 ? 7.080   -3.947  4.098   1.00 27.19 ? 149 GLU A CD  1 
ATOM   1120 O  OE1 . GLU A 1 149 ? 7.657   -3.641  5.152   1.00 29.57 ? 149 GLU A OE1 1 
ATOM   1121 O  OE2 . GLU A 1 149 ? 7.703   -4.168  3.048   1.00 31.70 ? 149 GLU A OE2 1 
ATOM   1122 N  N   . VAL A 1 150 ? 1.813   -2.576  6.464   1.00 22.36 ? 150 VAL A N   1 
ATOM   1123 C  CA  . VAL A 1 150 ? 1.066   -1.839  7.471   1.00 22.31 ? 150 VAL A CA  1 
ATOM   1124 C  C   . VAL A 1 150 ? 1.691   -2.182  8.817   1.00 23.31 ? 150 VAL A C   1 
ATOM   1125 O  O   . VAL A 1 150 ? 1.586   -3.312  9.312   1.00 23.20 ? 150 VAL A O   1 
ATOM   1126 C  CB  . VAL A 1 150 ? -0.429  -2.220  7.425   1.00 22.13 ? 150 VAL A CB  1 
ATOM   1127 C  CG1 . VAL A 1 150 ? -1.180  -1.525  8.562   1.00 18.24 ? 150 VAL A CG1 1 
ATOM   1128 C  CG2 . VAL A 1 150 ? -1.008  -1.851  6.040   1.00 19.47 ? 150 VAL A CG2 1 
ATOM   1129 N  N   . ASN A 1 151 ? 2.353   -1.176  9.383   1.00 25.25 ? 151 ASN A N   1 
ATOM   1130 C  CA  . ASN A 1 151 ? 3.104   -1.296  10.626  1.00 25.39 ? 151 ASN A CA  1 
ATOM   1131 C  C   . ASN A 1 151 ? 2.354   -1.048  11.924  1.00 25.49 ? 151 ASN A C   1 
ATOM   1132 O  O   . ASN A 1 151 ? 1.816   0.032   12.155  1.00 25.19 ? 151 ASN A O   1 
ATOM   1133 C  CB  . ASN A 1 151 ? 4.318   -0.374  10.536  1.00 24.43 ? 151 ASN A CB  1 
ATOM   1134 C  CG  . ASN A 1 151 ? 5.107   -0.599  9.270   1.00 24.40 ? 151 ASN A CG  1 
ATOM   1135 O  OD1 . ASN A 1 151 ? 5.360   -1.741  8.890   1.00 26.82 ? 151 ASN A OD1 1 
ATOM   1136 N  ND2 . ASN A 1 151 ? 5.500   0.480   8.609   1.00 24.49 ? 151 ASN A ND2 1 
ATOM   1137 N  N   . VAL A 1 152 ? 2.354   -2.069  12.774  1.00 26.20 ? 152 VAL A N   1 
ATOM   1138 C  CA  . VAL A 1 152 ? 1.687   -2.026  14.070  1.00 27.52 ? 152 VAL A CA  1 
ATOM   1139 C  C   . VAL A 1 152 ? 2.713   -2.350  15.145  1.00 29.55 ? 152 VAL A C   1 
ATOM   1140 O  O   . VAL A 1 152 ? 3.482   -3.301  14.995  1.00 29.02 ? 152 VAL A O   1 
ATOM   1141 C  CB  . VAL A 1 152 ? 0.566   -3.085  14.144  1.00 26.69 ? 152 VAL A CB  1 
ATOM   1142 C  CG1 . VAL A 1 152 ? -0.046  -3.111  15.548  1.00 25.71 ? 152 VAL A CG1 1 
ATOM   1143 C  CG2 . VAL A 1 152 ? -0.493  -2.782  13.083  1.00 26.67 ? 152 VAL A CG2 1 
ATOM   1144 N  N   . ASP A 1 153 ? 2.737   -1.560  16.218  1.00 31.65 ? 153 ASP A N   1 
ATOM   1145 C  CA  . ASP A 1 153 ? 3.669   -1.808  17.316  1.00 34.93 ? 153 ASP A CA  1 
ATOM   1146 C  C   . ASP A 1 153 ? 3.087   -2.863  18.250  1.00 35.76 ? 153 ASP A C   1 
ATOM   1147 O  O   . ASP A 1 153 ? 1.873   -2.921  18.446  1.00 35.56 ? 153 ASP A O   1 
ATOM   1148 C  CB  . ASP A 1 153 ? 3.945   -0.527  18.126  1.00 37.45 ? 153 ASP A CB  1 
ATOM   1149 C  CG  . ASP A 1 153 ? 4.905   0.435   17.423  1.00 40.31 ? 153 ASP A CG  1 
ATOM   1150 O  OD1 . ASP A 1 153 ? 5.910   -0.016  16.827  1.00 42.76 ? 153 ASP A OD1 1 
ATOM   1151 O  OD2 . ASP A 1 153 ? 4.665   1.658   17.487  1.00 42.48 ? 153 ASP A OD2 1 
ATOM   1152 N  N   . LYS A 1 154 ? 3.963   -3.687  18.816  1.00 37.54 ? 154 LYS A N   1 
ATOM   1153 C  CA  . LYS A 1 154 ? 3.596   -4.754  19.752  1.00 39.74 ? 154 LYS A CA  1 
ATOM   1154 C  C   . LYS A 1 154 ? 4.667   -4.804  20.864  1.00 42.27 ? 154 LYS A C   1 
ATOM   1155 O  O   . LYS A 1 154 ? 5.838   -4.526  20.607  1.00 40.82 ? 154 LYS A O   1 
ATOM   1156 C  CB  . LYS A 1 154 ? 3.598   -6.109  19.036  1.00 38.53 ? 154 LYS A CB  1 
ATOM   1157 C  CG  . LYS A 1 154 ? 2.950   -6.125  17.676  1.00 40.24 ? 154 LYS A CG  1 
ATOM   1158 C  CD  . LYS A 1 154 ? 1.551   -6.698  17.756  1.00 42.79 ? 154 LYS A CD  1 
ATOM   1159 C  CE  . LYS A 1 154 ? 0.910   -6.782  16.384  1.00 43.01 ? 154 LYS A CE  1 
ATOM   1160 N  NZ  . LYS A 1 154 ? -0.434  -7.406  16.518  1.00 44.03 ? 154 LYS A NZ  1 
ATOM   1161 N  N   . PRO A 1 155 ? 4.282   -5.121  22.118  1.00 45.45 ? 155 PRO A N   1 
ATOM   1162 C  CA  . PRO A 1 155 ? 5.343   -5.177  23.135  1.00 48.67 ? 155 PRO A CA  1 
ATOM   1163 C  C   . PRO A 1 155 ? 6.347   -6.263  22.688  1.00 52.30 ? 155 PRO A C   1 
ATOM   1164 O  O   . PRO A 1 155 ? 5.941   -7.375  22.348  1.00 52.78 ? 155 PRO A O   1 
ATOM   1165 C  CB  . PRO A 1 155 ? 4.581   -5.574  24.399  1.00 47.77 ? 155 PRO A CB  1 
ATOM   1166 C  CG  . PRO A 1 155 ? 3.265   -4.898  24.217  1.00 47.72 ? 155 PRO A CG  1 
ATOM   1167 C  CD  . PRO A 1 155 ? 2.948   -5.169  22.746  1.00 46.40 ? 155 PRO A CD  1 
ATOM   1168 N  N   . ALA A 1 156 ? 7.642   -5.944  22.685  1.00 56.01 ? 156 ALA A N   1 
ATOM   1169 C  CA  . ALA A 1 156 ? 8.687   -6.884  22.247  1.00 59.27 ? 156 ALA A CA  1 
ATOM   1170 C  C   . ALA A 1 156 ? 8.725   -8.280  22.885  1.00 61.61 ? 156 ALA A C   1 
ATOM   1171 O  O   . ALA A 1 156 ? 8.300   -8.483  24.032  1.00 62.29 ? 156 ALA A O   1 
ATOM   1172 C  CB  . ALA A 1 156 ? 10.060  -6.227  22.384  1.00 58.92 ? 156 ALA A CB  1 
ATOM   1173 N  N   . ALA A 1 157 ? 9.257   -9.228  22.108  1.00 65.06 ? 157 ALA A N   1 
ATOM   1174 C  CA  . ALA A 1 157 ? 9.411   -10.632 22.500  1.00 67.59 ? 157 ALA A CA  1 
ATOM   1175 C  C   . ALA A 1 157 ? 10.723  -10.857 23.268  1.00 69.11 ? 157 ALA A C   1 
ATOM   1176 O  O   . ALA A 1 157 ? 11.818  -10.891 22.675  1.00 69.46 ? 157 ALA A O   1 
ATOM   1177 C  CB  . ALA A 1 157 ? 9.365   -11.521 21.255  1.00 67.75 ? 157 ALA A CB  1 
ATOM   1178 N  N   . ALA A 1 158 ? 10.573  -11.011 24.588  1.00 70.88 ? 158 ALA A N   1 
ATOM   1179 C  CA  . ALA A 1 158 ? 11.656  -11.220 25.559  1.00 71.30 ? 158 ALA A CA  1 
ATOM   1180 C  C   . ALA A 1 158 ? 12.046  -9.893  26.232  1.00 71.62 ? 158 ALA A C   1 
ATOM   1181 O  O   . ALA A 1 158 ? 11.243  -9.267  26.943  1.00 70.40 ? 158 ALA A O   1 
ATOM   1182 C  CB  . ALA A 1 158 ? 12.890  -11.869 24.885  1.00 71.44 ? 158 ALA A CB  1 
HETATM 1183 C  C1  . FUC B 2 .   ? 5.991   -0.437  -18.976 1.00 25.32 ? 159 FUC A C1  1 
HETATM 1184 C  C2  . FUC B 2 .   ? 5.082   0.805   -18.976 1.00 25.35 ? 159 FUC A C2  1 
HETATM 1185 C  C3  . FUC B 2 .   ? 3.646   0.413   -19.334 1.00 25.10 ? 159 FUC A C3  1 
HETATM 1186 C  C4  . FUC B 2 .   ? 3.160   -0.669  -18.356 1.00 24.51 ? 159 FUC A C4  1 
HETATM 1187 C  C5  . FUC B 2 .   ? 4.115   -1.872  -18.444 1.00 23.72 ? 159 FUC A C5  1 
HETATM 1188 C  C6  . FUC B 2 .   ? 3.745   -3.025  -17.519 1.00 22.23 ? 159 FUC A C6  1 
HETATM 1189 O  O1  . FUC B 2 .   ? 6.110   -0.958  -20.258 1.00 25.90 ? 159 FUC A O1  1 
HETATM 1190 O  O2  . FUC B 2 .   ? 5.563   1.763   -19.910 1.00 27.46 ? 159 FUC A O2  1 
HETATM 1191 O  O3  . FUC B 2 .   ? 2.807   1.559   -19.264 1.00 23.96 ? 159 FUC A O3  1 
HETATM 1192 O  O4  . FUC B 2 .   ? 3.160   -0.150  -17.030 1.00 22.18 ? 159 FUC A O4  1 
HETATM 1193 O  O5  . FUC B 2 .   ? 5.462   -1.462  -18.108 1.00 24.61 ? 159 FUC A O5  1 
HETATM 1194 CA CA  . CA  C 3 .   ? 5.350   -7.732  -3.432  1.00 20.81 ? 160 CA  A CA  1 
HETATM 1195 CL CL  . CL  D 4 .   ? -4.798  -14.510 1.118   0.33 55.95 ? 301 CL  A CL  1 
HETATM 1196 O  O   . HOH E 5 .   ? 3.046   -6.575  3.050   1.00 21.04 ? 161 HOH A O   1 
HETATM 1197 O  O   . HOH E 5 .   ? 3.078   -12.841 -5.616  1.00 21.40 ? 162 HOH A O   1 
HETATM 1198 O  O   . HOH E 5 .   ? -5.595  -2.150  -18.771 1.00 20.56 ? 163 HOH A O   1 
HETATM 1199 O  O   . HOH E 5 .   ? 4.587   -7.772  -10.807 1.00 18.90 ? 164 HOH A O   1 
HETATM 1200 O  O   . HOH E 5 .   ? -10.107 -5.992  -9.103  1.00 24.47 ? 165 HOH A O   1 
HETATM 1201 O  O   . HOH E 5 .   ? 1.905   -11.931 10.981  1.00 23.72 ? 166 HOH A O   1 
HETATM 1202 O  O   . HOH E 5 .   ? 7.134   -1.839  1.192   1.00 22.78 ? 167 HOH A O   1 
HETATM 1203 O  O   . HOH E 5 .   ? -13.366 -2.956  -8.461  1.00 19.07 ? 168 HOH A O   1 
HETATM 1204 O  O   . HOH E 5 .   ? -13.824 4.395   8.590   1.00 31.93 ? 169 HOH A O   1 
HETATM 1205 O  O   . HOH E 5 .   ? -10.604 -2.073  -17.084 1.00 28.47 ? 170 HOH A O   1 
HETATM 1206 O  O   . HOH E 5 .   ? -5.873  -7.410  -9.196  1.00 20.92 ? 171 HOH A O   1 
HETATM 1207 O  O   . HOH E 5 .   ? 8.288   -7.867  -8.654  1.00 19.71 ? 172 HOH A O   1 
HETATM 1208 O  O   . HOH E 5 .   ? 5.146   4.599   -9.668  1.00 18.40 ? 173 HOH A O   1 
HETATM 1209 O  O   . HOH E 5 .   ? 9.590   -13.148 -14.141 1.00 17.78 ? 174 HOH A O   1 
HETATM 1210 O  O   . HOH E 5 .   ? 2.225   4.018   -9.651  1.00 18.99 ? 175 HOH A O   1 
HETATM 1211 O  O   . HOH E 5 .   ? 14.767  2.192   -0.766  1.00 31.14 ? 176 HOH A O   1 
HETATM 1212 O  O   . HOH E 5 .   ? 11.539  -8.463  0.371   1.00 25.67 ? 177 HOH A O   1 
HETATM 1213 O  O   . HOH E 5 .   ? -9.117  2.988   3.660   1.00 24.05 ? 178 HOH A O   1 
HETATM 1214 O  O   . HOH E 5 .   ? -9.684  -6.764  0.252   1.00 24.30 ? 179 HOH A O   1 
HETATM 1215 O  O   . HOH E 5 .   ? -12.018 1.212   -13.372 1.00 28.32 ? 180 HOH A O   1 
HETATM 1216 O  O   . HOH E 5 .   ? 12.943  -3.562  -3.538  1.00 25.10 ? 181 HOH A O   1 
HETATM 1217 O  O   . HOH E 5 .   ? 2.186   -11.922 -10.316 1.00 25.68 ? 182 HOH A O   1 
HETATM 1218 O  O   . HOH E 5 .   ? 0.512   -11.771 -18.669 1.00 27.47 ? 183 HOH A O   1 
HETATM 1219 O  O   . HOH E 5 .   ? 7.048   9.637   -7.552  1.00 24.62 ? 184 HOH A O   1 
HETATM 1220 O  O   . HOH E 5 .   ? -12.362 5.267   10.609  1.00 26.52 ? 185 HOH A O   1 
HETATM 1221 O  O   . HOH E 5 .   ? -13.689 -5.685  11.984  1.00 37.00 ? 186 HOH A O   1 
HETATM 1222 O  O   . HOH E 5 .   ? -0.483  -5.542  -20.335 1.00 26.00 ? 187 HOH A O   1 
HETATM 1223 O  O   . HOH E 5 .   ? -14.255 -2.622  11.213  1.00 32.91 ? 188 HOH A O   1 
HETATM 1224 O  O   . HOH E 5 .   ? 8.542   -12.009 3.856   1.00 33.92 ? 189 HOH A O   1 
HETATM 1225 O  O   . HOH E 5 .   ? -4.720  -14.099 8.340   1.00 31.27 ? 190 HOH A O   1 
HETATM 1226 O  O   . HOH E 5 .   ? -13.952 -0.197  -16.753 1.00 32.96 ? 191 HOH A O   1 
HETATM 1227 O  O   . HOH E 5 .   ? -11.399 -4.686  1.152   1.00 30.89 ? 192 HOH A O   1 
HETATM 1228 O  O   . HOH E 5 .   ? 15.737  -7.564  -11.223 1.00 25.94 ? 193 HOH A O   1 
HETATM 1229 O  O   . HOH E 5 .   ? -5.585  -9.914  11.035  1.00 24.08 ? 194 HOH A O   1 
HETATM 1230 O  O   . HOH E 5 .   ? -0.371  -11.639 -10.799 1.00 25.42 ? 195 HOH A O   1 
HETATM 1231 O  O   . HOH E 5 .   ? 7.137   -7.246  3.206   1.00 36.43 ? 196 HOH A O   1 
HETATM 1232 O  O   . HOH E 5 .   ? 13.130  -1.430  -2.078  1.00 34.13 ? 197 HOH A O   1 
HETATM 1233 O  O   . HOH E 5 .   ? 14.187  7.848   -9.593  1.00 29.61 ? 198 HOH A O   1 
HETATM 1234 O  O   . HOH E 5 .   ? 6.386   10.267  7.146   1.00 28.99 ? 199 HOH A O   1 
HETATM 1235 O  O   . HOH E 5 .   ? 0.838   0.624   16.374  1.00 25.32 ? 200 HOH A O   1 
HETATM 1236 O  O   . HOH E 5 .   ? 14.099  -3.328  -0.126  1.00 65.24 ? 201 HOH A O   1 
HETATM 1237 O  O   . HOH E 5 .   ? 7.057   -7.919  9.915   1.00 34.77 ? 202 HOH A O   1 
HETATM 1238 O  O   . HOH E 5 .   ? -6.732  -11.487 -3.136  1.00 34.74 ? 203 HOH A O   1 
HETATM 1239 O  O   . HOH E 5 .   ? -7.802  1.462   -12.658 1.00 33.54 ? 204 HOH A O   1 
HETATM 1240 O  O   . HOH E 5 .   ? 14.722  -7.346  -8.895  1.00 31.04 ? 205 HOH A O   1 
HETATM 1241 O  O   . HOH E 5 .   ? -0.895  -15.199 -12.155 1.00 40.48 ? 206 HOH A O   1 
HETATM 1242 O  O   . HOH E 5 .   ? -6.693  -0.399  -9.593  1.00 39.31 ? 207 HOH A O   1 
HETATM 1243 O  O   . HOH E 5 .   ? -8.269  -9.379  -20.796 1.00 33.40 ? 208 HOH A O   1 
HETATM 1244 O  O   . HOH E 5 .   ? -2.947  -2.540  17.162  1.00 31.42 ? 209 HOH A O   1 
HETATM 1245 O  O   . HOH E 5 .   ? 13.786  5.516   0.960   1.00 46.86 ? 210 HOH A O   1 
HETATM 1246 O  O   . HOH E 5 .   ? -8.275  5.808   11.003  1.00 29.54 ? 211 HOH A O   1 
HETATM 1247 O  O   . HOH E 5 .   ? 7.377   -2.765  7.474   1.00 29.17 ? 212 HOH A O   1 
HETATM 1248 O  O   . HOH E 5 .   ? 11.576  5.328   5.432   1.00 38.49 ? 213 HOH A O   1 
HETATM 1249 O  O   . HOH E 5 .   ? 0.161   5.785   -17.554 1.00 46.62 ? 214 HOH A O   1 
HETATM 1250 O  O   . HOH E 5 .   ? -13.344 0.050   -10.802 1.00 31.58 ? 215 HOH A O   1 
HETATM 1251 O  O   . HOH E 5 .   ? 12.150  5.866   -13.787 1.00 43.26 ? 216 HOH A O   1 
HETATM 1252 O  O   . HOH E 5 .   ? 10.121  -1.546  -17.691 1.00 33.92 ? 217 HOH A O   1 
HETATM 1253 O  O   . HOH E 5 .   ? 14.058  -4.419  -5.729  1.00 33.42 ? 218 HOH A O   1 
HETATM 1254 O  O   . HOH E 5 .   ? 10.706  7.542   -13.425 1.00 41.81 ? 219 HOH A O   1 
HETATM 1255 O  O   . HOH E 5 .   ? 13.280  -8.512  -16.073 1.00 38.08 ? 220 HOH A O   1 
HETATM 1256 O  O   . HOH E 5 .   ? -9.758  2.350   -11.926 1.00 50.36 ? 221 HOH A O   1 
HETATM 1257 O  O   . HOH E 5 .   ? 2.611   7.900   13.505  1.00 33.31 ? 222 HOH A O   1 
HETATM 1258 O  O   . HOH E 5 .   ? 11.537  8.347   -10.955 1.00 42.28 ? 223 HOH A O   1 
HETATM 1259 O  O   . HOH E 5 .   ? -2.262  13.062  6.725   1.00 31.58 ? 224 HOH A O   1 
HETATM 1260 O  O   . HOH E 5 .   ? -15.325 -2.994  -3.183  1.00 45.22 ? 225 HOH A O   1 
HETATM 1261 O  O   . HOH E 5 .   ? 1.094   -10.412 16.991  1.00 51.84 ? 226 HOH A O   1 
HETATM 1262 O  O   . HOH E 5 .   ? -9.415  11.110  2.985   1.00 38.78 ? 227 HOH A O   1 
HETATM 1263 O  O   . HOH E 5 .   ? -2.508  5.699   -17.744 1.00 43.76 ? 228 HOH A O   1 
HETATM 1264 O  O   . HOH E 5 .   ? -11.376 3.974   -10.424 1.00 46.41 ? 229 HOH A O   1 
HETATM 1265 O  O   . HOH E 5 .   ? -8.086  12.845  6.980   1.00 36.86 ? 230 HOH A O   1 
HETATM 1266 O  O   . HOH E 5 .   ? 3.480   11.707  -18.102 1.00 61.55 ? 231 HOH A O   1 
HETATM 1267 O  O   . HOH E 5 .   ? -7.938  6.535   14.793  1.00 39.72 ? 232 HOH A O   1 
HETATM 1268 O  O   . HOH E 5 .   ? -8.257  -7.195  -7.623  1.00 20.22 ? 233 HOH A O   1 
HETATM 1269 O  O   . HOH E 5 .   ? -8.472  -13.317 -2.195  1.00 26.89 ? 234 HOH A O   1 
HETATM 1270 O  O   . HOH E 5 .   ? -4.639  3.444   -13.411 1.00 28.83 ? 235 HOH A O   1 
HETATM 1271 O  O   . HOH E 5 .   ? -6.310  -9.557  -19.481 1.00 29.10 ? 236 HOH A O   1 
HETATM 1272 O  O   . HOH E 5 .   ? -3.136  13.731  -3.838  1.00 34.25 ? 237 HOH A O   1 
HETATM 1273 O  O   . HOH E 5 .   ? 3.911   -10.002 9.910   1.00 36.90 ? 238 HOH A O   1 
HETATM 1274 O  O   . HOH E 5 .   ? 11.832  -10.866 -17.005 1.00 36.22 ? 239 HOH A O   1 
HETATM 1275 O  O   . HOH E 5 .   ? 7.150   -11.432 5.604   1.00 40.77 ? 240 HOH A O   1 
HETATM 1276 O  O   . HOH E 5 .   ? 4.272   11.313  6.007   1.00 44.86 ? 241 HOH A O   1 
HETATM 1277 O  O   . HOH E 5 .   ? -11.955 -6.068  14.210  1.00 35.02 ? 242 HOH A O   1 
HETATM 1278 O  O   . HOH E 5 .   ? -15.080 4.641   -5.233  1.00 44.03 ? 243 HOH A O   1 
HETATM 1279 O  O   . HOH E 5 .   ? 1.990   11.942  7.815   1.00 42.53 ? 244 HOH A O   1 
HETATM 1280 O  O   . HOH E 5 .   ? -4.614  -10.854 -1.297  1.00 18.94 ? 245 HOH A O   1 
HETATM 1281 O  O   . HOH E 5 .   ? -9.695  6.830   -17.853 1.00 48.19 ? 246 HOH A O   1 
HETATM 1282 O  O   . HOH E 5 .   ? -0.365  -13.931 -19.869 1.00 37.95 ? 247 HOH A O   1 
HETATM 1283 O  O   . HOH E 5 .   ? -5.441  -12.722 10.844  1.00 40.79 ? 248 HOH A O   1 
HETATM 1284 O  O   . HOH E 5 .   ? -1.083  11.053  -18.262 1.00 61.03 ? 249 HOH A O   1 
HETATM 1285 O  O   . HOH E 5 .   ? 7.423   -7.891  5.727   1.00 45.38 ? 250 HOH A O   1 
HETATM 1286 O  O   . HOH E 5 .   ? -13.769 2.263   -7.986  1.00 36.08 ? 251 HOH A O   1 
HETATM 1287 O  O   . HOH E 5 .   ? -8.349  8.458   12.163  1.00 39.44 ? 252 HOH A O   1 
HETATM 1288 O  O   . HOH E 5 .   ? 13.818  -6.401  -0.968  1.00 58.04 ? 253 HOH A O   1 
HETATM 1289 O  O   . HOH E 5 .   ? 10.261  -7.648  3.699   1.00 51.27 ? 254 HOH A O   1 
HETATM 1290 O  O   . HOH E 5 .   ? 2.254   -12.280 -21.609 1.00 54.03 ? 255 HOH A O   1 
HETATM 1291 O  O   . HOH E 5 .   ? 9.917   1.449   8.993   1.00 43.54 ? 256 HOH A O   1 
HETATM 1292 O  O   . HOH E 5 .   ? 5.636   12.372  -16.544 1.00 58.19 ? 257 HOH A O   1 
HETATM 1293 O  O   . HOH E 5 .   ? 4.799   -11.383 -22.251 1.00 43.66 ? 258 HOH A O   1 
HETATM 1294 O  O   . HOH E 5 .   ? 0.894   3.052   17.647  1.00 50.12 ? 260 HOH A O   1 
HETATM 1295 O  O   . HOH E 5 .   ? 5.697   -3.842  -22.877 1.00 37.05 ? 261 HOH A O   1 
HETATM 1296 O  O   . HOH E 5 .   ? -3.787  -0.338  20.203  1.00 51.53 ? 262 HOH A O   1 
HETATM 1297 O  O   . HOH E 5 .   ? 9.750   -1.040  7.904   1.00 44.91 ? 264 HOH A O   1 
HETATM 1298 O  O   . HOH E 5 .   ? 4.885   5.298   -19.649 1.00 38.51 ? 265 HOH A O   1 
HETATM 1299 O  O   . HOH E 5 .   ? -15.466 5.020   -7.583  1.00 54.01 ? 266 HOH A O   1 
HETATM 1300 O  O   . HOH E 5 .   ? 7.984   10.057  4.692   1.00 42.30 ? 267 HOH A O   1 
HETATM 1301 O  O   . HOH E 5 .   ? 17.616  -10.323 -10.919 1.00 63.06 ? 268 HOH A O   1 
HETATM 1302 O  O   . HOH E 5 .   ? -0.469  -1.225  18.347  1.00 47.19 ? 269 HOH A O   1 
HETATM 1303 O  O   . HOH E 5 .   ? 8.271   -2.488  -20.019 1.00 41.52 ? 270 HOH A O   1 
HETATM 1304 O  O   . HOH E 5 .   ? -16.799 -2.539  8.077   1.00 43.30 ? 271 HOH A O   1 
HETATM 1305 O  O   . HOH E 5 .   ? -14.742 -0.625  -7.545  1.00 47.95 ? 272 HOH A O   1 
HETATM 1306 O  O   . HOH E 5 .   ? -16.346 -0.027  -10.528 1.00 34.60 ? 273 HOH A O   1 
HETATM 1307 O  O   . HOH E 5 .   ? 11.874  10.574  -2.352  1.00 50.59 ? 274 HOH A O   1 
HETATM 1308 O  O   . HOH E 5 .   ? -12.630 5.469   -7.697  1.00 51.14 ? 275 HOH A O   1 
HETATM 1309 O  O   . HOH E 5 .   ? -2.389  8.520   -19.823 1.00 65.35 ? 276 HOH A O   1 
HETATM 1310 O  O   . HOH E 5 .   ? 12.764  -5.312  -16.119 1.00 54.24 ? 277 HOH A O   1 
HETATM 1311 O  O   . HOH E 5 .   ? 10.849  -4.640  15.229  1.00 51.44 ? 278 HOH A O   1 
HETATM 1312 O  O   . HOH E 5 .   ? -3.697  -2.811  -21.022 1.00 41.97 ? 279 HOH A O   1 
HETATM 1313 O  O   . HOH E 5 .   ? -2.366  -1.291  -8.075  1.00 21.11 ? 280 HOH A O   1 
HETATM 1314 O  O   . HOH E 5 .   ? -3.086  -12.779 -0.726  1.00 40.03 ? 281 HOH A O   1 
HETATM 1315 O  O   . HOH E 5 .   ? -0.953  0.623   20.558  1.00 55.14 ? 282 HOH A O   1 
HETATM 1316 O  O   . HOH E 5 .   ? -2.198  13.006  -14.072 1.00 52.00 ? 283 HOH A O   1 
HETATM 1317 O  O   . HOH E 5 .   ? 0.585   10.546  -10.340 1.00 30.68 ? 285 HOH A O   1 
HETATM 1318 O  O   . HOH E 5 .   ? 6.925   3.035   11.825  1.00 36.13 ? 286 HOH A O   1 
HETATM 1319 O  O   . HOH E 5 .   ? 10.202  9.758   -9.135  1.00 40.85 ? 287 HOH A O   1 
HETATM 1320 O  O   . HOH E 5 .   ? 7.016   11.662  -0.244  1.00 35.89 ? 288 HOH A O   1 
HETATM 1321 O  O   . HOH E 5 .   ? 0.930   12.470  -11.985 1.00 35.04 ? 289 HOH A O   1 
HETATM 1322 O  O   . HOH E 5 .   ? -1.020  -5.346  -23.629 1.00 50.70 ? 290 HOH A O   1 
HETATM 1323 O  O   . HOH E 5 .   ? -10.419 12.610  8.928   1.00 48.23 ? 292 HOH A O   1 
HETATM 1324 O  O   . HOH E 5 .   ? 9.543   2.414   11.270  1.00 40.63 ? 293 HOH A O   1 
HETATM 1325 O  O   . HOH E 5 .   ? -12.934 -9.335  12.262  1.00 52.15 ? 294 HOH A O   1 
# 
